data_3I12
#
_entry.id   3I12
#
_cell.length_a   85.153
_cell.length_b   85.813
_cell.length_c   230.893
_cell.angle_alpha   90.00
_cell.angle_beta   90.00
_cell.angle_gamma   90.00
#
_symmetry.space_group_name_H-M   'P 21 21 21'
#
loop_
_entity.id
_entity.type
_entity.pdbx_description
1 polymer 'D-alanine-D-alanine ligase A'
2 non-polymer "ADENOSINE-5'-DIPHOSPHATE"
3 water water
#
_entity_poly.entity_id   1
_entity_poly.type   'polypeptide(L)'
_entity_poly.pdbx_seq_one_letter_code
;MAKLRVGIVFGGKSAEHEVSLQSAKNIVDAIDKTRFDVVLLGIDKAGQWHVNDAENYLQNADDPAHIALRPSAISLAQVP
GKHQHQLINAQNGQPLPTVDVIFPIVHGTLGEDGSLQGMLRVANLPFVGSDVLSSAACMDKDVAKRLLRDAGLNIAPFIT
LTRTNRHAFSFAEVESRLGLPLFVKPANQGSSVGVSKVANEAQYQQAVALAFEFDHKVVVEQGIKGREIECAVLGNDNPQ
ASTCGEIVLNSEFYAYDTKYIDDNGAQVVVPAQIPSEVNDKIRAIAIQAYQTLGCAGMARVDVFLTADNEVVINEINTLP
GFTNISMYPKLWQASGLGYTDLISRLIELALERHTANNALKTTM
;
_entity_poly.pdbx_strand_id   A,B,C,D
#
loop_
_chem_comp.id
_chem_comp.type
_chem_comp.name
_chem_comp.formula
ADP non-polymer ADENOSINE-5'-DIPHOSPHATE 'C10 H15 N5 O10 P2'
#
# COMPACT_ATOMS: atom_id res chain seq x y z
N ALA A 2 45.64 -16.78 -34.02
CA ALA A 2 44.97 -18.12 -34.20
C ALA A 2 44.97 -19.08 -32.98
N LYS A 3 45.67 -18.80 -31.87
CA LYS A 3 45.49 -19.63 -30.66
C LYS A 3 44.44 -18.99 -29.79
N LEU A 4 43.51 -19.77 -29.23
CA LEU A 4 42.48 -19.25 -28.30
C LEU A 4 43.09 -19.00 -26.93
N ARG A 5 42.78 -17.84 -26.35
CA ARG A 5 43.21 -17.54 -25.01
C ARG A 5 42.22 -18.17 -24.07
N VAL A 6 42.69 -19.08 -23.21
CA VAL A 6 41.87 -19.79 -22.28
C VAL A 6 42.15 -19.23 -20.87
N GLY A 7 41.14 -18.67 -20.23
CA GLY A 7 41.30 -18.10 -18.91
C GLY A 7 40.87 -19.12 -17.86
N ILE A 8 41.83 -19.59 -17.08
CA ILE A 8 41.54 -20.54 -16.00
C ILE A 8 41.30 -19.74 -14.75
N VAL A 9 40.09 -19.89 -14.21
CA VAL A 9 39.68 -19.17 -13.02
C VAL A 9 39.72 -20.19 -11.90
N PHE A 10 40.59 -19.91 -10.94
CA PHE A 10 40.83 -20.87 -9.86
C PHE A 10 41.12 -20.15 -8.58
N GLY A 11 41.09 -20.90 -7.47
CA GLY A 11 41.33 -20.36 -6.12
C GLY A 11 40.01 -20.14 -5.40
N GLY A 12 39.75 -18.90 -4.99
CA GLY A 12 38.48 -18.52 -4.43
C GLY A 12 38.46 -18.44 -2.91
N LYS A 13 37.38 -17.84 -2.41
CA LYS A 13 37.14 -17.65 -0.96
C LYS A 13 36.89 -18.98 -0.32
N SER A 14 36.33 -19.89 -1.09
CA SER A 14 35.84 -21.16 -0.58
C SER A 14 36.93 -21.98 0.15
N ALA A 15 36.44 -22.90 0.96
CA ALA A 15 37.29 -23.80 1.67
C ALA A 15 38.04 -24.78 0.75
N GLU A 16 37.53 -24.99 -0.47
CA GLU A 16 38.24 -25.83 -1.42
C GLU A 16 39.33 -25.10 -2.22
N HIS A 17 39.70 -23.91 -1.77
CA HIS A 17 40.69 -23.06 -2.45
C HIS A 17 41.93 -23.83 -2.86
N GLU A 18 42.46 -24.59 -1.91
CA GLU A 18 43.69 -25.34 -2.13
C GLU A 18 43.55 -26.48 -3.13
N VAL A 19 42.43 -27.19 -3.13
CA VAL A 19 42.17 -28.19 -4.15
C VAL A 19 42.02 -27.48 -5.52
N SER A 20 41.36 -26.34 -5.52
CA SER A 20 41.31 -25.48 -6.75
C SER A 20 42.67 -25.11 -7.31
N LEU A 21 43.59 -24.72 -6.42
CA LEU A 21 44.96 -24.46 -6.88
C LEU A 21 45.55 -25.70 -7.61
N GLN A 22 45.28 -26.89 -7.10
CA GLN A 22 45.88 -28.07 -7.79
C GLN A 22 45.18 -28.48 -9.03
N SER A 23 43.86 -28.39 -9.01
CA SER A 23 43.15 -28.61 -10.25
C SER A 23 43.78 -27.68 -11.34
N ALA A 24 44.04 -26.42 -10.97
CA ALA A 24 44.53 -25.43 -11.96
C ALA A 24 45.90 -25.80 -12.40
N LYS A 25 46.76 -26.19 -11.47
CA LYS A 25 48.12 -26.58 -11.87
C LYS A 25 48.13 -27.69 -12.90
N ASN A 26 47.33 -28.70 -12.63
CA ASN A 26 47.26 -29.81 -13.55
C ASN A 26 46.58 -29.46 -14.93
N ILE A 27 45.56 -28.60 -14.95
CA ILE A 27 45.02 -28.20 -16.22
C ILE A 27 46.06 -27.39 -17.04
N VAL A 28 46.84 -26.58 -16.33
CA VAL A 28 47.84 -25.71 -16.95
C VAL A 28 48.92 -26.60 -17.57
N ASP A 29 49.16 -27.72 -16.91
CA ASP A 29 50.19 -28.60 -17.35
C ASP A 29 49.72 -29.47 -18.52
N ALA A 30 48.48 -29.92 -18.52
CA ALA A 30 47.97 -30.81 -19.60
C ALA A 30 47.41 -30.17 -20.88
N ILE A 31 47.09 -28.87 -20.80
CA ILE A 31 46.34 -28.21 -21.88
C ILE A 31 47.21 -28.17 -23.15
N ASP A 32 46.64 -28.55 -24.28
CA ASP A 32 47.33 -28.49 -25.58
C ASP A 32 47.81 -27.06 -25.95
N LYS A 33 49.04 -26.75 -25.55
CA LYS A 33 49.74 -25.52 -25.92
C LYS A 33 49.80 -25.26 -27.43
N THR A 34 49.42 -26.21 -28.27
CA THR A 34 49.43 -25.97 -29.69
C THR A 34 48.14 -25.31 -30.14
N ARG A 35 47.05 -25.53 -29.41
CA ARG A 35 45.79 -24.79 -29.71
C ARG A 35 45.51 -23.60 -28.82
N PHE A 36 46.00 -23.66 -27.60
CA PHE A 36 45.58 -22.71 -26.57
C PHE A 36 46.70 -22.00 -25.91
N ASP A 37 46.52 -20.68 -25.70
CA ASP A 37 47.35 -19.88 -24.75
C ASP A 37 46.59 -19.76 -23.45
N VAL A 38 47.24 -20.02 -22.30
CA VAL A 38 46.55 -19.93 -21.02
C VAL A 38 46.81 -18.62 -20.33
N VAL A 39 45.79 -18.06 -19.71
CA VAL A 39 45.98 -16.92 -18.86
C VAL A 39 45.46 -17.30 -17.46
N LEU A 40 46.27 -17.06 -16.43
CA LEU A 40 45.94 -17.51 -15.08
C LEU A 40 45.18 -16.45 -14.37
N LEU A 41 43.92 -16.76 -14.11
CA LEU A 41 43.06 -15.83 -13.44
C LEU A 41 42.80 -16.31 -12.01
N GLY A 42 43.73 -16.00 -11.12
CA GLY A 42 43.67 -16.47 -9.75
C GLY A 42 42.84 -15.61 -8.82
N ILE A 43 41.94 -16.27 -8.09
CA ILE A 43 41.16 -15.60 -7.06
C ILE A 43 41.75 -15.93 -5.68
N ASP A 44 42.11 -14.85 -4.97
CA ASP A 44 42.40 -14.77 -3.50
C ASP A 44 41.46 -15.43 -2.61
N LYS A 45 41.92 -15.68 -1.39
CA LYS A 45 41.04 -16.08 -0.31
C LYS A 45 40.09 -14.98 0.14
N ALA A 46 40.34 -13.75 -0.26
CA ALA A 46 39.43 -12.63 -0.10
C ALA A 46 38.41 -12.50 -1.20
N GLY A 47 38.61 -13.17 -2.34
CA GLY A 47 37.69 -13.12 -3.46
C GLY A 47 38.05 -12.18 -4.57
N GLN A 48 39.18 -11.51 -4.45
CA GLN A 48 39.68 -10.67 -5.52
C GLN A 48 40.44 -11.45 -6.59
N TRP A 49 40.20 -11.03 -7.83
CA TRP A 49 40.77 -11.58 -9.03
C TRP A 49 42.14 -10.97 -9.40
N HIS A 50 43.06 -11.81 -9.86
CA HIS A 50 44.36 -11.37 -10.34
C HIS A 50 44.73 -12.09 -11.65
N VAL A 51 45.57 -11.47 -12.45
CA VAL A 51 46.22 -12.17 -13.52
C VAL A 51 47.56 -12.60 -13.01
N ASN A 52 47.78 -13.89 -12.84
CA ASN A 52 49.03 -14.45 -12.41
C ASN A 52 49.93 -14.85 -13.53
N ASP A 53 51.22 -14.92 -13.20
CA ASP A 53 52.31 -15.27 -14.11
C ASP A 53 52.61 -16.76 -14.03
N ALA A 54 52.70 -17.41 -15.18
CA ALA A 54 52.79 -18.85 -15.26
C ALA A 54 53.88 -19.50 -14.45
N GLU A 55 55.03 -18.82 -14.36
CA GLU A 55 56.17 -19.34 -13.62
C GLU A 55 55.99 -19.10 -12.12
N ASN A 56 55.47 -17.93 -11.76
CA ASN A 56 55.25 -17.59 -10.36
C ASN A 56 53.78 -17.35 -10.05
N TYR A 57 53.09 -18.41 -9.65
CA TYR A 57 51.67 -18.33 -9.33
C TYR A 57 51.34 -19.15 -8.08
N LEU A 58 52.12 -20.20 -7.84
CA LEU A 58 51.92 -21.05 -6.70
C LEU A 58 53.19 -21.05 -5.82
N GLN A 59 53.01 -20.90 -4.50
CA GLN A 59 54.15 -20.84 -3.59
C GLN A 59 54.64 -22.19 -3.06
N ASN A 60 53.76 -23.15 -2.75
CA ASN A 60 54.29 -24.51 -2.40
C ASN A 60 53.56 -25.57 -3.20
N ALA A 61 53.77 -25.52 -4.51
CA ALA A 61 53.03 -26.30 -5.49
C ALA A 61 52.92 -27.79 -5.11
N ASP A 62 53.95 -28.29 -4.42
CA ASP A 62 54.13 -29.70 -4.11
C ASP A 62 53.60 -30.16 -2.73
N ASP A 63 52.79 -29.36 -2.06
CA ASP A 63 52.55 -29.56 -0.63
C ASP A 63 51.11 -29.14 -0.26
N PRO A 64 50.14 -30.03 -0.48
CA PRO A 64 48.71 -29.74 -0.28
C PRO A 64 48.34 -28.88 0.95
N ALA A 65 48.92 -29.20 2.11
CA ALA A 65 48.58 -28.47 3.35
C ALA A 65 49.31 -27.10 3.48
N HIS A 66 50.13 -26.74 2.48
CA HIS A 66 50.87 -25.44 2.45
C HIS A 66 50.69 -24.60 1.16
N ILE A 67 50.26 -25.24 0.07
CA ILE A 67 50.23 -24.60 -1.25
C ILE A 67 49.46 -23.26 -1.20
N ALA A 68 49.98 -22.26 -1.90
CA ALA A 68 49.29 -20.99 -1.89
C ALA A 68 49.44 -20.27 -3.20
N LEU A 69 48.53 -19.33 -3.40
CA LEU A 69 48.52 -18.46 -4.56
C LEU A 69 49.41 -17.23 -4.28
N ARG A 70 50.39 -16.99 -5.13
CA ARG A 70 51.30 -15.85 -4.93
C ARG A 70 50.56 -14.51 -5.09
N PRO A 71 50.74 -13.62 -4.11
CA PRO A 71 50.12 -12.30 -4.16
C PRO A 71 50.42 -11.56 -5.45
N SER A 72 49.54 -10.66 -5.81
CA SER A 72 49.64 -9.94 -7.08
C SER A 72 49.44 -8.47 -6.88
N ALA A 73 50.11 -7.68 -7.72
CA ALA A 73 49.85 -6.24 -7.80
C ALA A 73 48.49 -5.98 -8.53
N ILE A 74 48.35 -6.59 -9.71
CA ILE A 74 47.19 -6.40 -10.57
C ILE A 74 45.88 -7.06 -10.05
N SER A 75 44.92 -6.25 -9.65
CA SER A 75 43.53 -6.71 -9.46
C SER A 75 42.65 -6.48 -10.67
N LEU A 76 41.69 -7.36 -10.86
CA LEU A 76 40.84 -7.31 -12.03
C LEU A 76 39.39 -6.89 -11.76
N ALA A 77 38.83 -6.22 -12.76
CA ALA A 77 37.43 -5.89 -12.78
C ALA A 77 36.88 -6.43 -14.08
N GLN A 78 35.56 -6.62 -14.10
CA GLN A 78 34.84 -7.13 -15.28
C GLN A 78 33.91 -6.03 -15.77
N VAL A 79 33.76 -5.91 -17.09
CA VAL A 79 32.94 -4.82 -17.65
C VAL A 79 31.69 -5.40 -18.30
N PRO A 80 30.52 -5.18 -17.67
CA PRO A 80 29.29 -5.74 -18.21
C PRO A 80 28.95 -5.29 -19.59
N GLY A 81 28.43 -6.25 -20.38
CA GLY A 81 27.93 -5.95 -21.72
C GLY A 81 28.95 -5.89 -22.82
N LYS A 82 30.22 -5.71 -22.47
CA LYS A 82 31.29 -5.74 -23.48
C LYS A 82 31.44 -7.16 -24.11
N HIS A 83 32.01 -7.23 -25.31
CA HIS A 83 32.23 -8.48 -26.04
C HIS A 83 33.73 -8.72 -26.32
N GLN A 84 34.55 -7.74 -25.95
CA GLN A 84 35.96 -7.85 -26.05
C GLN A 84 36.51 -7.06 -24.91
N HIS A 85 37.71 -7.42 -24.50
CA HIS A 85 38.39 -6.66 -23.47
C HIS A 85 37.52 -6.54 -22.23
N GLN A 86 36.78 -7.61 -21.92
CA GLN A 86 35.82 -7.54 -20.78
C GLN A 86 36.48 -7.43 -19.43
N LEU A 87 37.73 -7.81 -19.38
CA LEU A 87 38.48 -7.90 -18.15
C LEU A 87 39.52 -6.81 -18.17
N ILE A 88 39.55 -6.02 -17.10
CA ILE A 88 40.47 -4.92 -17.01
C ILE A 88 41.20 -4.87 -15.69
N ASN A 89 42.28 -4.10 -15.69
CA ASN A 89 42.95 -3.71 -14.46
C ASN A 89 42.01 -2.82 -13.61
N ALA A 90 41.69 -3.25 -12.40
CA ALA A 90 40.77 -2.53 -11.52
C ALA A 90 41.29 -1.21 -11.00
N GLN A 91 42.61 -1.02 -10.94
CA GLN A 91 43.19 0.26 -10.50
C GLN A 91 43.07 1.32 -11.59
N ASN A 92 43.29 0.97 -12.86
CA ASN A 92 43.45 2.03 -13.86
C ASN A 92 42.66 1.93 -15.14
N GLY A 93 41.84 0.89 -15.26
CA GLY A 93 41.08 0.64 -16.45
C GLY A 93 41.85 -0.09 -17.55
N GLN A 94 43.14 -0.31 -17.36
CA GLN A 94 43.90 -0.92 -18.46
C GLN A 94 43.34 -2.30 -18.82
N PRO A 95 42.98 -2.50 -20.09
CA PRO A 95 42.41 -3.75 -20.57
C PRO A 95 43.39 -4.89 -20.69
N LEU A 96 42.94 -6.07 -20.32
CA LEU A 96 43.69 -7.27 -20.59
C LEU A 96 43.37 -7.69 -22.01
N PRO A 97 44.31 -8.40 -22.68
CA PRO A 97 43.85 -8.90 -23.97
C PRO A 97 42.65 -9.85 -23.77
N THR A 98 41.76 -9.89 -24.74
CA THR A 98 40.53 -10.62 -24.67
C THR A 98 40.80 -12.09 -24.41
N VAL A 99 40.07 -12.64 -23.44
CA VAL A 99 40.02 -14.06 -23.16
C VAL A 99 38.92 -14.68 -23.98
N ASP A 100 39.21 -15.72 -24.75
CA ASP A 100 38.20 -16.31 -25.67
C ASP A 100 37.25 -17.28 -24.97
N VAL A 101 37.72 -17.98 -23.94
CA VAL A 101 36.89 -18.86 -23.11
C VAL A 101 37.46 -18.95 -21.69
N ILE A 102 36.55 -19.09 -20.71
CA ILE A 102 36.89 -19.31 -19.36
C ILE A 102 36.73 -20.78 -19.01
N PHE A 103 37.71 -21.29 -18.28
CA PHE A 103 37.61 -22.59 -17.65
C PHE A 103 37.57 -22.37 -16.10
N PRO A 104 36.36 -22.39 -15.51
CA PRO A 104 36.25 -22.10 -14.09
C PRO A 104 36.55 -23.38 -13.37
N ILE A 105 37.40 -23.33 -12.36
CA ILE A 105 37.66 -24.53 -11.59
C ILE A 105 37.78 -24.21 -10.12
N VAL A 106 37.01 -23.20 -9.70
CA VAL A 106 36.81 -22.80 -8.29
C VAL A 106 35.71 -23.70 -7.74
N HIS A 107 36.08 -24.64 -6.89
CA HIS A 107 35.08 -25.59 -6.32
C HIS A 107 34.34 -24.89 -5.18
N GLY A 108 33.09 -25.24 -5.01
CA GLY A 108 32.29 -24.73 -3.95
C GLY A 108 31.71 -23.35 -4.12
N THR A 109 31.81 -22.60 -3.05
CA THR A 109 31.04 -21.41 -2.84
C THR A 109 30.84 -20.37 -3.93
N LEU A 110 31.78 -19.86 -4.65
CA LEU A 110 31.17 -18.93 -5.61
C LEU A 110 31.22 -19.42 -7.04
N GLY A 111 32.09 -20.37 -7.24
CA GLY A 111 32.37 -20.91 -8.52
C GLY A 111 31.40 -21.96 -8.93
N GLU A 112 30.87 -22.71 -8.00
CA GLU A 112 29.98 -23.79 -8.34
C GLU A 112 28.51 -23.50 -8.14
N ASP A 113 28.14 -22.41 -7.48
CA ASP A 113 26.76 -22.17 -7.15
C ASP A 113 25.94 -21.26 -8.08
N GLY A 114 26.45 -21.00 -9.25
CA GLY A 114 25.78 -20.12 -10.21
C GLY A 114 26.24 -18.65 -10.20
N SER A 115 26.97 -18.21 -9.18
CA SER A 115 27.30 -16.81 -9.04
C SER A 115 28.32 -16.41 -10.07
N LEU A 116 29.44 -17.16 -10.11
CA LEU A 116 30.43 -16.89 -11.11
C LEU A 116 29.84 -16.97 -12.51
N GLN A 117 29.04 -18.01 -12.74
CA GLN A 117 28.40 -18.20 -14.06
C GLN A 117 27.57 -16.95 -14.44
N GLY A 118 26.83 -16.37 -13.49
CA GLY A 118 26.09 -15.13 -13.79
C GLY A 118 26.95 -13.97 -14.24
N MET A 119 28.02 -13.76 -13.50
CA MET A 119 29.05 -12.77 -13.89
C MET A 119 29.54 -13.02 -15.30
N LEU A 120 29.92 -14.27 -15.60
CA LEU A 120 30.53 -14.53 -16.93
C LEU A 120 29.50 -14.34 -18.03
N ARG A 121 28.29 -14.80 -17.78
CA ARG A 121 27.21 -14.53 -18.70
C ARG A 121 27.10 -12.98 -18.89
N VAL A 122 27.14 -12.20 -17.83
CA VAL A 122 27.02 -10.72 -17.97
C VAL A 122 28.20 -10.13 -18.78
N ALA A 123 29.37 -10.75 -18.69
CA ALA A 123 30.53 -10.33 -19.45
C ALA A 123 30.67 -10.94 -20.87
N ASN A 124 29.67 -11.67 -21.33
CA ASN A 124 29.69 -12.37 -22.60
C ASN A 124 30.99 -13.18 -22.75
N LEU A 125 31.39 -13.84 -21.66
CA LEU A 125 32.53 -14.65 -21.70
C LEU A 125 32.06 -16.08 -21.85
N PRO A 126 32.48 -16.75 -22.92
CA PRO A 126 32.15 -18.17 -23.01
C PRO A 126 32.80 -18.97 -21.86
N PHE A 127 32.15 -20.02 -21.39
CA PHE A 127 32.72 -20.74 -20.27
C PHE A 127 32.37 -22.23 -20.22
N VAL A 128 33.30 -22.96 -19.64
CA VAL A 128 33.20 -24.39 -19.50
C VAL A 128 32.20 -24.71 -18.40
N GLY A 129 31.41 -25.76 -18.65
CA GLY A 129 30.52 -26.27 -17.64
C GLY A 129 29.10 -25.69 -17.57
N SER A 130 28.46 -26.02 -16.46
CA SER A 130 27.02 -25.80 -16.28
C SER A 130 26.78 -24.32 -16.02
N ASP A 131 25.59 -23.88 -16.38
CA ASP A 131 25.26 -22.48 -16.39
C ASP A 131 24.62 -22.16 -15.05
N VAL A 132 23.95 -21.01 -14.96
CA VAL A 132 23.47 -20.45 -13.66
C VAL A 132 22.51 -21.35 -12.96
N LEU A 133 21.44 -21.68 -13.65
CA LEU A 133 20.37 -22.46 -12.99
C LEU A 133 20.89 -23.81 -12.53
N SER A 134 21.51 -24.56 -13.48
CA SER A 134 22.01 -25.91 -13.15
C SER A 134 23.04 -25.88 -12.02
N SER A 135 23.99 -24.98 -12.08
CA SER A 135 24.95 -24.84 -11.04
C SER A 135 24.31 -24.50 -9.72
N ALA A 136 23.50 -23.47 -9.68
CA ALA A 136 22.78 -23.18 -8.40
C ALA A 136 21.96 -24.41 -7.87
N ALA A 137 21.22 -25.08 -8.76
CA ALA A 137 20.35 -26.20 -8.41
C ALA A 137 21.18 -27.39 -7.86
N CYS A 138 22.32 -27.70 -8.50
CA CYS A 138 23.09 -28.87 -8.07
C CYS A 138 23.80 -28.59 -6.76
N MET A 139 24.07 -27.31 -6.46
CA MET A 139 24.60 -26.90 -5.15
C MET A 139 23.56 -26.87 -4.00
N ASP A 140 22.29 -26.73 -4.29
CA ASP A 140 21.25 -26.83 -3.24
C ASP A 140 20.69 -28.23 -3.22
N LYS A 141 21.11 -28.96 -2.20
CA LYS A 141 20.83 -30.38 -2.14
C LYS A 141 19.31 -30.59 -2.06
N ASP A 142 18.59 -29.69 -1.40
CA ASP A 142 17.18 -29.87 -1.23
C ASP A 142 16.47 -29.76 -2.64
N VAL A 143 16.83 -28.72 -3.35
CA VAL A 143 16.27 -28.53 -4.72
C VAL A 143 16.64 -29.62 -5.68
N ALA A 144 17.91 -29.96 -5.75
CA ALA A 144 18.37 -31.02 -6.68
C ALA A 144 17.58 -32.30 -6.40
N LYS A 145 17.47 -32.66 -5.13
CA LYS A 145 16.72 -33.87 -4.75
C LYS A 145 15.24 -33.86 -5.09
N ARG A 146 14.61 -32.68 -4.95
CA ARG A 146 13.23 -32.51 -5.34
C ARG A 146 13.07 -32.69 -6.85
N LEU A 147 14.05 -32.19 -7.59
CA LEU A 147 14.03 -32.33 -9.04
C LEU A 147 14.24 -33.77 -9.41
N LEU A 148 15.12 -34.43 -8.71
CA LEU A 148 15.35 -35.87 -9.03
C LEU A 148 14.16 -36.79 -8.72
N ARG A 149 13.58 -36.56 -7.56
CA ARG A 149 12.38 -37.28 -7.11
C ARG A 149 11.28 -37.04 -8.13
N ASP A 150 11.16 -35.81 -8.61
CA ASP A 150 10.09 -35.50 -9.55
C ASP A 150 10.33 -36.19 -10.90
N ALA A 151 11.60 -36.43 -11.28
CA ALA A 151 11.93 -37.11 -12.53
C ALA A 151 11.71 -38.64 -12.37
N GLY A 152 11.34 -39.14 -11.20
CA GLY A 152 11.19 -40.55 -10.98
C GLY A 152 12.49 -41.23 -10.60
N LEU A 153 13.57 -40.52 -10.28
CA LEU A 153 14.84 -41.22 -10.02
C LEU A 153 14.99 -41.48 -8.55
N ASN A 154 15.80 -42.46 -8.17
CA ASN A 154 15.98 -42.81 -6.78
C ASN A 154 16.88 -41.93 -6.00
N ILE A 155 16.38 -41.56 -4.82
CA ILE A 155 16.95 -40.57 -3.91
C ILE A 155 16.77 -41.11 -2.49
N ALA A 156 17.69 -40.80 -1.59
CA ALA A 156 17.45 -41.07 -0.18
C ALA A 156 16.18 -40.31 0.26
N PRO A 157 15.22 -41.00 0.87
CA PRO A 157 14.11 -40.32 1.55
C PRO A 157 14.64 -39.25 2.48
N PHE A 158 14.01 -38.07 2.49
CA PHE A 158 14.52 -36.96 3.29
C PHE A 158 13.45 -35.93 3.67
N ILE A 159 13.81 -34.98 4.53
CA ILE A 159 12.98 -33.82 4.79
C ILE A 159 13.93 -32.65 4.92
N THR A 160 13.40 -31.47 4.74
CA THR A 160 14.25 -30.27 4.71
C THR A 160 13.73 -29.39 5.79
N LEU A 161 14.63 -28.92 6.64
CA LEU A 161 14.25 -28.06 7.71
C LEU A 161 14.58 -26.69 7.24
N THR A 162 13.74 -25.76 7.62
CA THR A 162 13.96 -24.37 7.38
C THR A 162 13.90 -23.71 8.75
N ARG A 163 14.17 -22.41 8.77
CA ARG A 163 14.08 -21.66 10.01
C ARG A 163 12.64 -21.53 10.51
N THR A 164 11.66 -21.69 9.64
CA THR A 164 10.29 -21.55 10.03
C THR A 164 9.53 -22.90 10.22
N ASN A 165 10.10 -24.06 9.88
CA ASN A 165 9.50 -25.37 10.25
C ASN A 165 10.36 -26.26 11.17
N ARG A 166 11.49 -25.70 11.59
CA ARG A 166 12.53 -26.44 12.26
C ARG A 166 11.93 -27.26 13.37
N HIS A 167 11.07 -26.62 14.15
CA HIS A 167 10.56 -27.24 15.34
C HIS A 167 9.24 -28.00 15.13
N ALA A 168 8.64 -27.89 13.96
CA ALA A 168 7.48 -28.73 13.61
C ALA A 168 7.80 -30.19 13.81
N PHE A 169 9.06 -30.59 13.59
CA PHE A 169 9.43 -31.99 13.63
C PHE A 169 10.09 -32.43 14.95
N SER A 170 9.45 -33.37 15.65
CA SER A 170 10.12 -34.09 16.77
C SER A 170 11.15 -35.08 16.22
N PHE A 171 12.11 -35.49 17.07
CA PHE A 171 13.09 -36.50 16.67
C PHE A 171 12.33 -37.77 16.45
N ALA A 172 11.29 -37.97 17.24
CA ALA A 172 10.50 -39.16 17.11
C ALA A 172 9.88 -39.13 15.74
N GLU A 173 9.33 -37.97 15.37
CA GLU A 173 8.66 -37.78 14.09
C GLU A 173 9.59 -38.10 12.90
N VAL A 174 10.81 -37.58 13.00
CA VAL A 174 11.83 -37.78 11.96
C VAL A 174 12.22 -39.25 11.96
N GLU A 175 12.39 -39.83 13.15
CA GLU A 175 12.71 -41.25 13.23
C GLU A 175 11.62 -42.12 12.65
N SER A 176 10.37 -41.80 12.94
CA SER A 176 9.25 -42.56 12.38
C SER A 176 9.16 -42.44 10.87
N ARG A 177 9.53 -41.27 10.35
CA ARG A 177 9.53 -41.04 8.90
C ARG A 177 10.62 -41.80 8.16
N LEU A 178 11.83 -41.79 8.69
CA LEU A 178 13.04 -42.07 7.91
C LEU A 178 13.90 -43.24 8.43
N GLY A 179 13.54 -43.79 9.58
CA GLY A 179 14.37 -44.79 10.25
C GLY A 179 15.69 -44.21 10.69
N LEU A 180 16.54 -45.06 11.26
CA LEU A 180 17.87 -44.67 11.72
C LEU A 180 18.87 -45.59 11.04
N PRO A 181 20.07 -45.13 10.78
CA PRO A 181 20.64 -43.84 11.09
C PRO A 181 20.25 -42.81 10.03
N LEU A 182 20.43 -41.55 10.38
CA LEU A 182 20.06 -40.43 9.53
C LEU A 182 21.32 -39.69 9.25
N PHE A 183 21.41 -39.03 8.11
CA PHE A 183 22.45 -38.01 7.92
C PHE A 183 21.80 -36.65 7.83
N VAL A 184 22.50 -35.68 8.41
CA VAL A 184 22.00 -34.36 8.56
C VAL A 184 23.07 -33.51 7.92
N LYS A 185 22.68 -32.61 7.00
CA LYS A 185 23.61 -31.70 6.29
C LYS A 185 22.97 -30.38 5.94
N PRO A 186 23.78 -29.33 5.85
CA PRO A 186 23.32 -28.06 5.31
C PRO A 186 22.97 -28.25 3.84
N ALA A 187 21.99 -27.51 3.32
CA ALA A 187 21.53 -27.76 1.92
C ALA A 187 22.62 -27.35 0.93
N ASN A 188 23.42 -26.38 1.30
CA ASN A 188 24.36 -25.79 0.38
C ASN A 188 25.78 -25.83 0.83
N GLN A 189 26.38 -26.98 1.06
CA GLN A 189 27.78 -26.94 1.42
C GLN A 189 28.64 -27.70 0.46
N GLY A 190 29.46 -28.59 1.01
CA GLY A 190 30.56 -29.16 0.31
C GLY A 190 31.58 -29.82 1.22
N SER A 191 32.09 -30.94 0.75
CA SER A 191 33.17 -31.65 1.38
C SER A 191 32.82 -32.20 2.73
N SER A 192 31.63 -32.77 2.87
CA SER A 192 31.21 -33.19 4.20
C SER A 192 31.18 -32.14 5.36
N VAL A 193 31.69 -30.91 5.18
CA VAL A 193 31.53 -29.92 6.29
C VAL A 193 30.06 -29.71 6.72
N GLY A 194 29.81 -29.98 7.99
CA GLY A 194 28.46 -29.87 8.54
C GLY A 194 27.63 -31.12 8.37
N VAL A 195 28.20 -32.17 7.78
CA VAL A 195 27.46 -33.43 7.64
C VAL A 195 27.70 -34.31 8.91
N SER A 196 26.64 -34.80 9.53
CA SER A 196 26.81 -35.64 10.69
C SER A 196 25.91 -36.82 10.53
N LYS A 197 26.36 -38.00 10.94
CA LYS A 197 25.45 -39.10 10.97
C LYS A 197 24.89 -39.24 12.38
N VAL A 198 23.62 -39.60 12.44
CA VAL A 198 22.82 -39.56 13.65
C VAL A 198 22.17 -40.92 13.94
N ALA A 199 22.39 -41.41 15.15
CA ALA A 199 21.75 -42.64 15.66
C ALA A 199 20.79 -42.41 16.84
N ASN A 200 20.75 -41.21 17.42
CA ASN A 200 19.78 -40.88 18.49
C ASN A 200 19.40 -39.40 18.60
N GLU A 201 18.44 -39.12 19.47
CA GLU A 201 17.93 -37.77 19.62
C GLU A 201 18.96 -36.73 20.06
N ALA A 202 19.85 -37.10 20.96
CA ALA A 202 20.95 -36.21 21.34
C ALA A 202 21.72 -35.77 20.09
N GLN A 203 22.20 -36.77 19.36
CA GLN A 203 23.01 -36.53 18.20
C GLN A 203 22.25 -35.66 17.19
N TYR A 204 21.03 -36.07 16.91
CA TYR A 204 20.13 -35.33 16.05
C TYR A 204 20.01 -33.84 16.31
N GLN A 205 19.96 -33.46 17.59
CA GLN A 205 19.68 -32.08 17.93
C GLN A 205 20.96 -31.31 17.74
N GLN A 206 22.06 -31.96 18.11
CA GLN A 206 23.35 -31.38 17.86
C GLN A 206 23.55 -31.24 16.36
N ALA A 207 23.29 -32.33 15.63
CA ALA A 207 23.46 -32.38 14.15
C ALA A 207 22.78 -31.21 13.48
N VAL A 208 21.56 -30.93 13.92
CA VAL A 208 20.73 -29.92 13.29
C VAL A 208 21.26 -28.52 13.59
N ALA A 209 21.64 -28.29 14.84
CA ALA A 209 22.19 -27.00 15.18
C ALA A 209 23.46 -26.72 14.40
N LEU A 210 24.34 -27.70 14.27
CA LEU A 210 25.58 -27.44 13.51
C LEU A 210 25.22 -27.02 12.08
N ALA A 211 24.40 -27.84 11.41
CA ALA A 211 24.09 -27.60 10.00
C ALA A 211 23.47 -26.22 9.80
N PHE A 212 22.61 -25.78 10.70
CA PHE A 212 22.04 -24.43 10.65
C PHE A 212 23.05 -23.31 10.90
N GLU A 213 24.27 -23.63 11.32
CA GLU A 213 25.33 -22.63 11.38
C GLU A 213 25.79 -22.26 9.99
N PHE A 214 25.60 -23.19 9.04
CA PHE A 214 26.14 -23.03 7.69
C PHE A 214 25.13 -22.67 6.58
N ASP A 215 23.85 -22.93 6.81
CA ASP A 215 22.81 -22.66 5.80
C ASP A 215 21.48 -22.36 6.56
N HIS A 216 20.50 -21.84 5.83
CA HIS A 216 19.16 -21.65 6.34
C HIS A 216 18.25 -22.79 6.05
N LYS A 217 18.76 -23.79 5.38
CA LYS A 217 18.04 -25.03 5.13
C LYS A 217 18.95 -26.19 5.47
N VAL A 218 18.40 -27.17 6.15
CA VAL A 218 19.14 -28.34 6.54
C VAL A 218 18.39 -29.56 6.00
N VAL A 219 19.11 -30.49 5.40
CA VAL A 219 18.55 -31.69 4.84
C VAL A 219 18.86 -32.81 5.81
N VAL A 220 17.84 -33.60 6.10
CA VAL A 220 17.92 -34.74 6.97
C VAL A 220 17.42 -35.87 6.15
N GLU A 221 18.27 -36.86 5.94
CA GLU A 221 17.91 -38.02 5.09
C GLU A 221 18.24 -39.39 5.66
N GLN A 222 17.41 -40.36 5.24
CA GLN A 222 17.63 -41.77 5.51
C GLN A 222 19.04 -42.25 5.10
N GLY A 223 19.66 -43.05 5.97
CA GLY A 223 21.01 -43.62 5.72
C GLY A 223 20.88 -44.72 4.68
N ILE A 224 21.73 -44.71 3.67
CA ILE A 224 21.69 -45.74 2.65
C ILE A 224 22.93 -46.58 2.84
N LYS A 225 22.79 -47.89 2.75
CA LYS A 225 23.90 -48.79 2.87
C LYS A 225 24.26 -49.21 1.49
N GLY A 226 25.51 -49.00 1.10
CA GLY A 226 25.96 -49.35 -0.24
C GLY A 226 27.40 -48.91 -0.53
N ARG A 227 27.89 -49.30 -1.68
CA ARG A 227 29.17 -48.77 -2.16
C ARG A 227 28.88 -47.41 -2.77
N GLU A 228 29.91 -46.56 -2.77
CA GLU A 228 29.84 -45.23 -3.33
C GLU A 228 30.53 -45.29 -4.66
N ILE A 229 29.74 -45.11 -5.70
CA ILE A 229 30.19 -45.24 -7.04
C ILE A 229 30.03 -43.87 -7.73
N GLU A 230 31.00 -43.47 -8.52
CA GLU A 230 30.91 -42.20 -9.22
C GLU A 230 31.08 -42.37 -10.74
N CYS A 231 30.55 -41.43 -11.51
CA CYS A 231 30.59 -41.56 -12.94
C CYS A 231 30.72 -40.16 -13.57
N ALA A 232 31.53 -40.03 -14.61
CA ALA A 232 31.85 -38.77 -15.21
C ALA A 232 31.03 -38.55 -16.46
N VAL A 233 30.23 -37.48 -16.49
CA VAL A 233 29.38 -37.20 -17.69
C VAL A 233 30.03 -36.04 -18.41
N LEU A 234 30.07 -36.14 -19.76
CA LEU A 234 30.62 -35.13 -20.63
C LEU A 234 29.62 -34.80 -21.78
N GLY A 235 29.41 -33.52 -22.06
CA GLY A 235 28.64 -33.09 -23.23
C GLY A 235 27.60 -32.01 -22.92
N ASN A 236 26.90 -31.56 -23.97
CA ASN A 236 25.85 -30.55 -23.86
C ASN A 236 24.55 -31.23 -24.27
N ASP A 237 24.27 -31.34 -25.54
CA ASP A 237 23.07 -32.03 -25.96
C ASP A 237 23.18 -33.55 -26.05
N ASN A 238 24.37 -34.12 -26.14
CA ASN A 238 24.51 -35.57 -26.25
C ASN A 238 25.39 -36.08 -25.15
N PRO A 239 24.90 -36.05 -23.93
CA PRO A 239 25.79 -36.42 -22.82
C PRO A 239 26.31 -37.84 -22.87
N GLN A 240 27.61 -38.02 -22.67
CA GLN A 240 28.24 -39.33 -22.63
C GLN A 240 28.74 -39.61 -21.20
N ALA A 241 28.65 -40.87 -20.77
CA ALA A 241 29.03 -41.33 -19.44
C ALA A 241 30.32 -42.12 -19.57
N SER A 242 31.30 -41.80 -18.73
CA SER A 242 32.47 -42.57 -18.57
C SER A 242 32.14 -43.92 -17.91
N THR A 243 33.13 -44.76 -17.81
CA THR A 243 33.01 -45.90 -16.91
C THR A 243 32.93 -45.36 -15.49
N CYS A 244 32.50 -46.21 -14.56
CA CYS A 244 32.35 -45.86 -13.14
C CYS A 244 33.64 -46.09 -12.36
N GLY A 245 33.71 -45.40 -11.23
CA GLY A 245 34.84 -45.41 -10.28
C GLY A 245 34.29 -45.59 -8.87
N GLU A 246 35.11 -46.16 -7.97
CA GLU A 246 34.68 -46.31 -6.58
C GLU A 246 35.44 -45.45 -5.62
N ILE A 247 34.71 -44.87 -4.67
CA ILE A 247 35.29 -44.11 -3.57
C ILE A 247 34.87 -44.77 -2.26
N VAL A 248 35.81 -44.86 -1.32
CA VAL A 248 35.60 -45.53 -0.07
C VAL A 248 35.88 -44.52 1.04
N LEU A 249 34.84 -44.09 1.72
CA LEU A 249 34.94 -43.14 2.84
C LEU A 249 34.63 -43.92 4.08
N ASN A 250 35.47 -43.76 5.08
CA ASN A 250 35.19 -44.38 6.36
C ASN A 250 34.94 -43.31 7.42
N SER A 251 34.46 -43.78 8.53
CA SER A 251 33.95 -42.95 9.56
C SER A 251 35.08 -42.54 10.55
N GLU A 252 36.34 -42.85 10.28
CA GLU A 252 37.34 -42.74 11.34
C GLU A 252 37.93 -41.33 11.48
N PHE A 253 37.81 -40.50 10.47
CA PHE A 253 38.40 -39.16 10.52
C PHE A 253 37.37 -38.08 10.30
N TYR A 256 36.52 -32.66 7.44
CA TYR A 256 37.13 -31.36 7.29
C TYR A 256 38.61 -31.20 7.62
N ASP A 257 39.18 -32.07 8.46
CA ASP A 257 40.59 -31.90 8.78
C ASP A 257 41.55 -32.25 7.60
N THR A 258 40.98 -32.55 6.41
CA THR A 258 41.77 -32.76 5.17
C THR A 258 41.01 -32.29 3.89
N LYS A 259 40.36 -31.12 3.99
CA LYS A 259 39.70 -30.50 2.82
C LYS A 259 40.69 -29.71 1.94
N TYR A 260 41.99 -29.93 2.14
CA TYR A 260 43.04 -29.41 1.25
C TYR A 260 43.54 -30.51 0.29
N ILE A 261 43.01 -31.73 0.44
CA ILE A 261 43.19 -32.84 -0.53
C ILE A 261 41.86 -33.22 -1.18
N ASP A 262 41.90 -33.45 -2.51
CA ASP A 262 40.69 -33.75 -3.26
C ASP A 262 40.13 -35.08 -2.76
N ASP A 263 38.80 -35.15 -2.72
CA ASP A 263 38.08 -36.32 -2.28
C ASP A 263 38.48 -36.59 -0.82
N ASN A 264 38.98 -35.55 -0.12
CA ASN A 264 39.49 -35.66 1.25
C ASN A 264 40.39 -36.86 1.47
N GLY A 265 41.31 -37.13 0.56
CA GLY A 265 42.16 -38.28 0.64
C GLY A 265 41.48 -39.67 0.67
N ALA A 266 40.19 -39.81 0.45
CA ALA A 266 39.61 -41.14 0.44
C ALA A 266 40.28 -42.10 -0.58
N GLN A 267 40.07 -43.39 -0.37
CA GLN A 267 40.46 -44.42 -1.31
C GLN A 267 39.67 -44.24 -2.57
N VAL A 268 40.35 -44.19 -3.72
CA VAL A 268 39.70 -44.07 -5.03
C VAL A 268 40.20 -45.16 -5.97
N VAL A 269 39.30 -45.89 -6.62
CA VAL A 269 39.72 -46.90 -7.58
C VAL A 269 38.93 -46.78 -8.87
N VAL A 270 39.67 -46.74 -9.97
CA VAL A 270 39.11 -46.57 -11.26
C VAL A 270 39.71 -47.63 -12.18
N PRO A 271 38.88 -48.46 -12.82
CA PRO A 271 37.45 -48.53 -12.81
C PRO A 271 36.93 -49.22 -11.55
N ALA A 272 35.69 -48.93 -11.17
CA ALA A 272 35.04 -49.65 -10.09
C ALA A 272 35.07 -51.14 -10.38
N GLN A 273 35.41 -51.89 -9.33
CA GLN A 273 35.41 -53.36 -9.42
C GLN A 273 33.99 -53.85 -9.23
N ILE A 274 33.16 -53.62 -10.25
CA ILE A 274 31.74 -53.98 -10.22
C ILE A 274 31.47 -54.62 -11.57
N PRO A 275 30.38 -55.37 -11.69
CA PRO A 275 30.16 -55.95 -13.03
C PRO A 275 29.74 -54.92 -14.05
N SER A 276 29.96 -55.27 -15.31
CA SER A 276 29.81 -54.30 -16.40
C SER A 276 28.35 -53.94 -16.60
N GLU A 277 27.47 -54.87 -16.33
CA GLU A 277 26.05 -54.56 -16.50
C GLU A 277 25.58 -53.64 -15.37
N VAL A 278 26.14 -53.76 -14.17
CA VAL A 278 25.85 -52.77 -13.12
C VAL A 278 26.47 -51.39 -13.50
N ASN A 279 27.69 -51.41 -14.07
CA ASN A 279 28.41 -50.25 -14.48
C ASN A 279 27.46 -49.58 -15.49
N ASP A 280 27.00 -50.31 -16.51
CA ASP A 280 26.11 -49.66 -17.49
C ASP A 280 24.82 -49.10 -16.91
N LYS A 281 24.29 -49.81 -15.94
CA LYS A 281 23.11 -49.33 -15.32
C LYS A 281 23.36 -47.96 -14.63
N ILE A 282 24.50 -47.82 -13.95
CA ILE A 282 24.81 -46.59 -13.25
C ILE A 282 25.09 -45.48 -14.28
N ARG A 283 25.80 -45.83 -15.32
CA ARG A 283 26.01 -44.91 -16.43
C ARG A 283 24.73 -44.28 -17.01
N ALA A 284 23.74 -45.12 -17.36
CA ALA A 284 22.49 -44.64 -17.87
C ALA A 284 21.73 -43.75 -16.84
N ILE A 285 21.78 -44.08 -15.53
CA ILE A 285 21.17 -43.29 -14.48
C ILE A 285 21.87 -41.92 -14.33
N ALA A 286 23.18 -41.94 -14.42
CA ALA A 286 23.97 -40.72 -14.38
C ALA A 286 23.58 -39.75 -15.48
N ILE A 287 23.39 -40.24 -16.70
CA ILE A 287 22.93 -39.35 -17.77
C ILE A 287 21.54 -38.81 -17.47
N GLN A 288 20.63 -39.65 -16.98
CA GLN A 288 19.28 -39.16 -16.65
C GLN A 288 19.36 -38.03 -15.60
N ALA A 289 20.21 -38.20 -14.59
CA ALA A 289 20.40 -37.26 -13.57
C ALA A 289 20.89 -35.97 -14.19
N TYR A 290 21.89 -36.07 -15.04
CA TYR A 290 22.51 -34.97 -15.69
C TYR A 290 21.45 -34.15 -16.42
N GLN A 291 20.55 -34.84 -17.08
CA GLN A 291 19.54 -34.23 -17.88
C GLN A 291 18.54 -33.53 -17.02
N THR A 292 18.18 -34.18 -15.94
CA THR A 292 17.15 -33.67 -15.06
C THR A 292 17.66 -32.41 -14.42
N LEU A 293 18.92 -32.33 -14.08
CA LEU A 293 19.45 -31.08 -13.50
C LEU A 293 19.91 -29.99 -14.48
N GLY A 294 19.71 -30.19 -15.81
CA GLY A 294 20.07 -29.24 -16.83
C GLY A 294 21.58 -28.96 -16.95
N CYS A 295 22.41 -29.88 -16.52
CA CYS A 295 23.85 -29.69 -16.59
C CYS A 295 24.36 -29.53 -18.00
N ALA A 296 25.49 -28.83 -18.12
CA ALA A 296 26.20 -28.68 -19.39
C ALA A 296 27.67 -28.85 -19.20
N GLY A 297 28.33 -29.33 -20.25
CA GLY A 297 29.81 -29.42 -20.25
C GLY A 297 30.25 -30.71 -19.55
N MET A 298 30.19 -30.72 -18.24
CA MET A 298 30.53 -31.89 -17.45
C MET A 298 29.82 -31.89 -16.12
N ALA A 299 29.76 -33.06 -15.51
CA ALA A 299 29.34 -33.22 -14.12
C ALA A 299 29.83 -34.56 -13.64
N ARG A 300 30.08 -34.65 -12.35
CA ARG A 300 30.31 -35.95 -11.72
C ARG A 300 29.09 -36.35 -10.92
N VAL A 301 28.56 -37.53 -11.19
CA VAL A 301 27.40 -38.02 -10.50
C VAL A 301 27.88 -39.07 -9.49
N ASP A 302 27.53 -38.89 -8.23
CA ASP A 302 27.94 -39.83 -7.17
C ASP A 302 26.66 -40.58 -6.69
N VAL A 303 26.68 -41.90 -6.70
CA VAL A 303 25.55 -42.69 -6.25
C VAL A 303 25.93 -43.69 -5.17
N PHE A 304 24.96 -44.21 -4.48
CA PHE A 304 25.09 -45.39 -3.65
C PHE A 304 24.56 -46.63 -4.45
N LEU A 305 25.31 -47.72 -4.40
CA LEU A 305 24.94 -49.01 -5.02
C LEU A 305 24.66 -49.96 -3.90
N THR A 306 23.41 -50.31 -3.69
CA THR A 306 23.08 -51.13 -2.55
C THR A 306 23.40 -52.59 -2.84
N ALA A 307 23.31 -53.41 -1.80
CA ALA A 307 23.55 -54.85 -1.86
C ALA A 307 22.74 -55.48 -2.97
N ASP A 308 21.54 -55.02 -3.18
CA ASP A 308 20.71 -55.51 -4.27
C ASP A 308 20.86 -54.74 -5.56
N ASN A 309 21.97 -54.02 -5.77
CA ASN A 309 22.22 -53.28 -6.98
C ASN A 309 21.16 -52.23 -7.30
N GLU A 310 20.45 -51.74 -6.30
CA GLU A 310 19.64 -50.53 -6.45
C GLU A 310 20.62 -49.38 -6.46
N VAL A 311 20.31 -48.37 -7.25
CA VAL A 311 21.18 -47.23 -7.43
C VAL A 311 20.46 -46.01 -6.88
N VAL A 312 21.07 -45.33 -5.92
CA VAL A 312 20.45 -44.19 -5.25
C VAL A 312 21.37 -43.01 -5.49
N ILE A 313 20.85 -41.93 -6.07
CA ILE A 313 21.68 -40.77 -6.41
C ILE A 313 21.95 -39.96 -5.19
N ASN A 314 23.22 -39.63 -4.94
CA ASN A 314 23.60 -38.86 -3.76
C ASN A 314 23.95 -37.40 -4.12
N GLU A 315 24.93 -37.16 -4.97
CA GLU A 315 25.27 -35.79 -5.33
C GLU A 315 25.51 -35.65 -6.82
N ILE A 316 25.35 -34.43 -7.33
CA ILE A 316 25.81 -34.06 -8.62
C ILE A 316 26.71 -32.86 -8.43
N ASN A 317 27.94 -32.97 -8.88
CA ASN A 317 28.93 -31.92 -8.80
C ASN A 317 29.28 -31.39 -10.19
N THR A 318 29.04 -30.09 -10.40
CA THR A 318 29.28 -29.44 -11.68
C THR A 318 30.69 -28.95 -11.93
N LEU A 319 31.48 -28.76 -10.88
CA LEU A 319 32.90 -28.49 -11.10
C LEU A 319 33.71 -29.42 -10.23
N PRO A 320 33.79 -30.68 -10.63
CA PRO A 320 34.53 -31.64 -9.81
C PRO A 320 36.06 -31.39 -9.79
N GLY A 321 36.71 -32.01 -8.83
CA GLY A 321 38.14 -31.91 -8.72
C GLY A 321 38.77 -32.34 -10.02
N PHE A 322 39.81 -31.61 -10.43
CA PHE A 322 40.40 -31.82 -11.72
C PHE A 322 41.91 -31.91 -11.64
N THR A 323 42.43 -32.44 -10.53
CA THR A 323 43.84 -32.70 -10.41
C THR A 323 44.19 -33.90 -11.25
N ASN A 324 45.48 -34.09 -11.46
CA ASN A 324 46.06 -35.19 -12.21
C ASN A 324 45.66 -36.60 -11.66
N ILE A 325 45.16 -36.67 -10.44
CA ILE A 325 44.68 -37.94 -9.91
C ILE A 325 43.24 -37.84 -9.39
N SER A 326 42.47 -36.86 -9.86
CA SER A 326 41.11 -36.70 -9.32
C SER A 326 40.27 -37.65 -10.11
N MET A 327 39.16 -38.03 -9.53
CA MET A 327 38.22 -38.93 -10.05
C MET A 327 37.72 -38.55 -11.46
N TYR A 328 37.18 -37.35 -11.66
CA TYR A 328 36.58 -37.02 -12.96
C TYR A 328 37.58 -37.29 -14.15
N PRO A 329 38.78 -36.68 -14.15
CA PRO A 329 39.67 -37.01 -15.30
C PRO A 329 40.14 -38.46 -15.36
N LYS A 330 40.34 -39.10 -14.20
CA LYS A 330 40.77 -40.51 -14.25
C LYS A 330 39.71 -41.36 -14.86
N LEU A 331 38.44 -41.08 -14.53
CA LEU A 331 37.34 -41.83 -15.11
C LEU A 331 37.35 -41.76 -16.65
N TRP A 332 37.64 -40.56 -17.17
CA TRP A 332 37.65 -40.44 -18.60
C TRP A 332 38.89 -41.15 -19.19
N GLN A 333 40.03 -40.99 -18.52
CA GLN A 333 41.28 -41.60 -18.95
C GLN A 333 41.10 -43.14 -19.01
N ALA A 334 40.33 -43.71 -18.09
CA ALA A 334 40.02 -45.13 -18.08
C ALA A 334 39.00 -45.48 -19.14
N SER A 335 38.42 -44.48 -19.78
CA SER A 335 37.38 -44.68 -20.75
C SER A 335 37.85 -44.29 -22.14
N GLY A 336 39.13 -44.07 -22.36
CA GLY A 336 39.64 -43.77 -23.70
C GLY A 336 39.79 -42.29 -24.02
N LEU A 337 39.64 -41.44 -23.05
CA LEU A 337 39.82 -40.03 -23.26
C LEU A 337 40.82 -39.45 -22.26
N GLY A 338 41.96 -39.02 -22.78
CA GLY A 338 43.07 -38.56 -21.96
C GLY A 338 42.90 -37.15 -21.47
N TYR A 339 43.72 -36.73 -20.52
CA TYR A 339 43.53 -35.44 -19.91
C TYR A 339 43.57 -34.31 -20.90
N THR A 340 44.61 -34.27 -21.70
CA THR A 340 44.69 -33.20 -22.65
C THR A 340 43.45 -33.14 -23.55
N ASP A 341 43.05 -34.27 -24.12
CA ASP A 341 41.90 -34.27 -25.02
C ASP A 341 40.56 -33.95 -24.30
N LEU A 342 40.46 -34.32 -23.03
CA LEU A 342 39.32 -33.94 -22.16
C LEU A 342 39.23 -32.41 -22.05
N ILE A 343 40.33 -31.79 -21.70
CA ILE A 343 40.39 -30.35 -21.59
C ILE A 343 39.89 -29.73 -22.90
N SER A 344 40.38 -30.24 -24.01
CA SER A 344 40.00 -29.71 -25.31
C SER A 344 38.52 -29.89 -25.60
N ARG A 345 37.99 -31.07 -25.38
CA ARG A 345 36.60 -31.30 -25.56
C ARG A 345 35.75 -30.33 -24.72
N LEU A 346 36.22 -30.03 -23.50
CA LEU A 346 35.45 -29.17 -22.58
C LEU A 346 35.42 -27.75 -23.14
N ILE A 347 36.50 -27.34 -23.79
CA ILE A 347 36.58 -26.02 -24.37
C ILE A 347 35.67 -25.94 -25.60
N GLU A 348 35.75 -26.95 -26.46
CA GLU A 348 34.91 -27.02 -27.65
C GLU A 348 33.45 -26.96 -27.28
N LEU A 349 33.04 -27.76 -26.30
CA LEU A 349 31.63 -27.71 -25.86
C LEU A 349 31.23 -26.34 -25.36
N ALA A 350 32.14 -25.66 -24.66
CA ALA A 350 31.84 -24.35 -24.08
C ALA A 350 31.57 -23.34 -25.23
N LEU A 351 32.45 -23.33 -26.25
CA LEU A 351 32.32 -22.43 -27.40
C LEU A 351 31.06 -22.75 -28.21
N GLU A 352 30.73 -24.02 -28.42
CA GLU A 352 29.50 -24.37 -29.13
C GLU A 352 28.27 -23.85 -28.38
N ARG A 353 28.25 -24.03 -27.08
CA ARG A 353 27.07 -23.64 -26.34
C ARG A 353 26.93 -22.12 -26.33
N HIS A 354 28.07 -21.46 -26.25
CA HIS A 354 28.04 -20.02 -26.37
C HIS A 354 27.44 -19.56 -27.71
N THR A 355 27.82 -20.21 -28.81
CA THR A 355 27.30 -19.86 -30.14
C THR A 355 25.78 -20.10 -30.19
N ALA A 356 25.38 -21.24 -29.66
CA ALA A 356 23.98 -21.55 -29.51
C ALA A 356 23.20 -20.44 -28.75
N ASN A 357 23.75 -19.99 -27.62
CA ASN A 357 23.05 -19.02 -26.79
C ASN A 357 23.01 -17.70 -27.51
N ASN A 358 24.12 -17.32 -28.11
CA ASN A 358 24.21 -16.07 -28.83
C ASN A 358 23.28 -15.91 -30.01
N ALA A 359 22.95 -17.01 -30.65
CA ALA A 359 22.11 -16.94 -31.82
C ALA A 359 20.64 -16.63 -31.46
N LEU A 360 20.26 -16.87 -30.19
CA LEU A 360 18.88 -16.74 -29.75
C LEU A 360 18.41 -15.29 -29.88
N LYS A 361 17.15 -15.13 -30.25
CA LYS A 361 16.52 -13.81 -30.29
C LYS A 361 16.28 -13.28 -28.91
N THR A 362 16.31 -11.97 -28.80
CA THR A 362 15.97 -11.22 -27.60
C THR A 362 14.54 -10.62 -27.67
N THR A 363 14.07 -10.26 -28.87
CA THR A 363 12.75 -9.68 -29.07
C THR A 363 11.98 -10.30 -30.25
N MET B 1 23.60 13.44 9.23
CA MET B 1 24.61 12.40 9.06
C MET B 1 24.78 12.18 7.57
N ALA B 2 24.08 11.15 7.07
CA ALA B 2 24.22 10.62 5.71
C ALA B 2 23.29 9.44 5.56
N LYS B 3 22.59 9.40 4.43
CA LYS B 3 21.57 8.40 4.14
C LYS B 3 22.07 7.25 3.29
N LEU B 4 21.34 6.16 3.35
CA LEU B 4 21.66 4.95 2.56
C LEU B 4 21.59 5.18 1.07
N ARG B 5 22.62 4.79 0.36
CA ARG B 5 22.63 4.93 -1.07
C ARG B 5 22.01 3.69 -1.71
N VAL B 6 20.95 3.92 -2.49
CA VAL B 6 20.22 2.91 -3.21
C VAL B 6 20.54 3.02 -4.71
N GLY B 7 21.17 1.99 -5.25
CA GLY B 7 21.44 1.90 -6.65
C GLY B 7 20.31 1.16 -7.30
N ILE B 8 19.59 1.82 -8.21
CA ILE B 8 18.49 1.26 -8.96
C ILE B 8 19.08 0.80 -10.29
N VAL B 9 19.01 -0.49 -10.56
CA VAL B 9 19.55 -1.02 -11.79
C VAL B 9 18.39 -1.26 -12.72
N PHE B 10 18.46 -0.66 -13.89
CA PHE B 10 17.31 -0.64 -14.77
C PHE B 10 17.70 -0.59 -16.23
N GLY B 11 16.75 -0.91 -17.10
CA GLY B 11 17.01 -0.89 -18.54
C GLY B 11 17.29 -2.27 -19.00
N GLY B 12 18.49 -2.55 -19.52
CA GLY B 12 18.90 -3.92 -19.80
C GLY B 12 18.75 -4.31 -21.24
N LYS B 13 19.49 -5.37 -21.62
CA LYS B 13 19.47 -5.97 -22.96
C LYS B 13 18.33 -6.96 -22.95
N SER B 14 17.11 -6.49 -23.12
CA SER B 14 15.99 -7.36 -22.91
C SER B 14 14.81 -6.80 -23.62
N ALA B 15 13.95 -7.69 -24.11
CA ALA B 15 12.63 -7.31 -24.64
C ALA B 15 11.88 -6.29 -23.72
N GLU B 16 12.02 -6.43 -22.41
CA GLU B 16 11.28 -5.59 -21.50
C GLU B 16 12.04 -4.29 -21.09
N HIS B 17 13.02 -3.88 -21.91
CA HIS B 17 13.84 -2.69 -21.61
C HIS B 17 13.02 -1.44 -21.27
N GLU B 18 12.06 -1.12 -22.13
CA GLU B 18 11.21 0.07 -21.95
C GLU B 18 10.31 -0.04 -20.72
N VAL B 19 9.84 -1.25 -20.43
CA VAL B 19 9.08 -1.44 -19.18
C VAL B 19 9.96 -1.13 -17.95
N SER B 20 11.21 -1.61 -18.00
CA SER B 20 12.18 -1.38 -16.94
C SER B 20 12.42 0.10 -16.77
N LEU B 21 12.56 0.81 -17.88
CA LEU B 21 12.74 2.26 -17.87
C LEU B 21 11.62 2.92 -17.09
N GLN B 22 10.41 2.44 -17.28
CA GLN B 22 9.27 3.00 -16.58
C GLN B 22 9.20 2.61 -15.14
N SER B 23 9.47 1.32 -14.84
CA SER B 23 9.42 0.88 -13.46
C SER B 23 10.39 1.78 -12.65
N ALA B 24 11.57 2.02 -13.23
CA ALA B 24 12.58 2.81 -12.60
C ALA B 24 12.19 4.25 -12.35
N LYS B 25 11.58 4.85 -13.34
CA LYS B 25 11.15 6.25 -13.20
C LYS B 25 10.14 6.40 -12.05
N ASN B 26 9.16 5.54 -12.06
CA ASN B 26 8.22 5.46 -10.95
C ASN B 26 8.91 5.21 -9.61
N ILE B 27 9.90 4.29 -9.57
CA ILE B 27 10.61 4.09 -8.29
C ILE B 27 11.35 5.34 -7.91
N VAL B 28 12.06 5.94 -8.87
CA VAL B 28 12.85 7.16 -8.56
C VAL B 28 11.89 8.25 -8.08
N ASP B 29 10.78 8.40 -8.81
CA ASP B 29 9.74 9.40 -8.46
C ASP B 29 9.14 9.20 -7.05
N ALA B 30 8.98 7.95 -6.58
CA ALA B 30 8.29 7.67 -5.30
C ALA B 30 9.17 7.40 -4.06
N ILE B 31 10.44 7.07 -4.27
CA ILE B 31 11.26 6.62 -3.16
C ILE B 31 11.42 7.70 -2.10
N ASP B 32 11.40 7.29 -0.84
CA ASP B 32 11.47 8.21 0.27
C ASP B 32 12.83 8.94 0.38
N LYS B 33 12.81 10.16 -0.14
CA LYS B 33 13.96 11.01 -0.33
C LYS B 33 14.56 11.45 0.98
N THR B 34 13.83 11.35 2.06
CA THR B 34 14.47 11.57 3.33
C THR B 34 15.33 10.43 3.78
N ARG B 35 15.02 9.18 3.43
CA ARG B 35 15.85 8.06 3.91
C ARG B 35 16.96 7.63 2.99
N PHE B 36 16.83 7.96 1.70
CA PHE B 36 17.66 7.37 0.69
C PHE B 36 18.09 8.34 -0.37
N ASP B 37 19.32 8.19 -0.84
CA ASP B 37 19.80 8.84 -2.04
C ASP B 37 19.79 7.84 -3.16
N VAL B 38 19.29 8.19 -4.33
CA VAL B 38 19.30 7.25 -5.40
C VAL B 38 20.50 7.48 -6.27
N VAL B 39 21.08 6.37 -6.70
CA VAL B 39 22.08 6.39 -7.73
C VAL B 39 21.53 5.53 -8.85
N LEU B 40 21.50 6.12 -10.05
CA LEU B 40 20.84 5.52 -11.18
C LEU B 40 21.88 4.74 -11.97
N LEU B 41 21.67 3.44 -12.05
CA LEU B 41 22.57 2.53 -12.73
C LEU B 41 21.84 1.94 -13.97
N GLY B 42 21.82 2.72 -15.06
CA GLY B 42 21.11 2.31 -16.26
C GLY B 42 21.89 1.42 -17.19
N ILE B 43 21.26 0.37 -17.69
CA ILE B 43 21.93 -0.57 -18.57
C ILE B 43 21.29 -0.28 -19.92
N ASP B 44 22.11 0.15 -20.89
CA ASP B 44 21.68 0.38 -22.26
C ASP B 44 21.31 -0.95 -22.84
N LYS B 45 20.81 -0.90 -24.05
CA LYS B 45 20.27 -2.05 -24.73
C LYS B 45 21.34 -3.01 -25.21
N ALA B 46 22.59 -2.54 -25.27
CA ALA B 46 23.76 -3.41 -25.51
C ALA B 46 24.22 -4.13 -24.24
N GLY B 47 23.71 -3.71 -23.07
CA GLY B 47 24.02 -4.43 -21.82
C GLY B 47 25.11 -3.80 -21.00
N GLN B 48 25.55 -2.61 -21.39
CA GLN B 48 26.60 -1.93 -20.69
C GLN B 48 25.98 -1.03 -19.66
N TRP B 49 26.66 -0.88 -18.54
CA TRP B 49 26.17 -0.16 -17.39
C TRP B 49 26.71 1.25 -17.39
N HIS B 50 25.90 2.19 -16.97
CA HIS B 50 26.32 3.59 -16.75
C HIS B 50 25.82 4.16 -15.44
N VAL B 51 26.45 5.24 -14.97
CA VAL B 51 25.82 6.09 -13.95
C VAL B 51 25.12 7.20 -14.69
N ASN B 52 23.84 7.34 -14.46
CA ASN B 52 23.07 8.38 -15.04
C ASN B 52 22.77 9.42 -13.96
N ASP B 53 22.24 10.55 -14.38
CA ASP B 53 21.91 11.67 -13.50
C ASP B 53 20.39 11.84 -13.50
N ALA B 54 19.80 11.94 -12.32
CA ALA B 54 18.34 11.88 -12.19
C ALA B 54 17.66 13.08 -12.79
N GLU B 55 18.35 14.18 -12.99
CA GLU B 55 17.68 15.34 -13.56
C GLU B 55 17.49 15.25 -15.06
N ASN B 56 18.19 14.31 -15.69
CA ASN B 56 18.16 14.16 -17.12
C ASN B 56 18.67 12.78 -17.50
N TYR B 57 17.96 11.70 -17.17
CA TYR B 57 18.43 10.33 -17.55
C TYR B 57 17.58 9.64 -18.59
N LEU B 58 16.39 10.16 -18.84
CA LEU B 58 15.50 9.59 -19.84
C LEU B 58 15.19 10.60 -20.95
N GLN B 59 15.01 10.09 -22.15
CA GLN B 59 14.50 10.86 -23.28
C GLN B 59 13.08 10.43 -23.56
N ASN B 60 12.20 11.38 -23.84
CA ASN B 60 10.77 11.11 -24.08
C ASN B 60 10.18 10.33 -22.92
N ALA B 61 10.54 10.81 -21.73
CA ALA B 61 10.17 10.17 -20.46
C ALA B 61 8.68 10.01 -20.35
N ASP B 62 7.95 10.93 -20.99
CA ASP B 62 6.50 11.06 -20.89
C ASP B 62 5.77 10.25 -21.95
N ASP B 63 6.51 9.64 -22.87
CA ASP B 63 5.94 8.88 -24.01
C ASP B 63 6.31 7.39 -23.95
N PRO B 64 5.35 6.53 -23.63
CA PRO B 64 5.54 5.09 -23.38
C PRO B 64 6.21 4.29 -24.52
N ALA B 65 5.95 4.66 -25.77
CA ALA B 65 6.88 4.29 -26.85
C ALA B 65 7.78 5.50 -27.03
N HIS B 66 9.02 5.30 -27.47
CA HIS B 66 10.02 6.41 -27.54
C HIS B 66 10.81 6.74 -26.26
N ILE B 67 10.34 6.27 -25.10
CA ILE B 67 11.10 6.42 -23.86
C ILE B 67 12.41 5.65 -24.03
N ALA B 68 13.50 6.36 -23.76
CA ALA B 68 14.84 5.88 -24.00
C ALA B 68 15.72 6.37 -22.88
N LEU B 69 16.75 5.60 -22.60
CA LEU B 69 17.81 5.97 -21.66
C LEU B 69 18.78 6.92 -22.35
N ARG B 70 18.99 8.08 -21.74
CA ARG B 70 19.92 9.04 -22.31
C ARG B 70 21.35 8.48 -22.31
N PRO B 71 22.03 8.54 -23.46
CA PRO B 71 23.38 7.99 -23.50
C PRO B 71 24.30 8.75 -22.54
N SER B 72 25.28 8.05 -21.96
CA SER B 72 26.07 8.55 -20.83
C SER B 72 27.57 8.35 -21.10
N ALA B 73 28.40 9.25 -20.56
CA ALA B 73 29.87 9.17 -20.76
C ALA B 73 30.51 8.00 -19.98
N ILE B 74 30.22 7.99 -18.67
CA ILE B 74 30.71 6.98 -17.74
C ILE B 74 30.11 5.62 -18.05
N SER B 75 30.93 4.68 -18.50
CA SER B 75 30.56 3.27 -18.44
C SER B 75 31.21 2.60 -17.19
N LEU B 76 30.62 1.50 -16.76
CA LEU B 76 30.94 0.93 -15.44
C LEU B 76 31.42 -0.50 -15.51
N ALA B 77 32.28 -0.85 -14.54
CA ALA B 77 32.85 -2.18 -14.38
C ALA B 77 32.69 -2.53 -12.90
N GLN B 78 32.64 -3.83 -12.61
CA GLN B 78 32.44 -4.31 -11.23
C GLN B 78 33.79 -4.97 -10.73
N VAL B 79 34.15 -4.79 -9.46
CA VAL B 79 35.38 -5.37 -8.94
C VAL B 79 35.08 -6.53 -7.95
N PRO B 80 35.24 -7.79 -8.41
CA PRO B 80 34.89 -8.93 -7.56
C PRO B 80 35.68 -8.89 -6.29
N GLY B 81 35.03 -9.28 -5.19
CA GLY B 81 35.79 -9.46 -3.95
C GLY B 81 35.88 -8.26 -3.01
N LYS B 82 35.65 -7.07 -3.51
CA LYS B 82 35.63 -5.86 -2.69
C LYS B 82 34.34 -5.74 -1.91
N HIS B 83 34.44 -5.15 -0.72
CA HIS B 83 33.23 -4.90 0.03
C HIS B 83 32.93 -3.44 0.01
N GLN B 84 33.77 -2.63 -0.63
CA GLN B 84 33.50 -1.20 -0.81
C GLN B 84 33.91 -0.86 -2.23
N HIS B 85 33.39 0.23 -2.77
CA HIS B 85 33.85 0.69 -4.09
C HIS B 85 33.88 -0.40 -5.14
N GLN B 86 32.84 -1.23 -5.11
CA GLN B 86 32.73 -2.35 -6.05
C GLN B 86 32.53 -1.90 -7.48
N LEU B 87 31.92 -0.76 -7.65
CA LEU B 87 31.61 -0.22 -8.98
C LEU B 87 32.58 0.93 -9.29
N ILE B 88 33.26 0.80 -10.41
CA ILE B 88 34.25 1.75 -10.88
C ILE B 88 34.00 2.21 -12.31
N ASN B 89 34.56 3.37 -12.63
CA ASN B 89 34.65 3.86 -14.00
C ASN B 89 35.49 2.87 -14.80
N ALA B 90 34.88 2.28 -15.83
CA ALA B 90 35.50 1.24 -16.63
C ALA B 90 36.60 1.76 -17.53
N GLN B 91 36.65 3.09 -17.77
CA GLN B 91 37.77 3.67 -18.52
C GLN B 91 39.00 3.84 -17.68
N ASN B 92 38.84 4.28 -16.44
CA ASN B 92 40.02 4.75 -15.74
C ASN B 92 40.16 4.26 -14.34
N GLY B 93 39.25 3.40 -13.93
CA GLY B 93 39.30 2.81 -12.59
C GLY B 93 38.71 3.63 -11.44
N GLN B 94 38.30 4.86 -11.68
CA GLN B 94 37.77 5.71 -10.57
C GLN B 94 36.56 5.04 -9.94
N PRO B 95 36.59 4.79 -8.63
CA PRO B 95 35.40 4.17 -8.03
C PRO B 95 34.25 5.16 -7.85
N LEU B 96 33.02 4.68 -8.04
CA LEU B 96 31.86 5.34 -7.50
C LEU B 96 31.88 5.22 -6.00
N PRO B 97 31.26 6.17 -5.32
CA PRO B 97 31.04 5.99 -3.91
C PRO B 97 30.18 4.73 -3.62
N THR B 98 30.44 4.03 -2.52
CA THR B 98 29.93 2.71 -2.44
C THR B 98 28.41 2.75 -2.23
N VAL B 99 27.69 1.93 -3.00
CA VAL B 99 26.24 1.86 -2.91
C VAL B 99 25.92 0.93 -1.72
N ASP B 100 24.93 1.23 -0.88
CA ASP B 100 24.56 0.36 0.27
C ASP B 100 23.57 -0.78 -0.10
N VAL B 101 22.72 -0.57 -1.09
CA VAL B 101 21.76 -1.58 -1.59
C VAL B 101 21.48 -1.39 -3.04
N ILE B 102 21.16 -2.49 -3.70
CA ILE B 102 20.74 -2.45 -5.09
C ILE B 102 19.24 -2.78 -5.20
N PHE B 103 18.53 -2.00 -5.99
CA PHE B 103 17.13 -2.31 -6.31
C PHE B 103 17.15 -2.71 -7.78
N PRO B 104 17.18 -4.01 -8.05
CA PRO B 104 17.18 -4.45 -9.46
C PRO B 104 15.81 -4.38 -10.04
N ILE B 105 15.65 -3.76 -11.19
CA ILE B 105 14.36 -3.76 -11.84
C ILE B 105 14.48 -3.98 -13.34
N VAL B 106 15.52 -4.68 -13.74
CA VAL B 106 15.68 -5.23 -15.06
C VAL B 106 14.79 -6.49 -15.15
N HIS B 107 13.69 -6.39 -15.88
CA HIS B 107 12.81 -7.52 -16.12
C HIS B 107 13.41 -8.43 -17.21
N GLY B 108 13.19 -9.72 -17.08
CA GLY B 108 13.65 -10.67 -18.05
C GLY B 108 15.10 -11.10 -18.01
N THR B 109 15.69 -11.21 -19.18
CA THR B 109 16.88 -11.98 -19.45
C THR B 109 18.05 -11.97 -18.51
N LEU B 110 18.66 -10.86 -18.19
CA LEU B 110 19.78 -11.10 -17.31
C LEU B 110 19.49 -10.64 -15.90
N GLY B 111 18.58 -9.71 -15.79
CA GLY B 111 18.24 -9.13 -14.53
C GLY B 111 17.32 -9.96 -13.71
N GLU B 112 16.47 -10.76 -14.32
CA GLU B 112 15.50 -11.53 -13.59
C GLU B 112 15.85 -13.00 -13.45
N ASP B 113 16.91 -13.45 -14.10
CA ASP B 113 17.18 -14.87 -14.21
C ASP B 113 18.35 -15.41 -13.40
N GLY B 114 18.83 -14.64 -12.47
CA GLY B 114 19.87 -15.07 -11.58
C GLY B 114 21.25 -14.56 -11.96
N SER B 115 21.41 -14.05 -13.16
CA SER B 115 22.75 -13.67 -13.60
C SER B 115 23.20 -12.42 -12.84
N LEU B 116 22.34 -11.44 -12.82
CA LEU B 116 22.59 -10.21 -12.15
C LEU B 116 22.74 -10.44 -10.71
N GLN B 117 21.90 -11.30 -10.15
CA GLN B 117 21.99 -11.60 -8.72
C GLN B 117 23.32 -12.26 -8.38
N GLY B 118 23.82 -13.08 -9.29
CA GLY B 118 25.12 -13.72 -9.10
C GLY B 118 26.24 -12.72 -9.11
N MET B 119 26.17 -11.79 -10.02
CA MET B 119 27.12 -10.65 -9.98
C MET B 119 27.07 -9.83 -8.67
N LEU B 120 25.88 -9.54 -8.23
CA LEU B 120 25.72 -8.75 -7.02
C LEU B 120 26.21 -9.53 -5.85
N ARG B 121 25.92 -10.84 -5.83
CA ARG B 121 26.43 -11.66 -4.73
C ARG B 121 27.97 -11.59 -4.70
N VAL B 122 28.64 -11.74 -5.83
CA VAL B 122 30.09 -11.71 -5.84
C VAL B 122 30.58 -10.32 -5.40
N ALA B 123 29.90 -9.24 -5.79
CA ALA B 123 30.30 -7.91 -5.35
C ALA B 123 29.95 -7.61 -3.91
N ASN B 124 29.45 -8.57 -3.14
CA ASN B 124 28.95 -8.34 -1.79
C ASN B 124 27.97 -7.16 -1.73
N LEU B 125 27.14 -6.99 -2.75
CA LEU B 125 26.15 -5.92 -2.73
C LEU B 125 24.79 -6.43 -2.23
N PRO B 126 24.32 -5.95 -1.09
CA PRO B 126 22.93 -6.25 -0.72
C PRO B 126 21.93 -5.92 -1.84
N PHE B 127 20.87 -6.73 -1.97
CA PHE B 127 19.93 -6.48 -3.05
C PHE B 127 18.51 -6.93 -2.82
N VAL B 128 17.59 -6.13 -3.37
CA VAL B 128 16.18 -6.50 -3.36
C VAL B 128 15.81 -7.69 -4.23
N GLY B 129 14.91 -8.50 -3.67
CA GLY B 129 14.32 -9.56 -4.43
C GLY B 129 15.02 -10.87 -4.22
N SER B 130 14.62 -11.80 -5.06
CA SER B 130 15.04 -13.18 -4.92
C SER B 130 16.51 -13.37 -5.35
N ASP B 131 17.14 -14.39 -4.83
CA ASP B 131 18.54 -14.60 -4.99
C ASP B 131 18.74 -15.47 -6.24
N VAL B 132 19.94 -16.04 -6.38
CA VAL B 132 20.39 -16.60 -7.63
C VAL B 132 19.49 -17.77 -8.08
N LEU B 133 19.37 -18.77 -7.21
CA LEU B 133 18.65 -20.02 -7.56
C LEU B 133 17.17 -19.75 -7.76
N SER B 134 16.58 -19.10 -6.79
CA SER B 134 15.16 -18.78 -6.92
C SER B 134 14.83 -17.93 -8.18
N SER B 135 15.63 -16.91 -8.46
CA SER B 135 15.35 -16.14 -9.66
C SER B 135 15.48 -17.04 -10.91
N ALA B 136 16.51 -17.85 -10.95
CA ALA B 136 16.79 -18.70 -12.16
C ALA B 136 15.65 -19.72 -12.30
N ALA B 137 15.24 -20.29 -11.19
CA ALA B 137 14.22 -21.31 -11.19
C ALA B 137 12.83 -20.75 -11.53
N CYS B 138 12.50 -19.57 -11.04
CA CYS B 138 11.20 -19.01 -11.37
C CYS B 138 11.18 -18.56 -12.80
N MET B 139 12.33 -18.25 -13.38
CA MET B 139 12.33 -17.78 -14.74
C MET B 139 12.23 -19.01 -15.68
N ASP B 140 12.63 -20.20 -15.27
CA ASP B 140 12.55 -21.35 -16.17
C ASP B 140 11.27 -22.04 -15.83
N LYS B 141 10.27 -21.80 -16.67
CA LYS B 141 8.92 -22.32 -16.43
C LYS B 141 8.91 -23.82 -16.30
N ASP B 142 9.77 -24.48 -17.04
CA ASP B 142 9.88 -25.92 -16.90
C ASP B 142 10.31 -26.30 -15.48
N VAL B 143 11.37 -25.64 -14.95
CA VAL B 143 11.75 -26.02 -13.58
C VAL B 143 10.81 -25.61 -12.47
N ALA B 144 10.28 -24.41 -12.55
CA ALA B 144 9.32 -23.89 -11.64
C ALA B 144 8.14 -24.87 -11.56
N LYS B 145 7.66 -25.32 -12.72
CA LYS B 145 6.49 -26.22 -12.71
C LYS B 145 6.78 -27.57 -12.05
N ARG B 146 7.96 -28.08 -12.31
CA ARG B 146 8.31 -29.35 -11.75
C ARG B 146 8.45 -29.24 -10.24
N LEU B 147 8.96 -28.12 -9.75
CA LEU B 147 9.04 -27.90 -8.32
C LEU B 147 7.67 -27.73 -7.66
N LEU B 148 6.80 -26.95 -8.30
CA LEU B 148 5.44 -26.79 -7.85
C LEU B 148 4.69 -28.12 -7.85
N ARG B 149 4.80 -28.88 -8.92
CA ARG B 149 4.12 -30.19 -8.92
C ARG B 149 4.70 -31.10 -7.82
N ASP B 150 6.02 -31.11 -7.64
CA ASP B 150 6.63 -31.86 -6.54
C ASP B 150 6.08 -31.43 -5.16
N ALA B 151 5.78 -30.15 -4.96
CA ALA B 151 5.18 -29.67 -3.72
C ALA B 151 3.69 -30.05 -3.59
N GLY B 152 3.07 -30.65 -4.59
CA GLY B 152 1.65 -30.97 -4.54
C GLY B 152 0.73 -29.81 -4.98
N LEU B 153 1.25 -28.77 -5.62
CA LEU B 153 0.44 -27.64 -6.07
C LEU B 153 0.01 -27.88 -7.52
N ASN B 154 -1.06 -27.25 -7.97
CA ASN B 154 -1.60 -27.53 -9.31
C ASN B 154 -0.89 -26.69 -10.33
N ILE B 155 -0.46 -27.32 -11.40
CA ILE B 155 0.07 -26.60 -12.55
C ILE B 155 -0.62 -27.11 -13.84
N ALA B 156 -0.47 -26.42 -14.95
CA ALA B 156 -1.10 -26.94 -16.18
C ALA B 156 -0.30 -28.17 -16.57
N PRO B 157 -0.96 -29.31 -16.83
CA PRO B 157 -0.29 -30.46 -17.46
C PRO B 157 0.56 -30.06 -18.68
N PHE B 158 1.72 -30.65 -18.81
CA PHE B 158 2.66 -30.18 -19.83
C PHE B 158 3.68 -31.17 -20.28
N ILE B 159 4.33 -30.87 -21.39
CA ILE B 159 5.50 -31.54 -21.85
C ILE B 159 6.54 -30.50 -22.10
N THR B 160 7.82 -30.87 -21.93
CA THR B 160 8.87 -29.95 -22.35
C THR B 160 9.74 -30.48 -23.48
N LEU B 161 9.83 -29.67 -24.53
CA LEU B 161 10.59 -30.03 -25.71
C LEU B 161 12.01 -29.50 -25.58
N THR B 162 12.96 -30.33 -26.00
CA THR B 162 14.34 -29.88 -26.18
C THR B 162 14.71 -30.06 -27.63
N ARG B 163 15.88 -29.58 -28.03
CA ARG B 163 16.26 -29.69 -29.46
C ARG B 163 16.36 -31.18 -29.87
N THR B 164 16.68 -32.07 -28.92
CA THR B 164 16.84 -33.49 -29.22
C THR B 164 15.53 -34.26 -29.26
N ASN B 165 14.52 -33.84 -28.51
CA ASN B 165 13.27 -34.60 -28.52
C ASN B 165 12.16 -33.96 -29.25
N ARG B 166 12.38 -32.79 -29.83
CA ARG B 166 11.23 -32.03 -30.32
C ARG B 166 10.44 -32.75 -31.41
N HIS B 167 11.08 -33.68 -32.11
CA HIS B 167 10.41 -34.42 -33.18
C HIS B 167 9.84 -35.76 -32.68
N ALA B 168 10.21 -36.20 -31.47
CA ALA B 168 9.53 -37.35 -30.82
C ALA B 168 8.00 -37.22 -30.91
N PHE B 169 7.45 -36.09 -30.51
CA PHE B 169 6.01 -35.99 -30.35
C PHE B 169 5.38 -35.39 -31.61
N SER B 170 4.32 -36.01 -32.12
CA SER B 170 3.52 -35.40 -33.17
C SER B 170 2.47 -34.49 -32.53
N PHE B 171 1.90 -33.58 -33.32
CA PHE B 171 0.77 -32.84 -32.87
C PHE B 171 -0.26 -33.82 -32.31
N ALA B 172 -0.52 -34.92 -33.01
CA ALA B 172 -1.54 -35.91 -32.59
C ALA B 172 -1.22 -36.56 -31.23
N GLU B 173 0.08 -36.78 -30.97
CA GLU B 173 0.55 -37.38 -29.71
C GLU B 173 0.36 -36.38 -28.52
N VAL B 174 0.92 -35.17 -28.68
CA VAL B 174 0.69 -34.08 -27.76
C VAL B 174 -0.79 -33.93 -27.41
N GLU B 175 -1.64 -33.94 -28.44
CA GLU B 175 -3.05 -33.62 -28.31
C GLU B 175 -3.80 -34.68 -27.53
N SER B 176 -3.39 -35.92 -27.74
CA SER B 176 -3.96 -37.03 -27.00
C SER B 176 -3.56 -36.89 -25.55
N ARG B 177 -2.36 -36.38 -25.30
CA ARG B 177 -1.91 -36.22 -23.94
C ARG B 177 -2.51 -35.01 -23.23
N LEU B 178 -2.69 -33.90 -23.92
CA LEU B 178 -2.96 -32.62 -23.26
C LEU B 178 -4.29 -31.96 -23.68
N GLY B 179 -4.97 -32.48 -24.69
CA GLY B 179 -6.20 -31.84 -25.17
C GLY B 179 -5.86 -30.67 -26.08
N LEU B 180 -6.88 -29.94 -26.51
CA LEU B 180 -6.70 -28.65 -27.20
C LEU B 180 -7.58 -27.69 -26.48
N PRO B 181 -7.29 -26.40 -26.56
CA PRO B 181 -6.12 -25.80 -27.19
C PRO B 181 -4.89 -25.97 -26.31
N LEU B 182 -3.72 -25.70 -26.87
CA LEU B 182 -2.46 -25.79 -26.16
C LEU B 182 -1.83 -24.42 -26.08
N PHE B 183 -0.93 -24.19 -25.10
CA PHE B 183 -0.09 -22.99 -25.13
C PHE B 183 1.33 -23.45 -25.26
N VAL B 184 2.07 -22.87 -26.22
CA VAL B 184 3.48 -23.18 -26.46
C VAL B 184 4.27 -21.92 -26.08
N LYS B 185 5.27 -22.07 -25.21
CA LYS B 185 6.06 -20.98 -24.67
C LYS B 185 7.54 -21.40 -24.59
N PRO B 186 8.45 -20.51 -24.91
CA PRO B 186 9.84 -20.76 -24.51
C PRO B 186 9.93 -20.93 -23.00
N ALA B 187 10.78 -21.82 -22.51
CA ALA B 187 10.87 -21.98 -21.04
C ALA B 187 11.27 -20.65 -20.34
N ASN B 188 12.21 -19.93 -20.92
CA ASN B 188 12.79 -18.72 -20.31
C ASN B 188 12.59 -17.60 -21.27
N GLN B 189 11.77 -16.66 -20.82
CA GLN B 189 11.43 -15.43 -21.50
C GLN B 189 10.38 -14.67 -20.69
N GLY B 190 10.32 -13.36 -20.88
CA GLY B 190 9.30 -12.56 -20.23
C GLY B 190 8.03 -12.33 -21.02
N SER B 191 7.13 -11.62 -20.37
CA SER B 191 5.77 -11.35 -20.82
C SER B 191 5.28 -11.64 -22.25
N SER B 192 4.95 -12.90 -22.50
CA SER B 192 4.22 -13.31 -23.67
C SER B 192 5.12 -13.39 -24.85
N VAL B 193 6.40 -13.14 -24.62
CA VAL B 193 7.34 -12.99 -25.72
C VAL B 193 7.20 -14.00 -26.84
N GLY B 194 7.36 -15.28 -26.61
CA GLY B 194 7.20 -16.19 -27.83
C GLY B 194 6.11 -17.23 -27.64
N VAL B 195 5.02 -16.75 -27.02
CA VAL B 195 3.96 -17.58 -26.58
C VAL B 195 2.92 -17.63 -27.69
N SER B 196 2.32 -18.81 -27.95
CA SER B 196 1.26 -18.94 -28.92
C SER B 196 0.25 -19.90 -28.38
N LYS B 197 -1.01 -19.60 -28.70
CA LYS B 197 -2.12 -20.50 -28.52
C LYS B 197 -2.28 -21.34 -29.77
N VAL B 198 -2.46 -22.63 -29.58
CA VAL B 198 -2.43 -23.56 -30.68
C VAL B 198 -3.68 -24.42 -30.69
N ALA B 199 -4.37 -24.47 -31.84
CA ALA B 199 -5.57 -25.28 -31.99
C ALA B 199 -5.51 -26.32 -33.09
N ASN B 200 -4.43 -26.36 -33.87
CA ASN B 200 -4.27 -27.35 -34.93
C ASN B 200 -2.79 -27.61 -35.22
N GLU B 201 -2.52 -28.48 -36.17
CA GLU B 201 -1.15 -28.91 -36.38
C GLU B 201 -0.26 -27.80 -36.96
N ALA B 202 -0.78 -27.03 -37.91
CA ALA B 202 0.01 -26.01 -38.51
C ALA B 202 0.34 -25.02 -37.42
N GLN B 203 -0.65 -24.64 -36.63
CA GLN B 203 -0.38 -23.73 -35.54
C GLN B 203 0.77 -24.27 -34.65
N TYR B 204 0.82 -25.58 -34.47
CA TYR B 204 1.72 -26.21 -33.54
C TYR B 204 3.16 -26.20 -33.99
N GLN B 205 3.39 -26.62 -35.22
CA GLN B 205 4.71 -26.61 -35.81
C GLN B 205 5.25 -25.21 -35.89
N GLN B 206 4.37 -24.27 -36.23
CA GLN B 206 4.75 -22.85 -36.25
C GLN B 206 5.13 -22.39 -34.84
N ALA B 207 4.23 -22.59 -33.89
CA ALA B 207 4.47 -22.12 -32.50
C ALA B 207 5.80 -22.69 -31.91
N VAL B 208 6.05 -23.96 -32.16
CA VAL B 208 7.21 -24.66 -31.61
C VAL B 208 8.47 -24.15 -32.22
N ALA B 209 8.49 -23.98 -33.54
CA ALA B 209 9.66 -23.40 -34.19
C ALA B 209 9.95 -22.00 -33.66
N LEU B 210 8.88 -21.22 -33.43
CA LEU B 210 9.04 -19.85 -32.93
C LEU B 210 9.62 -19.82 -31.50
N ALA B 211 9.15 -20.69 -30.63
CA ALA B 211 9.61 -20.67 -29.22
C ALA B 211 11.07 -21.07 -29.20
N PHE B 212 11.50 -21.93 -30.13
CA PHE B 212 12.86 -22.31 -30.19
C PHE B 212 13.81 -21.28 -30.72
N GLU B 213 13.34 -20.13 -31.10
CA GLU B 213 14.23 -19.03 -31.48
C GLU B 213 14.57 -18.17 -30.28
N PHE B 214 13.78 -18.34 -29.22
CA PHE B 214 13.98 -17.61 -27.99
C PHE B 214 14.65 -18.43 -26.87
N ASP B 215 14.63 -19.77 -26.93
CA ASP B 215 15.17 -20.60 -25.84
C ASP B 215 15.51 -21.99 -26.39
N HIS B 216 16.24 -22.79 -25.63
CA HIS B 216 16.58 -24.14 -26.03
C HIS B 216 15.63 -25.20 -25.45
N LYS B 217 14.64 -24.74 -24.71
CA LYS B 217 13.56 -25.56 -24.16
C LYS B 217 12.25 -24.86 -24.38
N VAL B 218 11.23 -25.65 -24.72
CA VAL B 218 9.94 -25.09 -25.00
C VAL B 218 8.92 -25.89 -24.18
N VAL B 219 8.06 -25.18 -23.44
CA VAL B 219 6.96 -25.79 -22.74
C VAL B 219 5.70 -25.76 -23.57
N VAL B 220 5.05 -26.91 -23.66
CA VAL B 220 3.76 -27.07 -24.31
C VAL B 220 2.74 -27.53 -23.24
N GLU B 221 1.69 -26.73 -23.03
CA GLU B 221 0.77 -26.89 -21.94
C GLU B 221 -0.66 -26.97 -22.37
N GLN B 222 -1.43 -27.63 -21.53
CA GLN B 222 -2.85 -27.68 -21.69
C GLN B 222 -3.44 -26.33 -21.37
N GLY B 223 -4.34 -25.87 -22.24
CA GLY B 223 -5.02 -24.62 -21.98
C GLY B 223 -5.92 -24.80 -20.79
N ILE B 224 -5.83 -23.90 -19.82
CA ILE B 224 -6.65 -23.98 -18.59
C ILE B 224 -7.83 -23.01 -18.76
N LYS B 225 -9.04 -23.44 -18.44
CA LYS B 225 -10.21 -22.59 -18.55
C LYS B 225 -10.43 -21.94 -17.19
N GLY B 226 -10.34 -20.63 -17.11
CA GLY B 226 -10.61 -19.96 -15.82
C GLY B 226 -10.38 -18.46 -15.79
N ARG B 227 -10.67 -17.85 -14.64
CA ARG B 227 -10.37 -16.44 -14.44
C ARG B 227 -8.91 -16.26 -14.10
N GLU B 228 -8.31 -15.17 -14.56
CA GLU B 228 -6.93 -14.90 -14.32
C GLU B 228 -6.76 -13.96 -13.13
N ILE B 229 -6.25 -14.51 -12.04
CA ILE B 229 -6.11 -13.81 -10.77
C ILE B 229 -4.63 -13.67 -10.40
N GLU B 230 -4.28 -12.52 -9.85
CA GLU B 230 -2.94 -12.30 -9.41
C GLU B 230 -2.92 -11.89 -7.94
N CYS B 231 -1.80 -12.21 -7.29
CA CYS B 231 -1.58 -11.98 -5.89
C CYS B 231 -0.14 -11.52 -5.70
N ALA B 232 0.04 -10.51 -4.88
CA ALA B 232 1.36 -9.99 -4.58
C ALA B 232 1.88 -10.56 -3.27
N VAL B 233 3.10 -11.09 -3.24
CA VAL B 233 3.68 -11.59 -2.00
C VAL B 233 4.85 -10.72 -1.63
N LEU B 234 4.97 -10.44 -0.34
CA LEU B 234 5.99 -9.58 0.19
C LEU B 234 6.59 -10.15 1.45
N GLY B 235 7.92 -10.16 1.48
CA GLY B 235 8.69 -10.62 2.64
C GLY B 235 9.80 -11.66 2.35
N ASN B 236 10.46 -12.10 3.43
CA ASN B 236 11.48 -13.13 3.37
C ASN B 236 10.90 -14.40 4.06
N ASP B 237 11.28 -14.67 5.28
CA ASP B 237 10.75 -15.83 5.98
C ASP B 237 9.29 -15.83 6.37
N ASN B 238 8.70 -14.73 6.72
CA ASN B 238 7.26 -14.89 7.08
C ASN B 238 6.46 -14.08 6.12
N PRO B 239 6.28 -14.56 4.89
CA PRO B 239 5.77 -13.61 3.90
C PRO B 239 4.30 -13.36 4.04
N GLN B 240 3.85 -12.25 3.49
CA GLN B 240 2.44 -11.80 3.51
C GLN B 240 1.93 -11.74 2.09
N ALA B 241 0.65 -12.05 1.90
CA ALA B 241 -0.04 -11.99 0.59
C ALA B 241 -1.00 -10.82 0.55
N SER B 242 -0.92 -10.00 -0.48
CA SER B 242 -1.93 -8.95 -0.73
C SER B 242 -3.28 -9.54 -0.99
N THR B 243 -4.28 -8.70 -1.12
CA THR B 243 -5.55 -9.16 -1.67
C THR B 243 -5.30 -9.45 -3.15
N CYS B 244 -6.15 -10.26 -3.76
CA CYS B 244 -6.00 -10.61 -5.16
C CYS B 244 -6.59 -9.59 -6.12
N GLY B 245 -6.10 -9.61 -7.36
CA GLY B 245 -6.63 -8.78 -8.45
C GLY B 245 -6.96 -9.69 -9.64
N GLU B 246 -7.75 -9.19 -10.58
CA GLU B 246 -8.09 -9.96 -11.76
C GLU B 246 -7.80 -9.20 -13.07
N ILE B 247 -7.34 -9.94 -14.08
CA ILE B 247 -7.25 -9.44 -15.46
C ILE B 247 -8.47 -9.95 -16.23
N VAL B 248 -9.18 -9.04 -16.87
CA VAL B 248 -10.43 -9.39 -17.57
C VAL B 248 -10.45 -9.00 -19.06
N LEU B 249 -11.01 -9.89 -19.90
CA LEU B 249 -11.41 -9.57 -21.30
C LEU B 249 -11.98 -8.14 -21.44
N GLN B 267 -7.93 -5.11 -19.35
CA GLN B 267 -8.63 -4.63 -18.12
C GLN B 267 -8.27 -5.25 -16.70
N VAL B 268 -7.68 -4.43 -15.81
CA VAL B 268 -7.28 -4.86 -14.48
C VAL B 268 -8.37 -4.44 -13.51
N VAL B 269 -8.83 -5.37 -12.66
CA VAL B 269 -9.78 -5.10 -11.59
C VAL B 269 -9.12 -5.36 -10.21
N VAL B 270 -9.02 -4.36 -9.36
CA VAL B 270 -8.49 -4.57 -8.02
C VAL B 270 -9.44 -3.98 -7.00
N PRO B 271 -9.90 -4.76 -6.04
CA PRO B 271 -9.71 -6.15 -5.73
C PRO B 271 -10.50 -7.02 -6.69
N ALA B 272 -10.05 -8.25 -6.91
CA ALA B 272 -10.83 -9.17 -7.66
C ALA B 272 -12.14 -9.40 -6.90
N GLN B 273 -13.21 -9.51 -7.67
CA GLN B 273 -14.55 -9.75 -7.17
C GLN B 273 -14.72 -11.23 -6.99
N ILE B 274 -14.25 -11.73 -5.86
CA ILE B 274 -14.35 -13.12 -5.55
C ILE B 274 -14.76 -13.23 -4.10
N PRO B 275 -15.38 -14.35 -3.72
CA PRO B 275 -15.66 -14.49 -2.29
C PRO B 275 -14.36 -14.45 -1.49
N SER B 276 -14.50 -14.22 -0.17
CA SER B 276 -13.36 -14.07 0.71
C SER B 276 -12.61 -15.39 0.88
N GLU B 277 -13.34 -16.48 0.77
CA GLU B 277 -12.77 -17.80 0.97
C GLU B 277 -11.83 -18.16 -0.20
N VAL B 278 -12.21 -17.73 -1.37
CA VAL B 278 -11.43 -17.89 -2.55
C VAL B 278 -10.21 -16.95 -2.51
N ASN B 279 -10.42 -15.72 -2.08
CA ASN B 279 -9.33 -14.77 -1.92
C ASN B 279 -8.30 -15.39 -1.01
N ASP B 280 -8.73 -15.91 0.12
CA ASP B 280 -7.78 -16.50 1.08
C ASP B 280 -7.17 -17.79 0.56
N LYS B 281 -7.89 -18.55 -0.27
CA LYS B 281 -7.34 -19.82 -0.78
C LYS B 281 -6.18 -19.54 -1.75
N ILE B 282 -6.43 -18.59 -2.65
CA ILE B 282 -5.43 -18.15 -3.62
C ILE B 282 -4.26 -17.57 -2.84
N ARG B 283 -4.56 -16.69 -1.91
CA ARG B 283 -3.47 -16.07 -1.09
C ARG B 283 -2.53 -17.10 -0.41
N ALA B 284 -3.13 -18.11 0.21
CA ALA B 284 -2.36 -19.17 0.90
C ALA B 284 -1.55 -20.02 -0.08
N ILE B 285 -2.15 -20.31 -1.24
CA ILE B 285 -1.41 -20.95 -2.33
C ILE B 285 -0.24 -20.10 -2.89
N ALA B 286 -0.42 -18.78 -3.05
CA ALA B 286 0.68 -17.94 -3.45
C ALA B 286 1.86 -18.08 -2.51
N ILE B 287 1.56 -18.10 -1.23
CA ILE B 287 2.62 -18.19 -0.26
C ILE B 287 3.29 -19.54 -0.33
N GLN B 288 2.51 -20.60 -0.55
CA GLN B 288 3.13 -21.92 -0.69
C GLN B 288 4.02 -21.91 -1.93
N ALA B 289 3.56 -21.34 -3.04
CA ALA B 289 4.36 -21.30 -4.27
C ALA B 289 5.66 -20.52 -3.98
N TYR B 290 5.48 -19.39 -3.28
CA TYR B 290 6.64 -18.51 -2.91
C TYR B 290 7.69 -19.28 -2.09
N GLN B 291 7.23 -20.11 -1.19
CA GLN B 291 8.14 -20.88 -0.32
C GLN B 291 8.79 -22.02 -1.07
N THR B 292 8.00 -22.71 -1.93
CA THR B 292 8.51 -23.81 -2.69
C THR B 292 9.65 -23.40 -3.63
N LEU B 293 9.53 -22.23 -4.20
CA LEU B 293 10.51 -21.69 -5.11
C LEU B 293 11.59 -20.83 -4.45
N GLY B 294 11.58 -20.73 -3.12
CA GLY B 294 12.64 -20.06 -2.38
C GLY B 294 12.74 -18.55 -2.63
N CYS B 295 11.65 -17.92 -3.07
CA CYS B 295 11.64 -16.46 -3.28
C CYS B 295 11.95 -15.63 -2.04
N ALA B 296 12.45 -14.43 -2.29
CA ALA B 296 12.80 -13.48 -1.22
C ALA B 296 12.35 -12.10 -1.70
N GLY B 297 12.02 -11.27 -0.72
CA GLY B 297 11.58 -9.90 -1.00
C GLY B 297 10.16 -9.73 -1.54
N MET B 298 9.95 -10.09 -2.81
CA MET B 298 8.66 -10.00 -3.44
C MET B 298 8.50 -11.02 -4.53
N ALA B 299 7.26 -11.34 -4.85
CA ALA B 299 6.95 -11.92 -6.14
C ALA B 299 5.47 -11.70 -6.43
N ARG B 300 5.08 -11.79 -7.71
CA ARG B 300 3.69 -11.85 -8.09
C ARG B 300 3.39 -13.20 -8.59
N VAL B 301 2.32 -13.79 -8.03
CA VAL B 301 1.92 -15.13 -8.37
C VAL B 301 0.64 -15.00 -9.20
N ASP B 302 0.68 -15.55 -10.42
CA ASP B 302 -0.44 -15.50 -11.33
C ASP B 302 -1.01 -16.90 -11.43
N VAL B 303 -2.33 -16.95 -11.27
CA VAL B 303 -3.08 -18.21 -11.24
C VAL B 303 -4.34 -18.19 -12.14
N PHE B 304 -4.84 -19.40 -12.45
CA PHE B 304 -6.14 -19.56 -13.02
C PHE B 304 -7.04 -20.07 -11.94
N LEU B 305 -8.22 -19.48 -11.85
CA LEU B 305 -9.26 -19.97 -10.95
C LEU B 305 -10.33 -20.63 -11.80
N THR B 306 -10.47 -21.95 -11.70
CA THR B 306 -11.40 -22.66 -12.56
C THR B 306 -12.85 -22.50 -12.03
N ALA B 307 -13.80 -22.88 -12.88
CA ALA B 307 -15.24 -22.92 -12.53
C ALA B 307 -15.54 -23.57 -11.22
N ASP B 308 -14.81 -24.61 -10.84
CA ASP B 308 -15.05 -25.21 -9.54
C ASP B 308 -14.02 -24.77 -8.46
N ASN B 309 -13.48 -23.57 -8.62
CA ASN B 309 -12.62 -22.96 -7.61
C ASN B 309 -11.35 -23.73 -7.36
N GLU B 310 -10.90 -24.47 -8.35
CA GLU B 310 -9.56 -24.95 -8.31
C GLU B 310 -8.59 -23.86 -8.73
N VAL B 311 -7.43 -23.83 -8.07
CA VAL B 311 -6.40 -22.86 -8.36
C VAL B 311 -5.19 -23.49 -9.02
N VAL B 312 -4.92 -23.07 -10.25
CA VAL B 312 -3.86 -23.60 -11.06
C VAL B 312 -2.80 -22.47 -11.28
N ILE B 313 -1.56 -22.71 -10.88
CA ILE B 313 -0.51 -21.72 -10.94
C ILE B 313 0.12 -21.67 -12.34
N ASN B 314 0.18 -20.47 -12.90
CA ASN B 314 0.70 -20.23 -14.24
C ASN B 314 2.16 -19.72 -14.17
N GLU B 315 2.45 -18.71 -13.35
CA GLU B 315 3.72 -17.93 -13.39
C GLU B 315 4.05 -17.53 -11.95
N ILE B 316 5.33 -17.51 -11.61
CA ILE B 316 5.82 -16.78 -10.43
C ILE B 316 6.85 -15.82 -10.99
N ASN B 317 6.60 -14.52 -10.79
CA ASN B 317 7.40 -13.43 -11.26
C ASN B 317 8.21 -12.79 -10.09
N THR B 318 9.55 -12.87 -10.11
CA THR B 318 10.32 -12.38 -9.01
C THR B 318 10.66 -10.89 -9.16
N LEU B 319 10.63 -10.33 -10.39
CA LEU B 319 10.71 -8.86 -10.57
C LEU B 319 9.53 -8.37 -11.44
N PRO B 320 8.34 -8.32 -10.87
CA PRO B 320 7.18 -7.91 -11.60
C PRO B 320 7.16 -6.43 -11.97
N GLY B 321 6.44 -6.09 -13.00
CA GLY B 321 6.28 -4.68 -13.40
C GLY B 321 6.03 -3.86 -12.16
N PHE B 322 6.72 -2.74 -12.03
CA PHE B 322 6.70 -1.99 -10.80
C PHE B 322 6.49 -0.52 -11.01
N THR B 323 5.76 -0.13 -12.06
CA THR B 323 5.32 1.24 -12.17
C THR B 323 4.17 1.44 -11.20
N ASN B 324 3.88 2.68 -10.81
CA ASN B 324 2.84 2.90 -9.76
C ASN B 324 1.42 2.52 -10.20
N ILE B 325 1.29 2.23 -11.49
CA ILE B 325 0.12 1.67 -12.10
C ILE B 325 0.16 0.12 -12.27
N SER B 326 1.30 -0.56 -12.07
CA SER B 326 1.37 -2.01 -12.38
C SER B 326 0.60 -2.80 -11.35
N MET B 327 0.35 -4.08 -11.63
CA MET B 327 -0.42 -4.92 -10.76
C MET B 327 0.21 -5.08 -9.37
N TYR B 328 1.51 -5.37 -9.29
CA TYR B 328 2.10 -5.70 -7.97
C TYR B 328 1.88 -4.55 -6.92
N PRO B 329 2.26 -3.33 -7.27
CA PRO B 329 2.03 -2.19 -6.39
C PRO B 329 0.56 -1.84 -6.18
N LYS B 330 -0.27 -1.99 -7.21
CA LYS B 330 -1.69 -1.73 -7.07
C LYS B 330 -2.31 -2.71 -6.06
N LEU B 331 -1.82 -3.97 -6.03
CA LEU B 331 -2.37 -4.93 -5.08
C LEU B 331 -1.99 -4.56 -3.64
N TRP B 332 -0.79 -4.06 -3.43
CA TRP B 332 -0.45 -3.64 -2.10
C TRP B 332 -1.24 -2.40 -1.71
N GLN B 333 -1.42 -1.48 -2.63
CA GLN B 333 -2.19 -0.28 -2.29
C GLN B 333 -3.59 -0.64 -1.94
N ALA B 334 -4.19 -1.58 -2.65
CA ALA B 334 -5.57 -1.97 -2.33
C ALA B 334 -5.60 -2.75 -1.02
N SER B 335 -4.43 -3.13 -0.47
CA SER B 335 -4.42 -3.84 0.80
C SER B 335 -3.86 -2.94 1.95
N GLY B 336 -3.64 -1.67 1.68
CA GLY B 336 -3.24 -0.74 2.72
C GLY B 336 -1.78 -0.39 2.73
N LEU B 337 -1.01 -0.79 1.70
CA LEU B 337 0.41 -0.43 1.63
C LEU B 337 0.75 0.40 0.41
N GLY B 338 1.12 1.63 0.69
CA GLY B 338 1.40 2.62 -0.33
C GLY B 338 2.72 2.33 -1.01
N TYR B 339 2.91 2.95 -2.16
CA TYR B 339 4.00 2.67 -3.05
C TYR B 339 5.35 3.07 -2.43
N THR B 340 5.46 4.28 -1.88
CA THR B 340 6.70 4.73 -1.20
C THR B 340 7.08 3.73 -0.14
N ASP B 341 6.10 3.37 0.67
CA ASP B 341 6.32 2.47 1.76
C ASP B 341 6.61 1.03 1.32
N LEU B 342 6.06 0.59 0.19
CA LEU B 342 6.41 -0.72 -0.33
C LEU B 342 7.92 -0.69 -0.68
N ILE B 343 8.37 0.43 -1.26
CA ILE B 343 9.75 0.57 -1.71
C ILE B 343 10.70 0.49 -0.52
N SER B 344 10.34 1.20 0.57
CA SER B 344 11.11 1.13 1.78
C SER B 344 11.13 -0.24 2.39
N ARG B 345 9.99 -0.91 2.48
CA ARG B 345 10.00 -2.24 3.00
C ARG B 345 10.86 -3.23 2.18
N LEU B 346 10.83 -3.13 0.85
CA LEU B 346 11.68 -4.00 0.04
C LEU B 346 13.19 -3.79 0.31
N ILE B 347 13.58 -2.54 0.47
CA ILE B 347 14.99 -2.18 0.78
C ILE B 347 15.35 -2.76 2.15
N GLU B 348 14.45 -2.63 3.15
CA GLU B 348 14.86 -3.14 4.44
C GLU B 348 14.83 -4.67 4.52
N LEU B 349 14.00 -5.34 3.68
CA LEU B 349 14.05 -6.79 3.60
C LEU B 349 15.37 -7.22 3.02
N ALA B 350 15.81 -6.53 1.96
CA ALA B 350 17.16 -6.76 1.36
C ALA B 350 18.28 -6.72 2.39
N LEU B 351 18.24 -5.72 3.24
CA LEU B 351 19.27 -5.51 4.27
C LEU B 351 19.18 -6.56 5.35
N GLU B 352 17.99 -6.84 5.81
CA GLU B 352 17.84 -7.93 6.76
C GLU B 352 18.35 -9.29 6.20
N ARG B 353 18.00 -9.61 4.96
CA ARG B 353 18.52 -10.85 4.38
C ARG B 353 20.01 -10.85 4.25
N HIS B 354 20.60 -9.78 3.76
CA HIS B 354 22.05 -9.71 3.67
C HIS B 354 22.73 -9.94 5.04
N THR B 355 22.20 -9.33 6.10
CA THR B 355 22.78 -9.53 7.46
C THR B 355 22.59 -10.99 7.91
N ALA B 356 21.40 -11.55 7.72
CA ALA B 356 21.23 -13.00 8.02
C ALA B 356 22.19 -13.85 7.21
N ASN B 357 22.54 -13.49 5.99
CA ASN B 357 23.41 -14.36 5.22
C ASN B 357 24.83 -14.25 5.73
N ASN B 358 25.25 -13.05 6.09
CA ASN B 358 26.58 -12.87 6.65
C ASN B 358 26.81 -13.56 7.99
N ALA B 359 25.76 -13.85 8.74
CA ALA B 359 25.95 -14.54 10.01
C ALA B 359 26.21 -16.03 9.83
N LEU B 360 25.97 -16.57 8.64
CA LEU B 360 26.21 -17.96 8.42
C LEU B 360 27.72 -18.14 8.51
N LYS B 361 28.16 -19.24 9.10
CA LYS B 361 29.59 -19.51 9.26
C LYS B 361 30.09 -20.09 7.96
N THR B 362 31.34 -19.81 7.62
CA THR B 362 32.02 -20.42 6.48
C THR B 362 32.96 -21.62 6.87
N THR B 363 33.43 -21.62 8.11
CA THR B 363 34.13 -22.76 8.73
C THR B 363 33.89 -22.70 10.25
N ALA C 2 -22.12 -11.22 26.80
CA ALA C 2 -22.66 -10.30 25.75
C ALA C 2 -21.79 -9.03 25.56
N LYS C 3 -20.51 -9.11 25.16
CA LYS C 3 -19.63 -7.92 25.19
C LYS C 3 -19.96 -6.88 24.07
N LEU C 4 -19.75 -5.60 24.34
CA LEU C 4 -19.93 -4.60 23.31
C LEU C 4 -18.75 -4.63 22.36
N ARG C 5 -19.01 -4.71 21.07
CA ARG C 5 -17.95 -4.57 20.06
C ARG C 5 -17.62 -3.13 19.77
N VAL C 6 -16.46 -2.70 20.22
CA VAL C 6 -15.96 -1.35 19.99
C VAL C 6 -15.05 -1.32 18.75
N GLY C 7 -15.45 -0.60 17.71
CA GLY C 7 -14.59 -0.43 16.53
C GLY C 7 -13.68 0.80 16.72
N ILE C 8 -12.40 0.55 16.90
CA ILE C 8 -11.40 1.63 16.99
C ILE C 8 -11.04 2.02 15.56
N VAL C 9 -11.29 3.29 15.20
CA VAL C 9 -10.99 3.74 13.85
C VAL C 9 -9.75 4.60 13.94
N PHE C 10 -8.66 4.16 13.32
CA PHE C 10 -7.34 4.68 13.63
C PHE C 10 -6.45 4.71 12.40
N GLY C 11 -5.37 5.50 12.47
CA GLY C 11 -4.44 5.71 11.34
C GLY C 11 -4.84 6.90 10.50
N GLY C 12 -5.28 6.68 9.29
CA GLY C 12 -5.85 7.78 8.54
C GLY C 12 -4.91 8.50 7.59
N LYS C 13 -5.49 9.34 6.77
CA LYS C 13 -4.80 10.06 5.75
C LYS C 13 -4.39 11.35 6.43
N SER C 14 -3.22 11.38 7.06
CA SER C 14 -2.68 12.63 7.56
C SER C 14 -1.29 12.50 8.12
N ALA C 15 -0.70 13.64 8.47
CA ALA C 15 0.63 13.64 9.03
C ALA C 15 0.54 13.16 10.48
N GLU C 16 -0.66 13.16 11.03
CA GLU C 16 -0.87 12.54 12.34
C GLU C 16 -0.80 10.97 12.33
N HIS C 17 -0.58 10.37 11.16
CA HIS C 17 -0.91 8.95 10.93
C HIS C 17 -0.29 8.07 11.95
N GLU C 18 1.02 8.18 12.14
CA GLU C 18 1.70 7.36 13.13
C GLU C 18 1.27 7.76 14.58
N VAL C 19 0.83 8.99 14.79
CA VAL C 19 0.44 9.38 16.16
C VAL C 19 -0.85 8.62 16.55
N SER C 20 -1.83 8.62 15.63
CA SER C 20 -3.04 7.80 15.71
C SER C 20 -2.73 6.35 16.01
N LEU C 21 -1.69 5.82 15.38
CA LEU C 21 -1.37 4.45 15.54
C LEU C 21 -0.95 4.18 16.97
N GLN C 22 -0.17 5.12 17.54
CA GLN C 22 0.32 5.03 18.91
C GLN C 22 -0.86 5.06 19.90
N SER C 23 -1.72 6.06 19.74
CA SER C 23 -3.01 6.16 20.46
C SER C 23 -3.79 4.82 20.44
N ALA C 24 -3.93 4.23 19.26
CA ALA C 24 -4.60 2.97 19.11
C ALA C 24 -3.97 1.90 19.97
N LYS C 25 -2.66 1.72 19.84
CA LYS C 25 -2.03 0.76 20.70
C LYS C 25 -2.29 1.09 22.17
N ASN C 26 -2.29 2.37 22.56
CA ASN C 26 -2.53 2.62 23.97
C ASN C 26 -3.98 2.24 24.36
N ILE C 27 -4.97 2.66 23.56
CA ILE C 27 -6.36 2.30 23.84
C ILE C 27 -6.53 0.79 23.87
N VAL C 28 -5.96 0.08 22.89
CA VAL C 28 -6.12 -1.38 22.82
C VAL C 28 -5.55 -2.03 24.06
N ASP C 29 -4.39 -1.56 24.50
CA ASP C 29 -3.79 -2.14 25.67
C ASP C 29 -4.53 -1.86 26.97
N ALA C 30 -5.28 -0.79 27.03
CA ALA C 30 -5.81 -0.35 28.30
C ALA C 30 -7.28 -0.66 28.44
N ILE C 31 -7.97 -0.86 27.31
CA ILE C 31 -9.43 -0.95 27.31
C ILE C 31 -9.85 -2.12 28.11
N ASP C 32 -10.93 -1.95 28.88
CA ASP C 32 -11.45 -3.04 29.70
C ASP C 32 -11.98 -4.23 28.88
N LYS C 33 -11.15 -5.26 28.72
CA LYS C 33 -11.48 -6.41 27.85
C LYS C 33 -12.51 -7.31 28.50
N THR C 34 -12.81 -7.11 29.78
CA THR C 34 -13.95 -7.84 30.35
C THR C 34 -15.29 -7.29 29.87
N ARG C 35 -15.36 -5.97 29.58
CA ARG C 35 -16.59 -5.37 29.06
C ARG C 35 -16.65 -5.33 27.56
N PHE C 36 -15.51 -5.15 26.90
CA PHE C 36 -15.54 -4.80 25.47
C PHE C 36 -14.70 -5.75 24.62
N ASP C 37 -15.20 -6.15 23.46
CA ASP C 37 -14.39 -6.68 22.36
C ASP C 37 -13.98 -5.57 21.44
N VAL C 38 -12.70 -5.48 21.16
CA VAL C 38 -12.22 -4.44 20.30
C VAL C 38 -12.13 -5.01 18.88
N VAL C 39 -12.57 -4.26 17.90
CA VAL C 39 -12.25 -4.57 16.53
C VAL C 39 -11.51 -3.36 15.95
N LEU C 40 -10.44 -3.66 15.22
CA LEU C 40 -9.51 -2.65 14.75
C LEU C 40 -9.84 -2.32 13.30
N LEU C 41 -10.28 -1.09 13.10
CA LEU C 41 -10.67 -0.59 11.82
C LEU C 41 -9.56 0.38 11.39
N GLY C 42 -8.57 -0.10 10.70
CA GLY C 42 -7.42 0.72 10.33
C GLY C 42 -7.65 1.46 9.03
N ILE C 43 -7.35 2.74 9.05
CA ILE C 43 -7.44 3.55 7.90
C ILE C 43 -6.04 3.75 7.39
N ASP C 44 -5.85 3.41 6.11
CA ASP C 44 -4.73 3.79 5.25
C ASP C 44 -4.26 5.20 5.22
N LYS C 45 -3.01 5.34 4.80
CA LYS C 45 -2.49 6.64 4.42
C LYS C 45 -3.24 7.18 3.22
N ALA C 46 -3.93 6.34 2.48
CA ALA C 46 -4.80 6.81 1.41
C ALA C 46 -6.25 6.95 1.78
N GLY C 47 -6.62 6.73 3.01
CA GLY C 47 -8.03 6.89 3.37
C GLY C 47 -8.91 5.66 3.32
N GLN C 48 -8.36 4.51 2.94
CA GLN C 48 -9.12 3.26 2.86
C GLN C 48 -9.17 2.53 4.14
N TRP C 49 -10.30 1.90 4.38
CA TRP C 49 -10.57 1.18 5.61
C TRP C 49 -10.37 -0.31 5.39
N HIS C 50 -9.72 -0.95 6.38
CA HIS C 50 -9.54 -2.40 6.39
C HIS C 50 -9.75 -2.89 7.79
N VAL C 51 -10.10 -4.15 7.95
CA VAL C 51 -10.12 -4.75 9.25
C VAL C 51 -8.73 -5.25 9.54
N ASN C 52 -8.21 -4.87 10.69
CA ASN C 52 -6.95 -5.33 11.14
C ASN C 52 -7.09 -6.35 12.22
N ASP C 53 -6.02 -7.08 12.53
CA ASP C 53 -6.11 -8.09 13.56
C ASP C 53 -5.25 -7.67 14.73
N ALA C 54 -5.82 -7.56 15.94
CA ALA C 54 -4.99 -7.25 17.11
C ALA C 54 -3.59 -7.71 17.52
N GLU C 55 -3.22 -8.93 17.26
CA GLU C 55 -1.95 -9.40 17.85
C GLU C 55 -0.99 -9.19 16.73
N ASN C 56 -1.46 -8.65 15.62
CA ASN C 56 -0.54 -8.25 14.57
C ASN C 56 -1.20 -7.25 13.65
N TYR C 57 -1.28 -6.01 14.13
CA TYR C 57 -1.77 -4.92 13.34
C TYR C 57 -0.74 -3.84 13.19
N LEU C 58 0.35 -3.89 13.96
CA LEU C 58 1.38 -2.83 13.95
C LEU C 58 2.78 -3.35 13.63
N GLN C 59 3.45 -2.71 12.69
CA GLN C 59 4.86 -2.98 12.46
C GLN C 59 5.67 -2.03 13.31
N ASN C 60 6.67 -2.57 14.00
CA ASN C 60 7.65 -1.76 14.71
C ASN C 60 6.89 -0.94 15.70
N ALA C 61 6.13 -1.66 16.52
CA ALA C 61 5.21 -1.03 17.48
C ALA C 61 5.90 -0.06 18.46
N ASP C 62 7.22 -0.15 18.63
CA ASP C 62 7.98 0.77 19.53
C ASP C 62 8.70 1.90 18.79
N ASP C 63 9.36 1.51 17.71
CA ASP C 63 10.14 2.41 16.91
C ASP C 63 9.16 3.48 16.39
N PRO C 64 9.08 4.63 17.08
CA PRO C 64 7.98 5.55 16.79
C PRO C 64 8.19 6.31 15.50
N ALA C 65 9.41 6.21 14.98
CA ALA C 65 9.70 6.47 13.60
C ALA C 65 9.91 5.06 13.13
N HIS C 66 9.15 4.62 12.11
CA HIS C 66 9.10 3.21 11.63
C HIS C 66 7.89 2.36 12.13
N ILE C 67 7.07 2.89 13.05
CA ILE C 67 5.74 2.30 13.39
C ILE C 67 4.77 2.38 12.21
N ALA C 68 4.16 1.25 11.87
CA ALA C 68 3.35 1.20 10.65
C ALA C 68 2.16 0.25 10.72
N LEU C 69 1.06 0.64 10.10
CA LEU C 69 -0.12 -0.25 9.94
C LEU C 69 0.11 -1.46 9.03
N ARG C 70 -0.08 -2.66 9.54
CA ARG C 70 -0.06 -3.87 8.72
C ARG C 70 -1.14 -3.83 7.63
N PRO C 71 -0.82 -4.27 6.42
CA PRO C 71 -1.78 -4.35 5.33
C PRO C 71 -2.82 -5.38 5.64
N SER C 72 -3.88 -5.45 4.86
CA SER C 72 -4.96 -6.35 5.22
C SER C 72 -5.71 -6.67 3.96
N ALA C 73 -6.34 -7.84 3.92
CA ALA C 73 -6.99 -8.34 2.70
C ALA C 73 -8.45 -8.20 2.91
N ILE C 74 -8.82 -7.48 3.95
CA ILE C 74 -10.24 -7.26 4.23
C ILE C 74 -10.61 -5.80 4.14
N SER C 75 -11.07 -5.42 2.97
CA SER C 75 -11.40 -4.03 2.68
C SER C 75 -12.86 -3.69 3.08
N LEU C 76 -13.13 -2.50 3.62
CA LEU C 76 -14.46 -2.16 4.14
C LEU C 76 -15.26 -1.15 3.29
N ALA C 77 -16.55 -1.43 3.20
CA ALA C 77 -17.54 -0.49 2.68
C ALA C 77 -18.55 -0.28 3.79
N GLN C 78 -19.18 0.88 3.78
CA GLN C 78 -20.31 1.15 4.63
C GLN C 78 -21.62 1.24 3.82
N VAL C 79 -22.71 0.71 4.41
CA VAL C 79 -24.02 0.68 3.73
C VAL C 79 -24.92 1.71 4.41
N PRO C 80 -25.16 2.86 3.75
CA PRO C 80 -25.98 3.92 4.40
C PRO C 80 -27.41 3.46 4.71
N GLY C 81 -27.90 3.80 5.90
CA GLY C 81 -29.28 3.44 6.23
C GLY C 81 -29.45 2.13 6.98
N LYS C 82 -28.46 1.27 7.06
CA LYS C 82 -28.67 0.11 7.88
C LYS C 82 -28.50 0.46 9.38
N HIS C 83 -29.13 -0.36 10.21
CA HIS C 83 -28.97 -0.24 11.64
C HIS C 83 -28.17 -1.35 12.23
N GLN C 84 -27.84 -2.34 11.45
CA GLN C 84 -26.96 -3.41 11.89
C GLN C 84 -26.19 -3.82 10.64
N HIS C 85 -25.08 -4.54 10.81
CA HIS C 85 -24.31 -4.97 9.61
C HIS C 85 -24.04 -3.83 8.64
N GLN C 86 -23.77 -2.65 9.20
CA GLN C 86 -23.58 -1.48 8.35
C GLN C 86 -22.21 -1.47 7.69
N LEU C 87 -21.29 -2.27 8.23
CA LEU C 87 -19.96 -2.39 7.60
C LEU C 87 -19.91 -3.75 6.89
N ILE C 88 -19.56 -3.73 5.63
CA ILE C 88 -19.43 -4.93 4.79
C ILE C 88 -18.05 -5.03 4.07
N ASN C 89 -17.76 -6.21 3.57
CA ASN C 89 -16.54 -6.45 2.77
C ASN C 89 -16.76 -5.91 1.40
N ALA C 90 -15.97 -4.88 1.04
CA ALA C 90 -16.06 -4.19 -0.22
C ALA C 90 -15.78 -5.05 -1.43
N GLN C 91 -14.98 -6.11 -1.27
CA GLN C 91 -14.58 -6.94 -2.42
C GLN C 91 -15.76 -7.70 -3.03
N ASN C 92 -16.66 -8.12 -2.15
CA ASN C 92 -17.68 -9.08 -2.55
C ASN C 92 -19.01 -8.84 -1.92
N GLY C 93 -19.13 -7.83 -1.07
CA GLY C 93 -20.38 -7.57 -0.38
C GLY C 93 -20.68 -8.46 0.81
N GLN C 94 -19.76 -9.31 1.25
CA GLN C 94 -20.02 -10.18 2.39
C GLN C 94 -20.17 -9.41 3.70
N PRO C 95 -21.08 -9.92 4.57
CA PRO C 95 -21.42 -9.31 5.83
C PRO C 95 -20.31 -9.53 6.76
N LEU C 96 -20.14 -8.59 7.68
CA LEU C 96 -19.19 -8.71 8.76
C LEU C 96 -19.87 -8.39 10.07
N PRO C 97 -19.25 -8.78 11.17
CA PRO C 97 -19.98 -8.61 12.41
C PRO C 97 -20.29 -7.14 12.73
N THR C 98 -21.41 -6.90 13.41
CA THR C 98 -21.89 -5.55 13.69
C THR C 98 -20.97 -4.93 14.69
N VAL C 99 -20.56 -3.70 14.43
CA VAL C 99 -19.90 -2.87 15.41
C VAL C 99 -20.92 -2.08 16.23
N ASP C 100 -20.76 -2.06 17.56
CA ASP C 100 -21.76 -1.44 18.44
C ASP C 100 -21.47 0.00 18.72
N VAL C 101 -20.21 0.38 18.77
CA VAL C 101 -19.80 1.78 18.96
C VAL C 101 -18.47 1.98 18.27
N ILE C 102 -18.24 3.18 17.76
CA ILE C 102 -17.03 3.53 17.10
C ILE C 102 -16.32 4.48 18.01
N PHE C 103 -15.02 4.23 18.19
CA PHE C 103 -14.15 5.13 18.89
C PHE C 103 -13.12 5.67 17.88
N PRO C 104 -13.32 6.92 17.47
CA PRO C 104 -12.49 7.45 16.42
C PRO C 104 -11.29 8.17 16.99
N ILE C 105 -10.14 7.85 16.46
CA ILE C 105 -8.92 8.45 16.92
C ILE C 105 -8.02 8.82 15.73
N VAL C 106 -8.69 9.19 14.66
CA VAL C 106 -8.11 9.57 13.42
C VAL C 106 -8.04 11.09 13.54
N HIS C 107 -6.87 11.61 13.85
CA HIS C 107 -6.70 13.09 13.95
C HIS C 107 -6.47 13.47 12.51
N GLY C 108 -6.48 14.73 12.14
CA GLY C 108 -6.51 15.07 10.70
C GLY C 108 -7.85 15.63 10.16
N THR C 109 -8.03 15.53 8.83
CA THR C 109 -8.94 16.39 8.12
C THR C 109 -10.37 15.85 8.08
N LEU C 110 -10.58 14.76 7.36
CA LEU C 110 -11.88 14.14 7.35
C LEU C 110 -12.29 13.64 8.77
N GLY C 111 -11.33 13.23 9.60
CA GLY C 111 -11.63 12.63 10.88
C GLY C 111 -11.98 13.64 11.95
N GLU C 112 -11.56 14.87 11.79
CA GLU C 112 -11.91 15.81 12.84
C GLU C 112 -12.79 17.02 12.45
N ASP C 113 -13.09 17.18 11.17
CA ASP C 113 -13.82 18.30 10.65
C ASP C 113 -15.32 18.00 10.46
N GLY C 114 -15.78 16.92 11.03
CA GLY C 114 -17.18 16.51 10.93
C GLY C 114 -17.58 15.57 9.84
N SER C 115 -16.68 15.36 8.87
CA SER C 115 -16.95 14.50 7.74
C SER C 115 -17.17 13.05 8.17
N LEU C 116 -16.24 12.51 8.94
CA LEU C 116 -16.33 11.12 9.45
C LEU C 116 -17.56 10.96 10.29
N GLN C 117 -17.84 11.97 11.13
CA GLN C 117 -19.07 11.97 11.95
C GLN C 117 -20.36 11.89 11.11
N GLY C 118 -20.41 12.67 10.04
CA GLY C 118 -21.51 12.63 9.12
C GLY C 118 -21.71 11.24 8.53
N MET C 119 -20.60 10.68 8.08
CA MET C 119 -20.64 9.31 7.56
C MET C 119 -21.11 8.31 8.60
N LEU C 120 -20.63 8.43 9.82
CA LEU C 120 -21.09 7.49 10.88
C LEU C 120 -22.57 7.70 11.20
N ARG C 121 -23.02 8.96 11.12
CA ARG C 121 -24.44 9.23 11.36
C ARG C 121 -25.28 8.63 10.24
N VAL C 122 -24.85 8.73 9.01
CA VAL C 122 -25.60 8.07 7.96
C VAL C 122 -25.58 6.53 8.12
N ALA C 123 -24.54 5.96 8.74
CA ALA C 123 -24.49 4.52 8.96
C ALA C 123 -25.08 4.04 10.30
N ASN C 124 -25.68 4.96 11.01
CA ASN C 124 -26.29 4.75 12.27
C ASN C 124 -25.33 4.09 13.26
N LEU C 125 -24.07 4.47 13.24
CA LEU C 125 -23.17 3.91 14.18
C LEU C 125 -22.99 4.88 15.33
N PRO C 126 -23.28 4.45 16.55
CA PRO C 126 -22.87 5.25 17.67
C PRO C 126 -21.36 5.56 17.70
N PHE C 127 -20.98 6.72 18.25
CA PHE C 127 -19.57 7.01 18.28
C PHE C 127 -19.19 7.92 19.41
N VAL C 128 -17.97 7.74 19.87
CA VAL C 128 -17.34 8.60 20.88
C VAL C 128 -17.06 9.99 20.32
N GLY C 129 -17.41 11.02 21.10
CA GLY C 129 -16.94 12.37 20.81
C GLY C 129 -17.98 13.28 20.16
N SER C 130 -17.53 14.42 19.70
CA SER C 130 -18.41 15.45 19.22
C SER C 130 -19.07 15.08 17.92
N ASP C 131 -20.30 15.57 17.72
CA ASP C 131 -21.04 15.25 16.53
C ASP C 131 -20.60 16.18 15.37
N VAL C 132 -21.34 16.15 14.28
CA VAL C 132 -20.98 16.84 13.05
C VAL C 132 -20.72 18.34 13.24
N LEU C 133 -21.69 19.05 13.78
CA LEU C 133 -21.62 20.49 13.80
C LEU C 133 -20.53 20.97 14.72
N SER C 134 -20.52 20.44 15.93
CA SER C 134 -19.49 20.78 16.89
C SER C 134 -18.06 20.48 16.37
N SER C 135 -17.87 19.30 15.76
CA SER C 135 -16.56 18.99 15.16
C SER C 135 -16.19 20.00 14.10
N ALA C 136 -17.12 20.29 13.21
CA ALA C 136 -16.82 21.19 12.09
C ALA C 136 -16.53 22.59 12.68
N ALA C 137 -17.36 22.98 13.65
CA ALA C 137 -17.30 24.34 14.20
C ALA C 137 -16.00 24.57 14.98
N CYS C 138 -15.59 23.59 15.77
CA CYS C 138 -14.30 23.70 16.52
C CYS C 138 -13.09 23.67 15.60
N MET C 139 -13.20 23.03 14.44
CA MET C 139 -12.07 22.97 13.52
C MET C 139 -11.97 24.31 12.73
N ASP C 140 -13.06 25.03 12.56
CA ASP C 140 -12.97 26.30 11.87
C ASP C 140 -12.77 27.43 12.89
N LYS C 141 -11.54 27.87 13.08
CA LYS C 141 -11.25 28.83 14.13
C LYS C 141 -12.01 30.14 14.00
N ASP C 142 -12.28 30.56 12.77
CA ASP C 142 -13.09 31.75 12.57
C ASP C 142 -14.45 31.56 13.23
N VAL C 143 -15.16 30.51 12.84
CA VAL C 143 -16.51 30.22 13.42
C VAL C 143 -16.45 30.01 14.90
N ALA C 144 -15.48 29.23 15.38
CA ALA C 144 -15.40 28.95 16.83
C ALA C 144 -15.29 30.27 17.62
N LYS C 145 -14.40 31.15 17.11
CA LYS C 145 -14.13 32.44 17.74
C LYS C 145 -15.38 33.30 17.74
N ARG C 146 -16.09 33.29 16.62
CA ARG C 146 -17.30 34.06 16.56
C ARG C 146 -18.32 33.60 17.58
N LEU C 147 -18.43 32.29 17.77
CA LEU C 147 -19.45 31.79 18.68
C LEU C 147 -19.04 32.04 20.10
N LEU C 148 -17.75 31.92 20.37
CA LEU C 148 -17.20 32.24 21.72
C LEU C 148 -17.34 33.72 22.07
N ARG C 149 -17.04 34.59 21.12
CA ARG C 149 -17.20 36.03 21.34
C ARG C 149 -18.68 36.32 21.62
N ASP C 150 -19.58 35.72 20.84
CA ASP C 150 -20.99 35.95 21.05
C ASP C 150 -21.45 35.42 22.40
N ALA C 151 -20.73 34.47 22.98
CA ALA C 151 -21.07 33.98 24.28
C ALA C 151 -20.50 34.91 25.35
N GLY C 152 -19.79 35.93 24.95
CA GLY C 152 -19.12 36.79 25.93
C GLY C 152 -17.89 36.17 26.57
N LEU C 153 -17.30 35.13 25.98
CA LEU C 153 -16.00 34.60 26.48
C LEU C 153 -14.87 35.32 25.77
N ASN C 154 -13.70 35.38 26.37
CA ASN C 154 -12.56 36.07 25.83
C ASN C 154 -11.82 35.29 24.79
N ILE C 155 -11.42 35.99 23.74
CA ILE C 155 -10.81 35.40 22.54
C ILE C 155 -9.72 36.40 22.13
N ALA C 156 -8.64 35.97 21.47
CA ALA C 156 -7.68 36.93 20.92
C ALA C 156 -8.44 37.78 19.91
N PRO C 157 -8.34 39.11 20.01
CA PRO C 157 -8.96 39.92 18.96
C PRO C 157 -8.39 39.59 17.58
N PHE C 158 -9.24 39.63 16.56
CA PHE C 158 -8.81 39.15 15.26
C PHE C 158 -9.63 39.71 14.13
N ILE C 159 -9.15 39.46 12.92
CA ILE C 159 -9.99 39.65 11.78
C ILE C 159 -9.81 38.43 10.90
N THR C 160 -10.72 38.24 9.98
CA THR C 160 -10.71 37.06 9.21
C THR C 160 -10.61 37.43 7.75
N LEU C 161 -9.60 36.91 7.08
CA LEU C 161 -9.43 37.21 5.65
C LEU C 161 -10.02 36.12 4.77
N THR C 162 -10.66 36.55 3.69
CA THR C 162 -11.18 35.68 2.67
C THR C 162 -10.43 36.02 1.41
N ARG C 163 -10.59 35.21 0.38
CA ARG C 163 -9.96 35.52 -0.90
C ARG C 163 -10.46 36.88 -1.46
N THR C 164 -11.76 37.15 -1.37
CA THR C 164 -12.35 38.41 -1.92
C THR C 164 -12.04 39.68 -1.12
N ASN C 165 -11.69 39.57 0.16
CA ASN C 165 -11.43 40.76 0.99
C ASN C 165 -9.98 40.96 1.41
N ARG C 166 -9.14 40.01 1.01
CA ARG C 166 -7.80 39.85 1.55
C ARG C 166 -6.96 41.10 1.48
N HIS C 167 -7.14 41.92 0.45
CA HIS C 167 -6.22 43.05 0.27
C HIS C 167 -6.82 44.37 0.66
N ALA C 168 -8.14 44.40 0.88
CA ALA C 168 -8.75 45.53 1.57
C ALA C 168 -7.84 45.87 2.74
N PHE C 169 -7.52 44.84 3.52
CA PHE C 169 -6.85 45.04 4.78
C PHE C 169 -5.35 45.21 4.61
N SER C 170 -4.88 46.43 4.74
CA SER C 170 -3.45 46.68 4.66
C SER C 170 -2.80 46.52 6.04
N PHE C 171 -1.48 46.26 6.04
CA PHE C 171 -0.76 45.86 7.24
C PHE C 171 -0.73 46.93 8.35
N ALA C 172 -0.65 48.19 7.95
CA ALA C 172 -0.76 49.30 8.92
C ALA C 172 -2.16 49.37 9.52
N GLU C 173 -3.17 49.11 8.68
CA GLU C 173 -4.58 49.07 9.09
C GLU C 173 -4.91 47.94 10.10
N VAL C 174 -4.34 46.76 9.85
CA VAL C 174 -4.50 45.62 10.72
C VAL C 174 -3.71 45.86 11.98
N GLU C 175 -2.50 46.42 11.83
CA GLU C 175 -1.63 46.73 12.96
C GLU C 175 -2.26 47.72 13.91
N SER C 176 -2.93 48.73 13.34
CA SER C 176 -3.59 49.76 14.14
C SER C 176 -4.70 49.12 14.94
N ARG C 177 -5.40 48.19 14.31
CA ARG C 177 -6.49 47.43 14.95
C ARG C 177 -6.02 46.41 15.98
N LEU C 178 -5.05 45.59 15.64
CA LEU C 178 -4.73 44.41 16.46
C LEU C 178 -3.43 44.53 17.22
N GLY C 179 -2.61 45.50 16.86
CA GLY C 179 -1.28 45.59 17.43
C GLY C 179 -0.33 44.63 16.76
N LEU C 180 0.89 44.54 17.30
CA LEU C 180 1.90 43.55 16.92
C LEU C 180 2.43 42.91 18.20
N PRO C 181 3.01 41.73 18.11
CA PRO C 181 3.01 40.87 16.96
C PRO C 181 1.58 40.34 16.70
N LEU C 182 1.36 39.87 15.48
CA LEU C 182 0.13 39.22 15.07
C LEU C 182 0.48 37.76 14.89
N PHE C 183 -0.51 36.88 14.97
CA PHE C 183 -0.42 35.50 14.48
C PHE C 183 -1.36 35.29 13.27
N VAL C 184 -0.88 34.61 12.25
CA VAL C 184 -1.63 34.46 11.00
C VAL C 184 -1.81 32.97 10.84
N LYS C 185 -3.06 32.52 10.75
CA LYS C 185 -3.35 31.11 10.58
C LYS C 185 -4.47 30.78 9.61
N PRO C 186 -4.31 29.63 8.92
CA PRO C 186 -5.42 29.12 8.17
C PRO C 186 -6.57 28.85 9.12
N ALA C 187 -7.76 29.08 8.66
CA ALA C 187 -8.93 28.91 9.53
C ALA C 187 -9.07 27.47 9.99
N ASN C 188 -8.92 26.54 9.06
CA ASN C 188 -9.04 25.08 9.27
C ASN C 188 -7.69 24.60 8.87
N GLN C 189 -6.82 24.13 9.75
CA GLN C 189 -6.98 22.93 10.57
C GLN C 189 -6.55 23.14 12.01
N GLY C 190 -5.47 22.45 12.35
CA GLY C 190 -4.61 22.77 13.47
C GLY C 190 -3.18 22.40 13.07
N SER C 191 -2.38 22.02 14.06
CA SER C 191 -1.01 21.52 13.82
C SER C 191 -0.03 22.60 13.35
N SER C 192 -0.05 23.78 13.96
CA SER C 192 0.88 24.89 13.63
C SER C 192 1.09 25.14 12.09
N VAL C 193 0.57 24.26 11.25
CA VAL C 193 0.97 24.24 9.85
C VAL C 193 0.30 25.39 9.10
N GLY C 194 1.15 26.24 8.55
CA GLY C 194 0.75 27.51 8.00
C GLY C 194 0.59 28.58 9.06
N VAL C 195 0.94 28.33 10.32
CA VAL C 195 0.86 29.40 11.33
C VAL C 195 2.12 30.25 11.24
N SER C 196 1.97 31.56 11.29
CA SER C 196 3.12 32.48 11.36
C SER C 196 2.90 33.58 12.38
N LYS C 197 3.92 33.85 13.19
CA LYS C 197 3.98 35.02 14.07
C LYS C 197 4.63 36.10 13.25
N VAL C 198 4.01 37.27 13.21
CA VAL C 198 4.35 38.34 12.31
C VAL C 198 4.73 39.58 13.14
N ALA C 199 5.92 40.13 12.87
CA ALA C 199 6.43 41.33 13.55
C ALA C 199 6.44 42.54 12.61
N ASN C 200 6.12 42.35 11.33
CA ASN C 200 6.22 43.40 10.33
C ASN C 200 5.53 43.14 8.97
N GLU C 201 5.49 44.22 8.22
CA GLU C 201 4.91 44.27 6.89
C GLU C 201 5.38 43.09 6.00
N ALA C 202 6.67 42.81 5.97
CA ALA C 202 7.17 41.76 5.09
C ALA C 202 6.65 40.42 5.54
N GLN C 203 6.69 40.21 6.84
CA GLN C 203 6.34 38.93 7.38
C GLN C 203 4.84 38.71 7.11
N TYR C 204 4.08 39.79 7.23
CA TYR C 204 2.63 39.71 7.15
C TYR C 204 2.22 39.20 5.80
N GLN C 205 2.76 39.80 4.74
CA GLN C 205 2.38 39.40 3.39
C GLN C 205 2.84 38.02 2.99
N GLN C 206 3.98 37.58 3.50
CA GLN C 206 4.37 36.18 3.36
C GLN C 206 3.44 35.25 4.11
N ALA C 207 3.09 35.64 5.34
CA ALA C 207 2.32 34.75 6.22
C ALA C 207 0.92 34.57 5.65
N VAL C 208 0.34 35.65 5.15
CA VAL C 208 -0.97 35.61 4.56
C VAL C 208 -0.99 34.76 3.32
N ALA C 209 0.00 34.90 2.43
CA ALA C 209 -0.02 34.11 1.18
C ALA C 209 0.11 32.63 1.53
N LEU C 210 0.93 32.35 2.54
CA LEU C 210 1.20 30.96 2.92
C LEU C 210 -0.09 30.32 3.49
N ALA C 211 -0.73 31.02 4.41
CA ALA C 211 -1.95 30.47 5.03
C ALA C 211 -3.02 30.19 3.98
N PHE C 212 -3.10 31.04 2.95
CA PHE C 212 -4.03 30.89 1.83
C PHE C 212 -3.71 29.71 0.95
N GLU C 213 -2.58 29.07 1.20
CA GLU C 213 -2.26 27.85 0.51
C GLU C 213 -2.89 26.67 1.19
N PHE C 214 -3.31 26.86 2.43
CA PHE C 214 -3.87 25.79 3.22
C PHE C 214 -5.39 25.86 3.42
N ASP C 215 -5.97 27.06 3.37
CA ASP C 215 -7.42 27.20 3.50
C ASP C 215 -7.92 28.39 2.68
N HIS C 216 -9.23 28.51 2.51
CA HIS C 216 -9.76 29.65 1.81
C HIS C 216 -10.04 30.78 2.76
N LYS C 217 -9.69 30.60 4.01
CA LYS C 217 -9.99 31.59 5.03
C LYS C 217 -8.81 31.66 5.98
N VAL C 218 -8.42 32.89 6.35
CA VAL C 218 -7.25 33.08 7.16
C VAL C 218 -7.57 33.95 8.35
N VAL C 219 -7.17 33.51 9.54
CA VAL C 219 -7.37 34.27 10.77
C VAL C 219 -6.11 35.03 11.11
N VAL C 220 -6.26 36.33 11.42
CA VAL C 220 -5.20 37.19 11.87
C VAL C 220 -5.57 37.71 13.23
N GLU C 221 -4.75 37.33 14.20
CA GLU C 221 -5.00 37.48 15.62
C GLU C 221 -3.98 38.38 16.26
N GLN C 222 -4.45 39.18 17.21
CA GLN C 222 -3.56 39.85 18.18
C GLN C 222 -2.81 38.81 19.01
N GLY C 223 -1.52 39.04 19.15
CA GLY C 223 -0.65 38.14 19.92
C GLY C 223 -0.92 38.37 21.39
N ILE C 224 -1.07 37.28 22.14
CA ILE C 224 -1.49 37.35 23.52
C ILE C 224 -0.28 37.02 24.33
N LYS C 225 -0.02 37.74 25.42
CA LYS C 225 1.14 37.45 26.31
C LYS C 225 0.58 36.67 27.52
N GLY C 226 1.08 35.47 27.77
CA GLY C 226 0.55 34.69 28.90
C GLY C 226 0.97 33.24 28.92
N ARG C 227 0.68 32.52 30.00
CA ARG C 227 1.07 31.11 30.06
C ARG C 227 0.08 30.26 29.28
N GLU C 228 0.53 29.12 28.79
CA GLU C 228 -0.32 28.26 28.00
C GLU C 228 -0.82 27.17 28.87
N ILE C 229 -2.13 27.15 29.07
CA ILE C 229 -2.77 26.23 30.00
C ILE C 229 -3.81 25.39 29.27
N GLU C 230 -4.00 24.17 29.72
CA GLU C 230 -4.90 23.27 29.06
C GLU C 230 -5.75 22.55 30.05
N CYS C 231 -6.97 22.23 29.64
CA CYS C 231 -7.95 21.57 30.53
C CYS C 231 -8.75 20.55 29.74
N ALA C 232 -8.92 19.35 30.30
CA ALA C 232 -9.69 18.27 29.69
C ALA C 232 -11.16 18.28 30.17
N VAL C 233 -12.11 18.28 29.25
CA VAL C 233 -13.50 18.27 29.60
C VAL C 233 -14.05 16.91 29.16
N LEU C 234 -14.87 16.33 30.03
CA LEU C 234 -15.45 15.02 29.81
C LEU C 234 -16.93 15.07 30.04
N GLY C 235 -17.66 14.52 29.09
CA GLY C 235 -19.09 14.25 29.27
C GLY C 235 -19.97 14.84 28.18
N ASN C 236 -21.27 14.74 28.41
CA ASN C 236 -22.30 15.23 27.52
C ASN C 236 -23.00 16.41 28.13
N ASP C 237 -24.20 16.22 28.68
CA ASP C 237 -24.93 17.33 29.29
C ASP C 237 -24.29 17.84 30.53
N ASN C 238 -23.74 16.97 31.36
CA ASN C 238 -23.20 17.49 32.66
C ASN C 238 -21.69 17.38 32.70
N PRO C 239 -21.01 18.20 31.90
CA PRO C 239 -19.57 18.05 31.74
C PRO C 239 -18.72 18.38 32.95
N GLN C 240 -17.65 17.65 33.08
CA GLN C 240 -16.70 17.83 34.16
C GLN C 240 -15.37 18.26 33.60
N ALA C 241 -14.72 19.18 34.30
CA ALA C 241 -13.39 19.67 33.96
C ALA C 241 -12.33 19.03 34.86
N SER C 242 -11.30 18.50 34.24
CA SER C 242 -10.15 17.97 34.96
C SER C 242 -9.42 19.13 35.60
N THR C 243 -8.37 18.81 36.31
CA THR C 243 -7.43 19.86 36.69
C THR C 243 -6.66 20.32 35.45
N CYS C 244 -6.17 21.57 35.49
CA CYS C 244 -5.30 22.12 34.46
C CYS C 244 -3.87 21.61 34.46
N GLY C 245 -3.27 21.69 33.28
CA GLY C 245 -1.88 21.38 33.00
C GLY C 245 -1.32 22.53 32.19
N GLU C 246 0.01 22.68 32.21
CA GLU C 246 0.63 23.82 31.55
C GLU C 246 1.67 23.29 30.64
N ILE C 247 1.95 23.97 29.54
CA ILE C 247 3.11 23.62 28.77
C ILE C 247 4.07 24.81 28.76
N VAL C 248 5.08 24.74 29.63
CA VAL C 248 6.08 25.81 29.79
C VAL C 248 7.17 25.64 28.74
N LEU C 249 7.18 26.57 27.77
CA LEU C 249 8.13 26.58 26.64
C LEU C 249 9.49 27.06 27.13
N GLY C 265 5.69 22.06 22.57
CA GLY C 265 6.15 22.79 23.76
C GLY C 265 7.45 22.27 24.37
N ALA C 266 7.97 22.98 25.40
CA ALA C 266 9.19 22.59 26.13
C ALA C 266 8.83 21.59 27.26
N GLN C 267 8.08 22.04 28.27
CA GLN C 267 7.75 21.15 29.40
C GLN C 267 6.27 21.14 29.77
N VAL C 268 5.67 19.96 29.65
CA VAL C 268 4.34 19.70 30.15
C VAL C 268 4.35 19.54 31.69
N VAL C 269 3.66 20.40 32.42
CA VAL C 269 3.58 20.28 33.88
C VAL C 269 2.13 19.99 34.30
N VAL C 270 1.90 18.80 34.87
CA VAL C 270 0.57 18.42 35.33
C VAL C 270 0.73 17.97 36.78
N PRO C 271 -0.07 18.51 37.73
CA PRO C 271 -0.97 19.65 37.53
C PRO C 271 -0.17 20.94 37.35
N ALA C 272 -0.80 21.95 36.74
CA ALA C 272 -0.10 23.17 36.43
C ALA C 272 0.07 23.96 37.71
N GLN C 273 1.24 24.53 37.94
CA GLN C 273 1.51 25.34 39.15
C GLN C 273 0.82 26.70 39.09
N ILE C 274 -0.47 26.72 39.35
CA ILE C 274 -1.21 27.97 39.37
C ILE C 274 -2.03 28.05 40.64
N PRO C 275 -2.41 29.24 41.06
CA PRO C 275 -3.31 29.25 42.21
C PRO C 275 -4.61 28.46 41.98
N SER C 276 -4.99 27.66 42.98
CA SER C 276 -6.20 26.83 42.97
C SER C 276 -7.49 27.56 42.52
N GLU C 277 -7.58 28.86 42.78
CA GLU C 277 -8.76 29.60 42.37
C GLU C 277 -8.69 30.00 40.90
N VAL C 278 -7.47 30.14 40.38
CA VAL C 278 -7.29 30.41 38.98
C VAL C 278 -7.58 29.10 38.20
N ASN C 279 -7.15 27.97 38.76
CA ASN C 279 -7.45 26.64 38.25
C ASN C 279 -8.94 26.50 38.08
N ASP C 280 -9.65 26.77 39.15
CA ASP C 280 -11.07 26.76 39.09
C ASP C 280 -11.64 27.76 38.08
N LYS C 281 -11.04 28.93 37.96
CA LYS C 281 -11.57 29.93 37.05
C LYS C 281 -11.51 29.37 35.62
N ILE C 282 -10.33 28.88 35.24
CA ILE C 282 -10.11 28.29 33.93
C ILE C 282 -11.03 27.05 33.68
N ARG C 283 -11.24 26.23 34.69
CA ARG C 283 -12.10 25.04 34.52
C ARG C 283 -13.53 25.41 34.21
N ALA C 284 -14.04 26.45 34.90
CA ALA C 284 -15.37 26.90 34.67
C ALA C 284 -15.49 27.46 33.22
N ILE C 285 -14.52 28.27 32.79
CA ILE C 285 -14.52 28.81 31.41
C ILE C 285 -14.44 27.69 30.37
N ALA C 286 -13.68 26.65 30.69
CA ALA C 286 -13.56 25.47 29.86
C ALA C 286 -14.92 24.84 29.64
N ILE C 287 -15.70 24.67 30.71
CA ILE C 287 -17.05 24.09 30.61
C ILE C 287 -17.90 25.04 29.73
N GLN C 288 -17.83 26.34 30.00
CA GLN C 288 -18.64 27.27 29.24
C GLN C 288 -18.34 27.19 27.73
N ALA C 289 -17.07 27.07 27.40
CA ALA C 289 -16.67 27.02 25.99
C ALA C 289 -17.16 25.70 25.33
N TYR C 290 -17.06 24.60 26.07
CA TYR C 290 -17.55 23.30 25.64
C TYR C 290 -19.06 23.35 25.36
N GLN C 291 -19.75 24.00 26.27
CA GLN C 291 -21.17 24.17 26.07
C GLN C 291 -21.40 25.05 24.85
N THR C 292 -20.71 26.18 24.77
CA THR C 292 -20.94 27.12 23.66
C THR C 292 -20.69 26.49 22.29
N LEU C 293 -19.66 25.62 22.21
CA LEU C 293 -19.36 24.93 20.94
C LEU C 293 -20.15 23.61 20.74
N GLY C 294 -20.99 23.25 21.69
CA GLY C 294 -21.86 22.05 21.53
C GLY C 294 -21.09 20.71 21.53
N CYS C 295 -19.92 20.67 22.17
CA CYS C 295 -19.16 19.44 22.22
C CYS C 295 -19.86 18.31 22.95
N ALA C 296 -19.40 17.10 22.69
CA ALA C 296 -19.90 15.92 23.39
C ALA C 296 -18.77 14.97 23.61
N GLY C 297 -18.92 14.11 24.60
CA GLY C 297 -17.88 13.17 24.96
C GLY C 297 -16.60 13.73 25.51
N MET C 298 -15.80 14.38 24.68
CA MET C 298 -14.57 14.97 25.22
C MET C 298 -14.09 16.19 24.41
N ALA C 299 -13.26 16.99 25.03
CA ALA C 299 -12.55 18.01 24.29
C ALA C 299 -11.47 18.49 25.22
N ARG C 300 -10.38 18.98 24.67
CA ARG C 300 -9.43 19.72 25.48
C ARG C 300 -9.52 21.18 25.12
N VAL C 301 -9.56 22.02 26.12
CA VAL C 301 -9.64 23.46 25.91
C VAL C 301 -8.28 24.07 26.19
N ASP C 302 -7.69 24.76 25.21
CA ASP C 302 -6.40 25.40 25.40
C ASP C 302 -6.56 26.91 25.54
N VAL C 303 -5.97 27.47 26.60
CA VAL C 303 -6.13 28.89 26.90
C VAL C 303 -4.81 29.55 27.20
N PHE C 304 -4.80 30.90 27.12
CA PHE C 304 -3.70 31.71 27.58
C PHE C 304 -4.15 32.31 28.90
N LEU C 305 -3.26 32.20 29.90
CA LEU C 305 -3.48 32.82 31.22
C LEU C 305 -2.56 34.00 31.27
N THR C 306 -3.16 35.19 31.14
CA THR C 306 -2.38 36.43 31.14
C THR C 306 -1.95 36.81 32.57
N ALA C 307 -0.92 37.66 32.65
CA ALA C 307 -0.38 38.13 33.91
C ALA C 307 -1.32 39.02 34.69
N ASP C 308 -2.51 39.33 34.19
CA ASP C 308 -3.60 39.91 35.01
C ASP C 308 -4.64 38.82 35.35
N ASN C 309 -4.23 37.58 35.13
CA ASN C 309 -5.10 36.40 35.18
C ASN C 309 -6.39 36.46 34.34
N GLU C 310 -6.36 37.23 33.26
CA GLU C 310 -7.36 37.05 32.23
C GLU C 310 -7.14 35.66 31.62
N VAL C 311 -8.25 34.95 31.38
CA VAL C 311 -8.28 33.72 30.56
C VAL C 311 -8.75 34.00 29.13
N VAL C 312 -7.85 33.79 28.16
CA VAL C 312 -8.14 33.92 26.73
C VAL C 312 -8.12 32.55 26.05
N ILE C 313 -9.25 32.16 25.47
CA ILE C 313 -9.37 30.80 24.91
C ILE C 313 -8.66 30.73 23.52
N ASN C 314 -7.67 29.87 23.39
CA ASN C 314 -7.05 29.69 22.12
C ASN C 314 -7.74 28.64 21.20
N GLU C 315 -7.98 27.44 21.69
CA GLU C 315 -8.53 26.37 20.83
C GLU C 315 -9.43 25.48 21.65
N ILE C 316 -10.37 24.86 20.96
CA ILE C 316 -11.11 23.75 21.47
C ILE C 316 -10.77 22.59 20.58
N ASN C 317 -10.22 21.54 21.16
CA ASN C 317 -9.83 20.40 20.35
C ASN C 317 -10.76 19.23 20.62
N THR C 318 -11.49 18.77 19.62
CA THR C 318 -12.48 17.73 19.83
C THR C 318 -11.95 16.35 19.68
N LEU C 319 -10.73 16.18 19.24
CA LEU C 319 -10.16 14.84 19.30
C LEU C 319 -8.71 14.96 19.69
N PRO C 320 -8.49 15.27 21.00
CA PRO C 320 -7.14 15.51 21.51
C PRO C 320 -6.26 14.24 21.46
N GLY C 321 -4.95 14.45 21.41
CA GLY C 321 -3.99 13.34 21.48
C GLY C 321 -4.40 12.38 22.56
N PHE C 322 -4.32 11.09 22.26
CA PHE C 322 -4.82 10.11 23.20
C PHE C 322 -3.84 9.00 23.50
N THR C 323 -2.55 9.24 23.34
CA THR C 323 -1.56 8.27 23.81
C THR C 323 -1.62 8.29 25.36
N ASN C 324 -1.11 7.29 26.04
CA ASN C 324 -1.17 7.31 27.53
C ASN C 324 -0.21 8.35 28.18
N ILE C 325 0.50 9.12 27.35
CA ILE C 325 1.32 10.28 27.76
C ILE C 325 0.94 11.58 26.96
N SER C 326 -0.33 11.71 26.64
CA SER C 326 -0.82 12.89 25.93
C SER C 326 -1.47 13.70 27.01
N MET C 327 -1.71 14.98 26.73
CA MET C 327 -2.22 15.87 27.75
C MET C 327 -3.58 15.41 28.24
N TYR C 328 -4.48 14.98 27.35
CA TYR C 328 -5.87 14.75 27.76
C TYR C 328 -5.93 13.67 28.84
N PRO C 329 -5.29 12.48 28.58
CA PRO C 329 -5.35 11.43 29.64
C PRO C 329 -4.52 11.75 30.87
N LYS C 330 -3.38 12.41 30.73
CA LYS C 330 -2.64 12.81 31.91
C LYS C 330 -3.45 13.74 32.79
N LEU C 331 -4.10 14.74 32.21
CA LEU C 331 -4.90 15.69 33.00
C LEU C 331 -5.92 14.93 33.83
N TRP C 332 -6.56 13.92 33.23
CA TRP C 332 -7.52 13.11 33.99
C TRP C 332 -6.86 12.23 35.04
N GLN C 333 -5.69 11.69 34.71
CA GLN C 333 -4.86 10.95 35.69
C GLN C 333 -4.64 11.78 36.94
N ALA C 334 -4.22 13.02 36.76
CA ALA C 334 -4.00 13.97 37.84
C ALA C 334 -5.30 14.32 38.58
N SER C 335 -6.46 13.97 38.04
CA SER C 335 -7.72 14.39 38.58
C SER C 335 -8.58 13.20 39.05
N GLY C 336 -7.98 12.04 39.17
CA GLY C 336 -8.70 10.91 39.75
C GLY C 336 -9.27 9.92 38.75
N LEU C 337 -8.97 10.07 37.45
CA LEU C 337 -9.55 9.17 36.46
C LEU C 337 -8.45 8.51 35.68
N GLY C 338 -8.36 7.20 35.81
CA GLY C 338 -7.34 6.43 35.10
C GLY C 338 -7.70 6.14 33.64
N TYR C 339 -6.69 5.84 32.87
CA TYR C 339 -6.79 5.60 31.45
C TYR C 339 -7.89 4.60 31.11
N THR C 340 -7.87 3.41 31.72
CA THR C 340 -8.86 2.39 31.46
C THR C 340 -10.27 2.88 31.71
N ASP C 341 -10.39 3.60 32.82
CA ASP C 341 -11.66 4.15 33.21
C ASP C 341 -12.12 5.32 32.30
N LEU C 342 -11.17 6.13 31.83
CA LEU C 342 -11.49 7.16 30.87
C LEU C 342 -12.04 6.47 29.59
N ILE C 343 -11.35 5.46 29.08
CA ILE C 343 -11.86 4.79 27.87
C ILE C 343 -13.30 4.36 28.05
N SER C 344 -13.58 3.67 29.15
CA SER C 344 -14.94 3.13 29.38
C SER C 344 -15.98 4.23 29.49
N ARG C 345 -15.61 5.29 30.16
CA ARG C 345 -16.58 6.35 30.38
C ARG C 345 -16.90 7.03 29.02
N LEU C 346 -15.90 7.15 28.15
CA LEU C 346 -16.11 7.70 26.82
C LEU C 346 -17.06 6.84 26.00
N ILE C 347 -16.94 5.52 26.13
CA ILE C 347 -17.83 4.60 25.44
C ILE C 347 -19.26 4.75 25.99
N GLU C 348 -19.40 4.76 27.31
CA GLU C 348 -20.70 4.98 27.91
C GLU C 348 -21.36 6.26 27.42
N LEU C 349 -20.59 7.36 27.40
CA LEU C 349 -21.15 8.62 26.95
C LEU C 349 -21.69 8.46 25.54
N ALA C 350 -20.98 7.72 24.71
CA ALA C 350 -21.32 7.57 23.31
C ALA C 350 -22.69 6.92 23.17
N LEU C 351 -22.88 5.88 23.96
CA LEU C 351 -24.11 5.09 23.98
C LEU C 351 -25.29 5.88 24.61
N GLU C 352 -25.06 6.57 25.73
CA GLU C 352 -26.10 7.43 26.32
C GLU C 352 -26.63 8.42 25.27
N ARG C 353 -25.70 9.07 24.58
CA ARG C 353 -26.04 10.11 23.60
C ARG C 353 -26.82 9.53 22.46
N HIS C 354 -26.36 8.37 21.99
CA HIS C 354 -27.05 7.73 20.87
C HIS C 354 -28.49 7.41 21.27
N THR C 355 -28.64 6.93 22.49
CA THR C 355 -29.93 6.59 23.04
C THR C 355 -30.77 7.86 23.23
N ALA C 356 -30.20 8.96 23.74
CA ALA C 356 -31.05 10.18 23.86
C ALA C 356 -31.45 10.68 22.49
N ASN C 357 -30.60 10.48 21.49
CA ASN C 357 -30.96 10.88 20.13
C ASN C 357 -32.07 10.06 19.52
N ASN C 358 -32.02 8.77 19.73
CA ASN C 358 -33.08 7.87 19.31
C ASN C 358 -34.38 8.10 19.98
N ALA C 359 -34.41 8.69 21.17
CA ALA C 359 -35.67 9.01 21.84
C ALA C 359 -36.41 10.22 21.24
N LEU C 360 -35.72 11.07 20.51
CA LEU C 360 -36.39 12.25 19.93
C LEU C 360 -37.41 11.80 18.87
N LYS C 361 -38.57 12.42 18.84
CA LYS C 361 -39.51 12.24 17.75
C LYS C 361 -38.98 12.92 16.49
N THR C 362 -39.34 12.41 15.33
CA THR C 362 -39.08 13.05 14.04
C THR C 362 -40.39 13.47 13.33
N THR C 363 -41.52 12.89 13.77
CA THR C 363 -42.82 13.33 13.30
C THR C 363 -43.76 13.46 14.49
N MET C 364 -44.96 13.94 14.21
CA MET C 364 -45.97 14.31 15.21
C MET C 364 -46.73 13.10 15.74
N LYS D 3 -19.56 13.50 -21.90
CA LYS D 3 -20.64 14.11 -21.03
C LYS D 3 -20.32 13.81 -19.58
N LEU D 4 -20.48 14.77 -18.67
CA LEU D 4 -20.31 14.53 -17.21
C LEU D 4 -21.47 13.76 -16.64
N ARG D 5 -21.21 12.76 -15.82
CA ARG D 5 -22.27 12.04 -15.12
C ARG D 5 -22.64 12.74 -13.82
N VAL D 6 -23.90 13.08 -13.68
CA VAL D 6 -24.40 13.82 -12.55
C VAL D 6 -25.31 12.87 -11.75
N GLY D 7 -24.93 12.60 -10.52
CA GLY D 7 -25.68 11.71 -9.65
C GLY D 7 -26.58 12.53 -8.79
N ILE D 8 -27.88 12.38 -9.01
CA ILE D 8 -28.91 13.06 -8.25
C ILE D 8 -29.27 12.18 -7.02
N VAL D 9 -29.07 12.74 -5.83
CA VAL D 9 -29.38 12.01 -4.58
C VAL D 9 -30.66 12.65 -4.04
N PHE D 10 -31.72 11.83 -3.94
CA PHE D 10 -33.05 12.35 -3.65
C PHE D 10 -33.86 11.37 -2.81
N GLY D 11 -34.95 11.85 -2.22
CA GLY D 11 -35.86 11.01 -1.41
C GLY D 11 -35.49 11.17 0.04
N GLY D 12 -35.12 10.07 0.69
CA GLY D 12 -34.64 10.15 2.06
C GLY D 12 -35.69 9.83 3.12
N LYS D 13 -35.22 9.72 4.34
CA LYS D 13 -36.07 9.38 5.49
C LYS D 13 -36.96 10.55 5.88
N SER D 14 -36.43 11.73 5.74
CA SER D 14 -37.13 12.99 6.01
C SER D 14 -38.63 13.01 5.64
N ALA D 15 -39.41 13.77 6.42
CA ALA D 15 -40.80 14.11 6.05
C ALA D 15 -40.97 14.84 4.68
N GLU D 16 -39.91 15.50 4.20
CA GLU D 16 -39.92 16.16 2.86
C GLU D 16 -39.67 15.21 1.71
N HIS D 17 -39.73 13.91 1.98
CA HIS D 17 -39.39 12.88 0.97
C HIS D 17 -40.10 13.06 -0.35
N GLU D 18 -41.42 13.24 -0.31
CA GLU D 18 -42.21 13.40 -1.52
C GLU D 18 -41.90 14.69 -2.27
N VAL D 19 -41.64 15.78 -1.58
CA VAL D 19 -41.19 17.00 -2.23
C VAL D 19 -39.80 16.75 -2.86
N SER D 20 -38.95 15.91 -2.24
CA SER D 20 -37.62 15.60 -2.82
C SER D 20 -37.79 14.85 -4.13
N LEU D 21 -38.78 13.98 -4.19
CA LEU D 21 -39.02 13.24 -5.36
C LEU D 21 -39.44 14.13 -6.53
N GLN D 22 -40.24 15.14 -6.22
CA GLN D 22 -40.68 16.13 -7.21
C GLN D 22 -39.54 17.10 -7.58
N SER D 23 -38.73 17.50 -6.61
CA SER D 23 -37.51 18.22 -6.98
C SER D 23 -36.70 17.43 -8.00
N ALA D 24 -36.43 16.17 -7.71
CA ALA D 24 -35.60 15.38 -8.61
C ALA D 24 -36.27 15.17 -9.95
N LYS D 25 -37.56 14.89 -9.93
CA LYS D 25 -38.31 14.76 -11.20
C LYS D 25 -38.05 15.95 -12.15
N ASN D 26 -38.19 17.14 -11.60
CA ASN D 26 -38.08 18.35 -12.36
C ASN D 26 -36.62 18.67 -12.74
N ILE D 27 -35.67 18.29 -11.91
CA ILE D 27 -34.26 18.40 -12.32
C ILE D 27 -33.92 17.47 -13.50
N VAL D 28 -34.35 16.25 -13.39
CA VAL D 28 -34.11 15.25 -14.42
C VAL D 28 -34.67 15.72 -15.76
N ASP D 29 -35.87 16.27 -15.71
CA ASP D 29 -36.44 16.76 -16.94
C ASP D 29 -35.86 18.08 -17.47
N ALA D 30 -35.34 18.94 -16.62
CA ALA D 30 -34.80 20.19 -17.13
C ALA D 30 -33.28 20.12 -17.40
N ILE D 31 -32.58 19.17 -16.79
CA ILE D 31 -31.12 19.16 -16.95
C ILE D 31 -30.67 19.12 -18.44
N ASP D 32 -29.60 19.82 -18.75
CA ASP D 32 -29.10 19.85 -20.13
C ASP D 32 -28.47 18.53 -20.60
N LYS D 33 -29.19 17.77 -21.41
CA LYS D 33 -28.76 16.42 -21.79
C LYS D 33 -27.58 16.43 -22.74
N THR D 34 -27.30 17.57 -23.37
CA THR D 34 -26.15 17.61 -24.21
C THR D 34 -24.89 17.72 -23.41
N ARG D 35 -24.95 18.24 -22.17
CA ARG D 35 -23.77 18.20 -21.29
C ARG D 35 -23.75 17.05 -20.30
N PHE D 36 -24.91 16.66 -19.79
CA PHE D 36 -24.98 15.83 -18.61
C PHE D 36 -25.76 14.57 -18.87
N ASP D 37 -25.24 13.46 -18.41
CA ASP D 37 -25.98 12.21 -18.24
C ASP D 37 -26.30 12.07 -16.74
N VAL D 38 -27.53 11.68 -16.39
CA VAL D 38 -27.98 11.55 -15.01
C VAL D 38 -27.94 10.13 -14.49
N VAL D 39 -27.39 9.96 -13.32
CA VAL D 39 -27.58 8.74 -12.62
C VAL D 39 -28.44 9.05 -11.37
N LEU D 40 -29.42 8.16 -11.14
CA LEU D 40 -30.43 8.35 -10.10
C LEU D 40 -30.06 7.57 -8.84
N LEU D 41 -29.76 8.32 -7.80
CA LEU D 41 -29.33 7.76 -6.53
C LEU D 41 -30.48 7.99 -5.54
N GLY D 42 -31.51 7.17 -5.65
CA GLY D 42 -32.75 7.34 -4.87
C GLY D 42 -32.61 6.76 -3.48
N ILE D 43 -33.06 7.47 -2.49
CA ILE D 43 -33.01 6.97 -1.13
C ILE D 43 -34.44 6.74 -0.68
N ASP D 44 -34.76 5.50 -0.30
CA ASP D 44 -36.12 5.21 0.11
C ASP D 44 -36.40 5.82 1.47
N LYS D 45 -37.63 5.67 1.90
CA LYS D 45 -38.06 6.23 3.17
C LYS D 45 -37.39 5.55 4.36
N ALA D 46 -36.80 4.38 4.18
CA ALA D 46 -36.02 3.72 5.25
C ALA D 46 -34.57 4.21 5.32
N GLY D 47 -34.13 4.96 4.33
CA GLY D 47 -32.81 5.51 4.37
C GLY D 47 -31.81 4.69 3.58
N GLN D 48 -32.31 3.69 2.85
CA GLN D 48 -31.45 2.83 2.02
C GLN D 48 -31.28 3.42 0.64
N TRP D 49 -30.07 3.32 0.10
CA TRP D 49 -29.73 3.93 -1.17
C TRP D 49 -29.79 2.91 -2.32
N HIS D 50 -30.26 3.35 -3.48
CA HIS D 50 -30.36 2.51 -4.65
C HIS D 50 -29.96 3.27 -5.88
N VAL D 51 -29.78 2.52 -6.97
CA VAL D 51 -29.58 3.11 -8.26
C VAL D 51 -30.88 2.85 -8.93
N ASN D 52 -31.46 3.91 -9.49
CA ASN D 52 -32.75 3.86 -10.11
C ASN D 52 -32.60 4.11 -11.58
N ASP D 53 -33.66 3.84 -12.29
CA ASP D 53 -33.69 3.96 -13.73
C ASP D 53 -34.58 5.15 -14.12
N ALA D 54 -34.01 6.13 -14.83
CA ALA D 54 -34.76 7.33 -15.26
C ALA D 54 -36.01 7.00 -16.03
N GLU D 55 -36.03 5.85 -16.67
CA GLU D 55 -37.20 5.45 -17.44
C GLU D 55 -38.37 5.11 -16.54
N ASN D 56 -38.09 4.63 -15.33
CA ASN D 56 -39.16 4.10 -14.52
C ASN D 56 -38.75 4.08 -13.04
N TYR D 57 -38.82 5.22 -12.40
CA TYR D 57 -38.34 5.35 -11.04
C TYR D 57 -39.36 5.95 -10.10
N LEU D 58 -40.39 6.55 -10.63
CA LEU D 58 -41.44 7.04 -9.79
C LEU D 58 -42.72 6.30 -10.05
N GLN D 59 -43.53 6.18 -9.03
CA GLN D 59 -44.87 5.67 -9.18
C GLN D 59 -45.79 6.82 -8.84
N ASN D 60 -46.81 7.02 -9.67
CA ASN D 60 -47.75 8.10 -9.45
C ASN D 60 -47.06 9.43 -9.53
N ALA D 61 -46.25 9.61 -10.54
CA ALA D 61 -45.39 10.76 -10.61
C ALA D 61 -46.17 12.05 -10.66
N ASP D 62 -47.43 11.95 -10.97
CA ASP D 62 -48.33 13.10 -11.09
C ASP D 62 -48.92 13.50 -9.75
N ASP D 63 -49.59 12.56 -9.10
CA ASP D 63 -50.25 12.80 -7.84
C ASP D 63 -49.21 12.93 -6.74
N PRO D 64 -48.94 14.16 -6.23
CA PRO D 64 -48.07 14.35 -5.07
C PRO D 64 -48.47 13.56 -3.83
N ALA D 65 -49.78 13.38 -3.63
CA ALA D 65 -50.27 12.37 -2.71
C ALA D 65 -49.85 11.03 -3.32
N HIS D 66 -49.30 10.17 -2.50
CA HIS D 66 -48.87 8.86 -3.01
C HIS D 66 -47.89 8.82 -4.23
N ILE D 67 -47.15 9.90 -4.52
CA ILE D 67 -45.92 9.76 -5.35
C ILE D 67 -44.90 8.93 -4.55
N ALA D 68 -44.28 7.95 -5.18
CA ALA D 68 -43.36 7.08 -4.44
C ALA D 68 -42.16 6.74 -5.27
N LEU D 69 -41.03 6.51 -4.61
CA LEU D 69 -39.88 5.91 -5.28
C LEU D 69 -40.16 4.41 -5.56
N ARG D 70 -40.05 4.00 -6.81
CA ARG D 70 -40.13 2.58 -7.14
C ARG D 70 -38.95 1.79 -6.56
N PRO D 71 -39.19 0.63 -5.97
CA PRO D 71 -38.08 -0.17 -5.41
C PRO D 71 -37.06 -0.59 -6.44
N SER D 72 -35.85 -0.92 -6.00
CA SER D 72 -34.74 -1.31 -6.90
C SER D 72 -34.02 -2.54 -6.35
N ALA D 73 -33.40 -3.32 -7.26
CA ALA D 73 -32.62 -4.50 -6.89
C ALA D 73 -31.17 -4.12 -6.55
N ILE D 74 -30.81 -2.87 -6.76
CA ILE D 74 -29.43 -2.44 -6.68
C ILE D 74 -29.40 -1.55 -5.42
N SER D 75 -28.87 -2.10 -4.33
CA SER D 75 -28.54 -1.36 -3.11
C SER D 75 -27.11 -0.92 -3.08
N LEU D 76 -26.87 0.24 -2.46
CA LEU D 76 -25.59 0.89 -2.55
C LEU D 76 -24.76 0.87 -1.30
N ALA D 77 -23.45 0.69 -1.49
CA ALA D 77 -22.52 0.91 -0.40
C ALA D 77 -21.44 1.93 -0.85
N GLN D 78 -20.72 2.49 0.10
CA GLN D 78 -19.61 3.38 -0.18
C GLN D 78 -18.34 2.79 0.35
N VAL D 79 -17.30 2.89 -0.47
CA VAL D 79 -15.97 2.42 -0.13
C VAL D 79 -15.13 3.67 0.11
N PRO D 80 -14.88 4.00 1.36
CA PRO D 80 -14.07 5.21 1.57
C PRO D 80 -12.67 5.07 1.09
N GLY D 81 -12.08 6.19 0.71
CA GLY D 81 -10.66 6.19 0.48
C GLY D 81 -10.45 5.98 -1.00
N LYS D 82 -11.51 5.91 -1.80
CA LYS D 82 -11.39 5.70 -3.22
C LYS D 82 -11.74 6.95 -4.03
N HIS D 83 -11.08 7.10 -5.18
CA HIS D 83 -11.29 8.27 -6.05
C HIS D 83 -12.05 7.93 -7.30
N GLN D 84 -12.36 6.66 -7.49
CA GLN D 84 -13.35 6.27 -8.46
C GLN D 84 -14.02 5.00 -8.00
N HIS D 85 -15.17 4.69 -8.61
CA HIS D 85 -15.88 3.49 -8.17
C HIS D 85 -16.14 3.54 -6.63
N GLN D 86 -16.37 4.73 -6.09
CA GLN D 86 -16.62 4.90 -4.67
C GLN D 86 -17.90 4.21 -4.25
N LEU D 87 -18.87 4.12 -5.14
CA LEU D 87 -20.11 3.45 -4.86
C LEU D 87 -20.16 2.06 -5.49
N ILE D 88 -20.65 1.08 -4.74
CA ILE D 88 -20.74 -0.31 -5.19
C ILE D 88 -22.09 -0.91 -4.85
N ASN D 89 -22.44 -1.93 -5.59
CA ASN D 89 -23.54 -2.79 -5.26
C ASN D 89 -23.22 -3.45 -3.94
N ALA D 90 -24.03 -3.20 -2.92
CA ALA D 90 -23.79 -3.75 -1.56
C ALA D 90 -23.87 -5.25 -1.56
N GLN D 91 -24.53 -5.79 -2.56
CA GLN D 91 -24.72 -7.23 -2.58
C GLN D 91 -23.56 -8.07 -3.10
N ASN D 92 -22.81 -7.58 -4.05
CA ASN D 92 -21.74 -8.42 -4.62
C ASN D 92 -20.42 -7.68 -4.82
N GLY D 93 -20.35 -6.44 -4.38
CA GLY D 93 -19.16 -5.66 -4.54
C GLY D 93 -18.96 -5.05 -5.92
N GLN D 94 -19.91 -5.18 -6.82
CA GLN D 94 -19.71 -4.61 -8.12
C GLN D 94 -19.81 -3.07 -8.11
N PRO D 95 -18.83 -2.38 -8.63
CA PRO D 95 -18.82 -0.92 -8.60
C PRO D 95 -19.74 -0.31 -9.65
N LEU D 96 -20.47 0.72 -9.30
CA LEU D 96 -21.12 1.56 -10.31
C LEU D 96 -20.07 2.40 -11.03
N PRO D 97 -20.28 2.71 -12.29
CA PRO D 97 -19.33 3.62 -12.96
C PRO D 97 -19.26 4.96 -12.24
N THR D 98 -18.10 5.58 -12.25
CA THR D 98 -17.92 6.68 -11.32
C THR D 98 -18.79 7.85 -11.75
N VAL D 99 -19.30 8.58 -10.77
CA VAL D 99 -20.13 9.72 -10.98
C VAL D 99 -19.18 10.89 -10.95
N ASP D 100 -19.38 11.89 -11.81
CA ASP D 100 -18.51 13.06 -11.82
C ASP D 100 -18.89 14.15 -10.80
N VAL D 101 -20.19 14.33 -10.52
CA VAL D 101 -20.66 15.29 -9.53
C VAL D 101 -21.95 14.77 -8.94
N ILE D 102 -22.22 15.17 -7.72
CA ILE D 102 -23.45 14.82 -7.03
C ILE D 102 -24.29 16.10 -6.87
N PHE D 103 -25.57 16.02 -7.20
CA PHE D 103 -26.53 17.10 -6.92
C PHE D 103 -27.41 16.54 -5.83
N PRO D 104 -27.21 16.97 -4.57
CA PRO D 104 -28.08 16.50 -3.49
C PRO D 104 -29.36 17.29 -3.46
N ILE D 105 -30.46 16.60 -3.38
CA ILE D 105 -31.72 17.32 -3.26
C ILE D 105 -32.70 16.61 -2.29
N VAL D 106 -32.11 15.97 -1.27
CA VAL D 106 -32.77 15.46 -0.10
C VAL D 106 -32.94 16.63 0.87
N HIS D 107 -34.17 17.16 0.97
CA HIS D 107 -34.52 18.24 1.96
C HIS D 107 -34.62 17.70 3.39
N GLY D 108 -34.28 18.54 4.34
CA GLY D 108 -34.27 18.18 5.73
C GLY D 108 -33.16 17.28 6.20
N THR D 109 -33.50 16.40 7.11
CA THR D 109 -32.60 15.66 7.97
C THR D 109 -31.33 15.05 7.41
N LEU D 110 -31.30 14.45 6.28
CA LEU D 110 -29.97 13.88 6.02
C LEU D 110 -29.21 14.81 5.14
N GLY D 111 -29.94 15.35 4.19
CA GLY D 111 -29.39 16.16 3.16
C GLY D 111 -29.00 17.55 3.55
N GLU D 112 -29.63 18.14 4.53
CA GLU D 112 -29.35 19.50 4.84
C GLU D 112 -28.57 19.69 6.13
N ASP D 113 -28.30 18.65 6.87
CA ASP D 113 -27.66 18.87 8.15
C ASP D 113 -26.18 18.59 8.23
N GLY D 114 -25.54 18.45 7.10
CA GLY D 114 -24.08 18.24 7.01
C GLY D 114 -23.65 16.79 6.89
N SER D 115 -24.57 15.90 7.22
CA SER D 115 -24.30 14.48 7.21
C SER D 115 -24.02 13.93 5.87
N LEU D 116 -24.90 14.22 4.93
CA LEU D 116 -24.71 13.71 3.54
C LEU D 116 -23.42 14.32 2.99
N GLN D 117 -23.14 15.59 3.34
CA GLN D 117 -22.03 16.32 2.78
C GLN D 117 -20.72 15.67 3.29
N GLY D 118 -20.76 15.20 4.53
CA GLY D 118 -19.64 14.51 5.16
C GLY D 118 -19.29 13.21 4.42
N MET D 119 -20.31 12.45 4.10
CA MET D 119 -20.11 11.23 3.33
C MET D 119 -19.60 11.52 1.94
N LEU D 120 -20.07 12.59 1.33
CA LEU D 120 -19.64 12.93 -0.03
C LEU D 120 -18.15 13.40 -0.01
N ARG D 121 -17.75 14.00 1.09
CA ARG D 121 -16.37 14.39 1.30
C ARG D 121 -15.44 13.16 1.47
N VAL D 122 -15.89 12.19 2.24
CA VAL D 122 -15.20 10.95 2.37
C VAL D 122 -15.06 10.29 0.97
N ALA D 123 -16.13 10.31 0.13
CA ALA D 123 -16.04 9.78 -1.23
C ALA D 123 -15.21 10.57 -2.23
N ASN D 124 -14.65 11.70 -1.81
CA ASN D 124 -14.05 12.66 -2.71
C ASN D 124 -14.91 13.08 -3.92
N LEU D 125 -16.22 13.13 -3.79
CA LEU D 125 -17.06 13.44 -4.96
C LEU D 125 -17.32 14.93 -5.04
N PRO D 126 -17.15 15.56 -6.19
CA PRO D 126 -17.68 16.92 -6.18
C PRO D 126 -19.22 16.97 -5.94
N PHE D 127 -19.70 18.02 -5.31
CA PHE D 127 -21.10 18.15 -5.00
C PHE D 127 -21.63 19.56 -5.00
N VAL D 128 -22.86 19.69 -5.46
CA VAL D 128 -23.61 20.94 -5.33
C VAL D 128 -24.06 21.27 -3.90
N GLY D 129 -24.03 22.56 -3.62
CA GLY D 129 -24.49 23.08 -2.39
C GLY D 129 -23.44 23.31 -1.32
N SER D 130 -23.92 23.63 -0.13
CA SER D 130 -23.10 24.03 0.98
C SER D 130 -22.42 22.83 1.56
N ASP D 131 -21.30 23.07 2.20
CA ASP D 131 -20.47 21.99 2.73
C ASP D 131 -20.89 21.62 4.13
N VAL D 132 -20.09 20.80 4.80
CA VAL D 132 -20.50 20.20 6.09
C VAL D 132 -20.94 21.27 7.14
N LEU D 133 -20.04 22.19 7.45
CA LEU D 133 -20.22 23.14 8.54
C LEU D 133 -21.38 24.11 8.25
N SER D 134 -21.31 24.76 7.10
CA SER D 134 -22.45 25.61 6.66
C SER D 134 -23.80 24.84 6.64
N SER D 135 -23.85 23.59 6.16
CA SER D 135 -25.14 22.86 6.17
C SER D 135 -25.60 22.59 7.61
N ALA D 136 -24.68 22.23 8.48
CA ALA D 136 -25.08 21.93 9.83
C ALA D 136 -25.45 23.19 10.61
N ALA D 137 -24.73 24.26 10.35
CA ALA D 137 -24.94 25.57 10.96
C ALA D 137 -26.30 26.20 10.58
N CYS D 138 -26.63 26.21 9.29
CA CYS D 138 -27.92 26.70 8.85
C CYS D 138 -29.10 25.88 9.40
N MET D 139 -28.90 24.59 9.62
CA MET D 139 -29.96 23.71 10.10
C MET D 139 -30.13 23.91 11.59
N ASP D 140 -29.09 24.30 12.31
CA ASP D 140 -29.27 24.59 13.73
C ASP D 140 -29.58 26.06 13.97
N LYS D 141 -30.85 26.33 14.18
CA LYS D 141 -31.34 27.73 14.22
C LYS D 141 -30.67 28.48 15.35
N ASP D 142 -30.31 27.80 16.43
CA ASP D 142 -29.65 28.48 17.54
C ASP D 142 -28.27 28.92 17.08
N VAL D 143 -27.48 28.00 16.52
CA VAL D 143 -26.17 28.47 15.99
C VAL D 143 -26.24 29.48 14.86
N ALA D 144 -27.13 29.26 13.89
CA ALA D 144 -27.31 30.20 12.82
C ALA D 144 -27.59 31.63 13.34
N LYS D 145 -28.50 31.75 14.32
CA LYS D 145 -28.92 33.06 14.78
C LYS D 145 -27.79 33.71 15.55
N ARG D 146 -27.04 32.86 16.25
CA ARG D 146 -25.95 33.40 17.04
C ARG D 146 -24.85 33.96 16.11
N LEU D 147 -24.55 33.26 15.02
CA LEU D 147 -23.56 33.77 14.06
C LEU D 147 -24.07 35.02 13.42
N LEU D 148 -25.34 35.01 13.01
CA LEU D 148 -25.92 36.18 12.37
C LEU D 148 -25.95 37.36 13.32
N ARG D 149 -26.20 37.08 14.60
CA ARG D 149 -26.25 38.17 15.59
C ARG D 149 -24.85 38.75 15.77
N ASP D 150 -23.88 37.86 15.84
CA ASP D 150 -22.48 38.27 15.89
C ASP D 150 -22.03 39.04 14.64
N ALA D 151 -22.60 38.77 13.47
CA ALA D 151 -22.34 39.62 12.30
C ALA D 151 -23.06 40.98 12.35
N GLY D 152 -23.86 41.26 13.37
CA GLY D 152 -24.55 42.56 13.45
C GLY D 152 -25.76 42.55 12.51
N LEU D 153 -26.29 41.37 12.18
CA LEU D 153 -27.46 41.33 11.27
C LEU D 153 -28.76 41.27 12.09
N ASN D 154 -29.91 41.73 11.56
CA ASN D 154 -31.19 41.67 12.33
C ASN D 154 -31.83 40.31 12.35
N ILE D 155 -32.04 39.76 13.54
CA ILE D 155 -32.77 38.53 13.77
C ILE D 155 -33.80 38.82 14.91
N ALA D 156 -34.79 37.97 15.11
CA ALA D 156 -35.72 38.11 16.22
C ALA D 156 -34.96 37.84 17.50
N PRO D 157 -35.09 38.70 18.50
CA PRO D 157 -34.46 38.44 19.77
C PRO D 157 -34.95 37.11 20.28
N PHE D 158 -34.11 36.43 21.04
CA PHE D 158 -34.37 35.02 21.35
C PHE D 158 -33.62 34.54 22.54
N ILE D 159 -34.09 33.47 23.14
CA ILE D 159 -33.29 32.70 24.05
C ILE D 159 -33.37 31.24 23.59
N THR D 160 -32.37 30.45 23.94
CA THR D 160 -32.37 29.07 23.59
C THR D 160 -32.33 28.21 24.85
N LEU D 161 -33.34 27.34 24.98
CA LEU D 161 -33.46 26.45 26.11
C LEU D 161 -32.73 25.16 25.82
N THR D 162 -32.07 24.65 26.83
CA THR D 162 -31.45 23.34 26.81
C THR D 162 -32.04 22.53 27.95
N ARG D 163 -31.76 21.25 27.95
CA ARG D 163 -32.16 20.41 29.06
C ARG D 163 -31.67 20.93 30.43
N THR D 164 -30.48 21.53 30.48
CA THR D 164 -29.91 21.93 31.75
C THR D 164 -30.19 23.39 32.14
N ASN D 165 -30.66 24.24 31.23
CA ASN D 165 -31.09 25.57 31.61
C ASN D 165 -32.60 25.76 31.54
N ARG D 166 -33.30 24.70 31.16
CA ARG D 166 -34.72 24.77 30.82
C ARG D 166 -35.58 25.50 31.84
N HIS D 167 -35.36 25.22 33.09
CA HIS D 167 -36.29 25.70 34.09
C HIS D 167 -35.75 26.90 34.84
N ALA D 168 -34.55 27.34 34.50
CA ALA D 168 -34.06 28.64 34.96
C ALA D 168 -34.76 29.79 34.22
N PHE D 169 -35.69 29.48 33.30
CA PHE D 169 -36.51 30.54 32.65
C PHE D 169 -38.03 30.46 32.87
N SER D 170 -38.57 31.22 33.82
CA SER D 170 -40.02 31.22 33.97
C SER D 170 -40.62 31.92 32.79
N PHE D 171 -41.91 31.71 32.54
CA PHE D 171 -42.61 32.45 31.52
C PHE D 171 -42.63 33.94 31.81
N ALA D 172 -42.89 34.32 33.05
CA ALA D 172 -42.84 35.72 33.40
C ALA D 172 -41.55 36.37 32.88
N GLU D 173 -40.44 35.72 33.21
CA GLU D 173 -39.10 36.16 32.80
C GLU D 173 -38.81 36.14 31.29
N VAL D 174 -39.33 35.14 30.61
CA VAL D 174 -39.20 35.07 29.16
C VAL D 174 -39.97 36.26 28.56
N GLU D 175 -41.18 36.49 29.08
CA GLU D 175 -42.06 37.57 28.61
C GLU D 175 -41.45 38.96 28.79
N SER D 176 -40.83 39.14 29.94
CA SER D 176 -40.02 40.31 30.24
C SER D 176 -38.91 40.53 29.23
N ARG D 177 -38.17 39.48 28.94
CA ARG D 177 -37.04 39.62 28.02
C ARG D 177 -37.51 39.82 26.57
N LEU D 178 -38.69 39.30 26.20
CA LEU D 178 -39.01 39.15 24.77
C LEU D 178 -40.36 39.73 24.36
N GLY D 179 -41.32 39.78 25.26
CA GLY D 179 -42.65 40.28 24.90
C GLY D 179 -43.54 39.15 24.44
N LEU D 180 -44.72 39.52 23.99
CA LEU D 180 -45.67 38.57 23.43
C LEU D 180 -46.09 39.09 22.07
N PRO D 181 -46.49 38.21 21.17
CA PRO D 181 -46.39 36.81 21.33
C PRO D 181 -44.98 36.33 21.05
N LEU D 182 -44.81 35.03 21.25
CA LEU D 182 -43.57 34.35 21.08
C LEU D 182 -43.75 33.22 20.13
N PHE D 183 -42.65 32.74 19.58
CA PHE D 183 -42.62 31.55 18.78
C PHE D 183 -41.60 30.62 19.42
N VAL D 184 -41.95 29.34 19.55
CA VAL D 184 -41.16 28.33 20.20
C VAL D 184 -40.94 27.25 19.17
N LYS D 185 -39.68 26.89 18.95
CA LYS D 185 -39.31 25.88 17.94
C LYS D 185 -38.13 25.03 18.36
N PRO D 186 -38.14 23.77 17.95
CA PRO D 186 -36.95 22.97 18.12
C PRO D 186 -35.76 23.63 17.35
N ALA D 187 -34.55 23.56 17.87
CA ALA D 187 -33.45 24.26 17.24
C ALA D 187 -33.23 23.63 15.87
N ASN D 188 -33.37 22.32 15.77
CA ASN D 188 -33.06 21.60 14.54
C ASN D 188 -34.22 20.83 14.12
N GLN D 189 -35.04 21.34 13.23
CA GLN D 189 -36.09 20.43 12.79
C GLN D 189 -36.38 20.61 11.35
N GLY D 190 -37.19 21.64 11.05
CA GLY D 190 -38.05 21.69 9.83
C GLY D 190 -39.18 20.66 9.92
N SER D 191 -40.43 20.99 9.62
CA SER D 191 -40.83 22.15 8.82
C SER D 191 -42.22 22.62 9.26
N SER D 192 -42.20 23.77 9.93
CA SER D 192 -43.10 24.10 11.02
C SER D 192 -43.42 22.96 12.08
N VAL D 193 -42.74 21.81 12.11
CA VAL D 193 -43.02 20.85 13.24
C VAL D 193 -42.04 21.06 14.40
N GLY D 194 -42.40 20.82 15.66
CA GLY D 194 -43.40 21.53 16.33
C GLY D 194 -42.92 22.94 16.70
N VAL D 195 -43.21 23.83 15.77
CA VAL D 195 -43.21 25.25 15.96
C VAL D 195 -44.59 25.69 16.54
N SER D 196 -44.59 26.48 17.60
CA SER D 196 -45.84 26.98 18.21
C SER D 196 -45.79 28.47 18.41
N LYS D 197 -46.93 29.13 18.27
CA LYS D 197 -47.08 30.53 18.58
C LYS D 197 -47.62 30.61 20.00
N VAL D 198 -47.04 31.43 20.84
CA VAL D 198 -47.43 31.41 22.22
C VAL D 198 -47.89 32.80 22.66
N ALA D 199 -49.02 32.83 23.38
CA ALA D 199 -49.68 34.07 23.82
C ALA D 199 -49.82 34.17 25.34
N ASN D 200 -49.70 33.03 26.06
CA ASN D 200 -49.84 33.01 27.50
C ASN D 200 -49.04 31.92 28.12
N GLU D 201 -49.02 31.88 29.44
CA GLU D 201 -48.22 30.89 30.14
C GLU D 201 -48.55 29.41 29.81
N ALA D 202 -49.81 29.03 29.76
CA ALA D 202 -50.05 27.61 29.53
C ALA D 202 -49.61 27.21 28.14
N GLN D 203 -49.73 28.11 27.18
CA GLN D 203 -49.37 27.81 25.80
C GLN D 203 -47.85 27.60 25.67
N TYR D 204 -47.14 28.44 26.41
CA TYR D 204 -45.72 28.44 26.54
C TYR D 204 -45.25 27.09 27.02
N GLN D 205 -45.74 26.69 28.15
CA GLN D 205 -45.18 25.53 28.79
C GLN D 205 -45.43 24.32 27.90
N GLN D 206 -46.57 24.33 27.23
CA GLN D 206 -46.93 23.26 26.33
C GLN D 206 -46.08 23.29 25.08
N ALA D 207 -45.87 24.48 24.52
CA ALA D 207 -45.01 24.63 23.31
C ALA D 207 -43.55 24.16 23.57
N VAL D 208 -42.97 24.57 24.70
CA VAL D 208 -41.62 24.15 25.09
C VAL D 208 -41.56 22.65 25.19
N ALA D 209 -42.52 22.08 25.92
CA ALA D 209 -42.60 20.62 26.08
C ALA D 209 -42.72 19.93 24.72
N LEU D 210 -43.61 20.37 23.84
CA LEU D 210 -43.65 19.81 22.48
C LEU D 210 -42.27 19.94 21.73
N ALA D 211 -41.67 21.13 21.76
CA ALA D 211 -40.40 21.33 21.00
C ALA D 211 -39.31 20.40 21.52
N PHE D 212 -39.22 20.25 22.83
CA PHE D 212 -38.27 19.30 23.42
C PHE D 212 -38.52 17.85 23.08
N GLU D 213 -39.63 17.48 22.47
CA GLU D 213 -39.74 16.09 22.00
C GLU D 213 -38.98 15.96 20.71
N PHE D 214 -38.72 17.07 20.02
CA PHE D 214 -38.05 17.02 18.71
C PHE D 214 -36.56 17.32 18.69
N ASP D 215 -36.05 17.92 19.75
CA ASP D 215 -34.65 18.27 19.82
C ASP D 215 -34.23 18.49 21.24
N HIS D 216 -32.94 18.58 21.48
CA HIS D 216 -32.39 18.84 22.79
C HIS D 216 -32.27 20.35 23.04
N LYS D 217 -32.65 21.17 22.07
CA LYS D 217 -32.55 22.62 22.22
C LYS D 217 -33.76 23.21 21.61
N VAL D 218 -34.30 24.24 22.24
CA VAL D 218 -35.50 24.82 21.78
C VAL D 218 -35.29 26.30 21.72
N VAL D 219 -35.69 26.92 20.62
CA VAL D 219 -35.52 28.36 20.44
C VAL D 219 -36.83 29.03 20.74
N VAL D 220 -36.77 30.07 21.57
CA VAL D 220 -37.94 30.90 21.91
C VAL D 220 -37.64 32.28 21.40
N GLU D 221 -38.44 32.71 20.42
CA GLU D 221 -38.21 34.02 19.75
C GLU D 221 -39.35 34.97 19.87
N GLN D 222 -39.03 36.26 19.86
CA GLN D 222 -40.01 37.31 19.77
C GLN D 222 -40.74 37.20 18.44
N GLY D 223 -42.05 37.28 18.46
CA GLY D 223 -42.86 37.30 17.24
C GLY D 223 -42.56 38.60 16.47
N ILE D 224 -42.33 38.53 15.17
CA ILE D 224 -42.09 39.73 14.38
C ILE D 224 -43.33 39.89 13.53
N LYS D 225 -43.81 41.09 13.33
CA LYS D 225 -44.95 41.27 12.42
C LYS D 225 -44.44 41.87 11.11
N GLY D 226 -44.86 41.28 10.00
CA GLY D 226 -44.46 41.82 8.70
C GLY D 226 -44.71 40.80 7.64
N ARG D 227 -44.35 41.12 6.41
CA ARG D 227 -44.56 40.20 5.29
C ARG D 227 -43.36 39.27 5.27
N GLU D 228 -43.54 38.14 4.62
CA GLU D 228 -42.51 37.15 4.60
C GLU D 228 -42.00 37.08 3.18
N ILE D 229 -40.75 37.45 3.03
CA ILE D 229 -40.11 37.60 1.72
C ILE D 229 -38.93 36.68 1.61
N GLU D 230 -38.71 36.16 0.43
CA GLU D 230 -37.63 35.23 0.26
C GLU D 230 -36.77 35.61 -0.92
N CYS D 231 -35.53 35.17 -0.91
CA CYS D 231 -34.54 35.60 -1.91
C CYS D 231 -33.57 34.47 -2.20
N ALA D 232 -33.39 34.15 -3.46
CA ALA D 232 -32.48 33.09 -3.88
C ALA D 232 -31.03 33.59 -4.13
N VAL D 233 -30.07 33.03 -3.41
CA VAL D 233 -28.67 33.32 -3.62
C VAL D 233 -28.02 32.18 -4.39
N LEU D 234 -27.16 32.58 -5.34
CA LEU D 234 -26.41 31.68 -6.14
C LEU D 234 -24.94 32.07 -6.20
N GLY D 235 -24.04 31.11 -6.04
CA GLY D 235 -22.65 31.40 -6.22
C GLY D 235 -21.76 30.87 -5.11
N ASN D 236 -20.45 31.08 -5.24
CA ASN D 236 -19.52 30.69 -4.21
C ASN D 236 -18.88 31.87 -3.65
N ASP D 237 -17.86 32.38 -4.32
CA ASP D 237 -17.18 33.54 -3.84
C ASP D 237 -17.84 34.78 -4.30
N ASN D 238 -18.63 34.74 -5.37
CA ASN D 238 -19.28 36.04 -5.71
C ASN D 238 -20.76 35.88 -5.71
N PRO D 239 -21.36 35.73 -4.53
CA PRO D 239 -22.79 35.42 -4.49
C PRO D 239 -23.67 36.50 -5.08
N GLN D 240 -24.63 36.11 -5.91
CA GLN D 240 -25.65 36.96 -6.49
C GLN D 240 -27.04 36.66 -5.92
N ALA D 241 -27.85 37.71 -5.79
CA ALA D 241 -29.22 37.64 -5.24
C ALA D 241 -30.24 37.78 -6.35
N SER D 242 -31.16 36.84 -6.43
CA SER D 242 -32.32 36.97 -7.32
C SER D 242 -33.18 38.15 -6.87
N THR D 243 -34.23 38.42 -7.67
CA THR D 243 -35.34 39.24 -7.21
C THR D 243 -36.02 38.50 -6.06
N CYS D 244 -36.73 39.24 -5.23
CA CYS D 244 -37.40 38.66 -4.08
C CYS D 244 -38.78 38.12 -4.48
N GLY D 245 -39.31 37.23 -3.67
CA GLY D 245 -40.68 36.69 -3.87
C GLY D 245 -41.38 36.75 -2.50
N GLU D 246 -42.74 36.73 -2.50
CA GLU D 246 -43.50 36.78 -1.28
C GLU D 246 -44.17 35.49 -1.05
N ILE D 247 -44.17 35.08 0.20
CA ILE D 247 -44.89 33.93 0.63
C ILE D 247 -45.86 34.41 1.76
N VAL D 248 -47.07 33.83 1.75
CA VAL D 248 -48.09 34.14 2.70
C VAL D 248 -48.48 32.84 3.45
N LEU D 249 -48.20 32.78 4.73
CA LEU D 249 -48.52 31.57 5.51
C LEU D 249 -49.55 32.05 6.54
N ASN D 250 -50.78 31.56 6.44
CA ASN D 250 -51.77 31.91 7.44
C ASN D 250 -51.73 30.87 8.58
N SER D 251 -52.28 31.28 9.73
CA SER D 251 -52.38 30.44 10.90
C SER D 251 -53.50 29.41 10.84
N GLU D 252 -54.24 29.31 9.75
CA GLU D 252 -55.44 28.45 9.76
C GLU D 252 -55.21 26.94 9.69
N PHE D 253 -54.03 26.47 9.37
CA PHE D 253 -53.83 25.02 9.28
C PHE D 253 -52.85 24.48 10.33
N TYR D 260 -46.68 16.72 1.31
CA TYR D 260 -46.35 16.31 -0.06
C TYR D 260 -46.15 17.42 -1.12
N ILE D 261 -46.37 18.66 -0.71
CA ILE D 261 -46.44 19.78 -1.65
C ILE D 261 -45.46 20.83 -1.18
N ASP D 262 -44.58 21.30 -2.07
CA ASP D 262 -43.56 22.27 -1.65
C ASP D 262 -44.29 23.49 -1.02
N ASP D 263 -43.83 23.90 0.15
CA ASP D 263 -44.34 25.11 0.82
C ASP D 263 -45.82 25.02 1.27
N ASN D 264 -46.40 23.84 1.15
CA ASN D 264 -47.60 23.46 1.90
C ASN D 264 -48.99 23.77 1.40
N GLY D 265 -49.27 24.13 0.13
CA GLY D 265 -48.53 25.05 -0.71
C GLY D 265 -49.20 26.40 -0.38
N ALA D 266 -48.60 27.11 0.56
CA ALA D 266 -48.90 28.53 0.78
C ALA D 266 -48.91 29.34 -0.53
N GLN D 267 -49.44 30.54 -0.44
CA GLN D 267 -49.50 31.47 -1.56
C GLN D 267 -48.07 32.01 -1.77
N VAL D 268 -47.60 31.94 -3.00
CA VAL D 268 -46.27 32.38 -3.42
C VAL D 268 -46.47 33.32 -4.61
N VAL D 269 -45.82 34.48 -4.58
CA VAL D 269 -45.91 35.47 -5.66
C VAL D 269 -44.49 35.93 -5.97
N VAL D 270 -44.12 35.82 -7.26
CA VAL D 270 -42.81 36.18 -7.72
C VAL D 270 -42.98 37.01 -8.97
N PRO D 271 -42.41 38.21 -9.01
CA PRO D 271 -41.64 38.88 -7.96
C PRO D 271 -42.58 39.33 -6.86
N ALA D 272 -42.01 39.56 -5.68
CA ALA D 272 -42.67 40.19 -4.55
C ALA D 272 -43.21 41.54 -4.98
N GLN D 273 -44.49 41.84 -4.67
CA GLN D 273 -45.09 43.15 -4.97
C GLN D 273 -44.64 44.13 -3.88
N ILE D 274 -43.38 44.51 -3.93
CA ILE D 274 -42.79 45.43 -2.97
C ILE D 274 -42.02 46.43 -3.78
N PRO D 275 -41.68 47.57 -3.22
CA PRO D 275 -40.90 48.53 -4.03
C PRO D 275 -39.49 48.01 -4.39
N SER D 276 -38.93 48.48 -5.48
CA SER D 276 -37.72 47.88 -6.02
C SER D 276 -36.56 48.22 -5.10
N GLU D 277 -36.67 49.29 -4.35
CA GLU D 277 -35.68 49.64 -3.36
C GLU D 277 -35.70 48.81 -2.08
N VAL D 278 -36.86 48.28 -1.74
CA VAL D 278 -36.99 47.37 -0.64
C VAL D 278 -36.44 46.01 -1.09
N ASN D 279 -36.78 45.59 -2.31
CA ASN D 279 -36.24 44.40 -2.92
C ASN D 279 -34.72 44.42 -2.82
N ASP D 280 -34.09 45.56 -3.17
CA ASP D 280 -32.60 45.60 -3.14
C ASP D 280 -32.02 45.62 -1.72
N LYS D 281 -32.68 46.28 -0.82
CA LYS D 281 -32.28 46.21 0.55
C LYS D 281 -32.27 44.73 0.99
N ILE D 282 -33.30 43.97 0.58
CA ILE D 282 -33.41 42.57 1.09
C ILE D 282 -32.32 41.70 0.41
N ARG D 283 -32.14 41.96 -0.89
CA ARG D 283 -31.18 41.19 -1.65
C ARG D 283 -29.80 41.32 -1.03
N ALA D 284 -29.43 42.55 -0.71
CA ALA D 284 -28.14 42.81 -0.06
C ALA D 284 -28.06 42.09 1.27
N ILE D 285 -29.14 42.07 2.03
CA ILE D 285 -29.11 41.39 3.33
C ILE D 285 -28.97 39.89 3.14
N ALA D 286 -29.64 39.34 2.13
CA ALA D 286 -29.52 37.96 1.77
C ALA D 286 -28.10 37.55 1.51
N ILE D 287 -27.39 38.37 0.77
CA ILE D 287 -26.00 38.07 0.50
C ILE D 287 -25.19 38.09 1.79
N GLN D 288 -25.43 39.05 2.68
CA GLN D 288 -24.68 39.09 3.93
C GLN D 288 -24.89 37.86 4.77
N ALA D 289 -26.16 37.41 4.87
CA ALA D 289 -26.50 36.21 5.61
C ALA D 289 -25.72 35.00 5.04
N TYR D 290 -25.67 34.95 3.73
CA TYR D 290 -25.10 33.82 3.01
C TYR D 290 -23.62 33.73 3.36
N GLN D 291 -22.97 34.89 3.41
CA GLN D 291 -21.55 34.95 3.57
C GLN D 291 -21.28 34.61 5.02
N THR D 292 -22.10 35.13 5.93
CA THR D 292 -21.87 34.96 7.37
C THR D 292 -21.99 33.50 7.73
N LEU D 293 -22.92 32.78 7.09
CA LEU D 293 -23.11 31.34 7.34
C LEU D 293 -22.27 30.41 6.47
N GLY D 294 -21.39 30.95 5.64
CA GLY D 294 -20.44 30.09 4.90
C GLY D 294 -21.09 29.29 3.78
N CYS D 295 -22.27 29.69 3.28
CA CYS D 295 -22.90 28.88 2.24
C CYS D 295 -22.13 28.84 0.93
N ALA D 296 -22.39 27.82 0.13
CA ALA D 296 -21.81 27.71 -1.16
C ALA D 296 -22.88 27.15 -2.07
N GLY D 297 -22.72 27.49 -3.33
CA GLY D 297 -23.61 26.99 -4.38
C GLY D 297 -24.92 27.77 -4.45
N MET D 298 -25.78 27.53 -3.44
CA MET D 298 -27.07 28.17 -3.39
C MET D 298 -27.54 28.25 -1.97
N ALA D 299 -28.50 29.14 -1.74
CA ALA D 299 -29.31 29.04 -0.56
C ALA D 299 -30.51 29.93 -0.79
N ARG D 300 -31.60 29.60 -0.09
CA ARG D 300 -32.76 30.44 0.00
C ARG D 300 -32.82 31.12 1.32
N VAL D 301 -32.88 32.44 1.28
CA VAL D 301 -32.87 33.24 2.51
C VAL D 301 -34.28 33.81 2.71
N ASP D 302 -34.82 33.61 3.88
CA ASP D 302 -36.21 33.97 4.20
C ASP D 302 -36.16 35.01 5.31
N VAL D 303 -36.92 36.10 5.12
CA VAL D 303 -36.92 37.23 6.03
C VAL D 303 -38.32 37.72 6.35
N PHE D 304 -38.41 38.50 7.42
CA PHE D 304 -39.59 39.29 7.68
C PHE D 304 -39.30 40.75 7.34
N LEU D 305 -40.26 41.36 6.67
CA LEU D 305 -40.24 42.74 6.28
C LEU D 305 -41.34 43.42 7.04
N THR D 306 -40.98 44.18 8.05
CA THR D 306 -42.01 44.89 8.86
C THR D 306 -42.55 46.08 8.08
N ALA D 307 -43.61 46.69 8.59
CA ALA D 307 -44.25 47.88 7.99
C ALA D 307 -43.34 49.08 7.90
N ASP D 308 -42.30 49.12 8.70
CA ASP D 308 -41.32 50.22 8.70
C ASP D 308 -40.18 49.92 7.72
N ASN D 309 -40.29 48.82 6.96
CA ASN D 309 -39.22 48.33 6.09
C ASN D 309 -37.92 47.91 6.79
N GLU D 310 -38.01 47.56 8.07
CA GLU D 310 -36.94 46.76 8.71
C GLU D 310 -37.03 45.33 8.17
N VAL D 311 -35.86 44.71 8.06
CA VAL D 311 -35.71 43.40 7.50
C VAL D 311 -35.09 42.51 8.56
N VAL D 312 -35.77 41.42 8.95
CA VAL D 312 -35.32 40.54 10.03
C VAL D 312 -35.17 39.13 9.43
N ILE D 313 -33.96 38.58 9.53
CA ILE D 313 -33.67 37.26 8.93
C ILE D 313 -34.35 36.19 9.72
N ASN D 314 -35.05 35.31 9.03
CA ASN D 314 -35.80 34.26 9.71
C ASN D 314 -35.13 32.94 9.50
N GLU D 315 -34.86 32.53 8.26
CA GLU D 315 -34.23 31.23 8.02
C GLU D 315 -33.48 31.13 6.71
N ILE D 316 -32.33 30.45 6.76
CA ILE D 316 -31.53 30.14 5.56
C ILE D 316 -31.63 28.67 5.28
N ASN D 317 -32.07 28.30 4.08
CA ASN D 317 -32.23 26.91 3.67
C ASN D 317 -31.19 26.55 2.60
N THR D 318 -30.33 25.56 2.90
CA THR D 318 -29.23 25.19 1.96
C THR D 318 -29.65 24.27 0.81
N LEU D 319 -30.77 23.58 0.92
CA LEU D 319 -31.22 22.76 -0.22
C LEU D 319 -32.72 23.01 -0.35
N PRO D 320 -33.08 24.18 -0.85
CA PRO D 320 -34.49 24.55 -0.96
C PRO D 320 -35.21 23.69 -1.97
N GLY D 321 -36.53 23.69 -1.87
CA GLY D 321 -37.40 23.03 -2.82
C GLY D 321 -37.02 23.40 -4.24
N PHE D 322 -37.03 22.43 -5.14
CA PHE D 322 -36.51 22.65 -6.44
C PHE D 322 -37.46 22.06 -7.50
N THR D 323 -38.75 21.98 -7.18
CA THR D 323 -39.73 21.56 -8.16
C THR D 323 -39.87 22.69 -9.19
N ASN D 324 -40.61 22.39 -10.27
CA ASN D 324 -40.85 23.29 -11.45
C ASN D 324 -41.62 24.57 -11.09
N ILE D 325 -42.15 24.57 -9.89
CA ILE D 325 -42.96 25.61 -9.41
C ILE D 325 -42.42 26.10 -8.03
N SER D 326 -41.24 25.66 -7.56
CA SER D 326 -40.82 26.08 -6.20
C SER D 326 -40.20 27.48 -6.25
N MET D 327 -40.17 28.12 -5.09
CA MET D 327 -39.70 29.48 -4.93
C MET D 327 -38.29 29.68 -5.49
N TYR D 328 -37.34 28.83 -5.08
CA TYR D 328 -35.93 29.06 -5.49
C TYR D 328 -35.76 29.19 -7.03
N PRO D 329 -36.08 28.16 -7.79
CA PRO D 329 -35.94 28.29 -9.24
C PRO D 329 -36.82 29.39 -9.86
N LYS D 330 -38.07 29.50 -9.40
CA LYS D 330 -38.96 30.55 -9.88
C LYS D 330 -38.33 31.91 -9.67
N LEU D 331 -37.65 32.14 -8.55
CA LEU D 331 -37.05 33.46 -8.31
C LEU D 331 -35.99 33.75 -9.36
N TRP D 332 -35.22 32.73 -9.72
CA TRP D 332 -34.17 32.94 -10.73
C TRP D 332 -34.82 33.14 -12.12
N GLN D 333 -35.87 32.42 -12.41
CA GLN D 333 -36.52 32.55 -13.70
C GLN D 333 -37.01 33.98 -13.89
N ALA D 334 -37.45 34.59 -12.79
CA ALA D 334 -37.95 35.96 -12.82
C ALA D 334 -36.76 36.88 -12.86
N SER D 335 -35.55 36.37 -12.64
CA SER D 335 -34.41 37.25 -12.63
C SER D 335 -33.60 36.93 -13.85
N GLY D 336 -34.18 36.34 -14.87
CA GLY D 336 -33.42 36.11 -16.10
C GLY D 336 -32.59 34.85 -16.21
N LEU D 337 -32.69 33.94 -15.23
CA LEU D 337 -31.96 32.67 -15.31
C LEU D 337 -32.95 31.50 -15.29
N GLY D 338 -33.05 30.83 -16.43
CA GLY D 338 -33.95 29.73 -16.61
C GLY D 338 -33.51 28.51 -15.85
N TYR D 339 -34.43 27.58 -15.77
CA TYR D 339 -34.29 26.41 -14.92
C TYR D 339 -33.12 25.51 -15.38
N THR D 340 -33.01 25.28 -16.69
CA THR D 340 -31.93 24.44 -17.26
C THR D 340 -30.61 25.08 -17.00
N ASP D 341 -30.55 26.38 -17.26
CA ASP D 341 -29.33 27.13 -17.01
C ASP D 341 -28.99 27.27 -15.52
N LEU D 342 -29.98 27.32 -14.64
CA LEU D 342 -29.69 27.34 -13.21
C LEU D 342 -29.04 25.99 -12.81
N ILE D 343 -29.55 24.90 -13.33
CA ILE D 343 -29.01 23.63 -12.96
C ILE D 343 -27.56 23.53 -13.41
N SER D 344 -27.28 23.91 -14.65
CA SER D 344 -25.93 23.89 -15.09
C SER D 344 -25.00 24.74 -14.25
N ARG D 345 -25.45 25.91 -13.87
CA ARG D 345 -24.57 26.82 -13.16
C ARG D 345 -24.27 26.19 -11.81
N LEU D 346 -25.26 25.49 -11.22
CA LEU D 346 -25.00 24.88 -9.92
C LEU D 346 -23.89 23.82 -10.02
N ILE D 347 -23.91 23.07 -11.10
CA ILE D 347 -22.98 22.03 -11.32
C ILE D 347 -21.59 22.63 -11.57
N GLU D 348 -21.51 23.67 -12.37
CA GLU D 348 -20.22 24.37 -12.60
C GLU D 348 -19.70 24.91 -11.30
N LEU D 349 -20.57 25.45 -10.46
CA LEU D 349 -20.04 26.00 -9.21
C LEU D 349 -19.45 24.92 -8.34
N ALA D 350 -20.10 23.79 -8.35
CA ALA D 350 -19.65 22.64 -7.58
C ALA D 350 -18.26 22.17 -8.03
N LEU D 351 -18.05 22.09 -9.31
CA LEU D 351 -16.77 21.61 -9.87
C LEU D 351 -15.67 22.66 -9.64
N GLU D 352 -16.03 23.95 -9.71
CA GLU D 352 -15.08 25.03 -9.33
C GLU D 352 -14.68 24.92 -7.87
N ARG D 353 -15.60 24.73 -6.95
CA ARG D 353 -15.23 24.64 -5.56
C ARG D 353 -14.38 23.41 -5.32
N HIS D 354 -14.74 22.32 -5.93
CA HIS D 354 -13.91 21.11 -5.84
C HIS D 354 -12.45 21.35 -6.32
N THR D 355 -12.30 22.02 -7.42
CA THR D 355 -10.97 22.37 -7.93
C THR D 355 -10.22 23.24 -6.92
N ALA D 356 -10.92 24.18 -6.31
CA ALA D 356 -10.28 25.08 -5.37
C ALA D 356 -9.83 24.29 -4.13
N ASN D 357 -10.67 23.39 -3.67
CA ASN D 357 -10.32 22.61 -2.50
C ASN D 357 -9.19 21.67 -2.76
N ASN D 358 -9.24 20.99 -3.89
CA ASN D 358 -8.15 20.08 -4.21
C ASN D 358 -6.76 20.72 -4.41
N ALA D 359 -6.72 21.96 -4.87
CA ALA D 359 -5.45 22.65 -5.10
C ALA D 359 -4.76 22.91 -3.79
N LEU D 360 -5.48 22.87 -2.66
CA LEU D 360 -4.91 23.27 -1.38
C LEU D 360 -3.81 22.34 -0.85
N LYS D 361 -2.81 22.88 -0.18
CA LYS D 361 -1.76 22.03 0.43
C LYS D 361 -2.30 21.33 1.67
N THR D 362 -1.69 20.20 2.03
CA THR D 362 -1.79 19.60 3.37
C THR D 362 -0.39 19.25 3.94
N THR D 363 0.32 18.36 3.25
CA THR D 363 1.75 18.02 3.58
C THR D 363 1.81 17.35 4.93
PB ADP E . 29.15 -33.43 0.41
O1B ADP E . 30.12 -34.35 -0.38
O2B ADP E . 29.69 -32.55 1.49
O3B ADP E . 28.16 -32.73 -0.53
PA ADP E . 27.38 -35.67 0.82
O1A ADP E . 28.15 -36.23 -0.38
O2A ADP E . 25.87 -35.49 0.86
O3A ADP E . 28.07 -34.27 1.28
O5' ADP E . 27.78 -36.56 2.13
C5' ADP E . 29.16 -36.75 2.51
C4' ADP E . 29.32 -38.27 2.79
O4' ADP E . 28.44 -38.66 3.82
C3' ADP E . 28.92 -39.15 1.60
O3' ADP E . 29.96 -39.26 0.67
C2' ADP E . 28.51 -40.48 2.24
O2' ADP E . 29.58 -41.38 2.61
C1' ADP E . 27.87 -39.97 3.52
N9 ADP E . 26.41 -39.89 3.33
C8 ADP E . 25.69 -38.77 3.16
N7 ADP E . 24.36 -39.03 3.07
C5 ADP E . 24.23 -40.37 3.23
C6 ADP E . 23.12 -41.29 3.23
N6 ADP E . 21.86 -40.80 3.02
N1 ADP E . 23.40 -42.63 3.40
C2 ADP E . 24.65 -43.07 3.56
N3 ADP E . 25.71 -42.25 3.57
C4 ADP E . 25.57 -40.94 3.38
PB ADP F . 4.66 -14.67 -19.80
O1B ADP F . 3.80 -13.49 -19.31
O2B ADP F . 5.61 -14.52 -20.97
O3B ADP F . 5.35 -15.41 -18.65
PA ADP F . 2.33 -16.35 -19.78
O1A ADP F . 1.65 -15.39 -18.79
O2A ADP F . 2.71 -17.73 -19.30
O3A ADP F . 3.60 -15.70 -20.53
O5' ADP F . 1.35 -16.44 -21.03
C5' ADP F . 0.71 -15.25 -21.54
C4' ADP F . -0.82 -15.37 -21.41
O4' ADP F . -1.38 -16.45 -22.19
C3' ADP F . -1.30 -15.66 -20.00
O3' ADP F . -1.31 -14.49 -19.19
C2' ADP F . -2.67 -16.23 -20.27
O2' ADP F . -3.50 -15.15 -20.62
C1' ADP F . -2.48 -17.08 -21.49
N9 ADP F . -2.08 -18.46 -21.14
C8 ADP F . -0.81 -18.91 -21.08
N7 ADP F . -0.75 -20.22 -20.71
C5 ADP F . -2.03 -20.59 -20.57
C6 ADP F . -2.67 -21.85 -20.23
N6 ADP F . -1.85 -22.91 -19.98
N1 ADP F . -4.01 -21.89 -20.18
C2 ADP F . -4.77 -20.80 -20.44
N3 ADP F . -4.24 -19.62 -20.79
C4 ADP F . -2.89 -19.45 -20.85
PB ADP G . -2.42 24.55 16.70
O1B ADP G . -2.85 24.34 18.16
O2B ADP G . -0.97 24.13 16.43
O3B ADP G . -3.45 24.08 15.68
PA ADP G . -2.34 27.38 17.33
O1A ADP G . -2.39 26.85 18.76
O2A ADP G . -3.43 28.32 16.87
O3A ADP G . -2.36 26.13 16.30
O5' ADP G . -0.85 27.97 17.11
C5' ADP G . 0.27 27.22 17.57
C4' ADP G . 1.02 27.87 18.76
O4' ADP G . 1.33 29.25 18.49
C3' ADP G . 0.30 27.91 20.09
O3' ADP G . 0.71 26.81 20.89
C2' ADP G . 0.81 29.15 20.73
O2' ADP G . 2.08 28.91 21.29
C1' ADP G . 1.13 30.07 19.63
N9 ADP G . 0.05 31.01 19.35
C8 ADP G . -0.85 30.89 18.35
N7 ADP G . -1.66 31.98 18.35
C5 ADP G . -1.24 32.80 19.33
C6 ADP G . -1.64 34.10 19.87
N6 ADP G . -2.68 34.76 19.32
N1 ADP G . -0.94 34.63 20.91
C2 ADP G . 0.09 33.97 21.45
N3 ADP G . 0.49 32.75 21.01
C4 ADP G . -0.11 32.14 19.98
PB ADP H . -39.35 26.08 9.70
O1B ADP H . -39.71 26.78 8.35
O2B ADP H . -40.02 24.82 10.25
O3B ADP H . -37.86 25.94 9.74
PA ADP H . -39.68 28.72 10.84
O1A ADP H . -39.59 29.22 9.45
O2A ADP H . -38.75 29.10 11.97
O3A ADP H . -39.72 27.07 10.92
O5' ADP H . -41.22 29.03 11.26
C5' ADP H . -42.28 28.62 10.41
C4' ADP H . -43.23 29.83 10.31
O4' ADP H . -43.61 30.29 11.63
C3' ADP H . -42.59 31.08 9.64
O3' ADP H . -42.50 31.00 8.21
C2' ADP H . -43.51 32.18 10.16
O2' ADP H . -44.69 32.24 9.31
C1' ADP H . -43.74 31.74 11.62
N9 ADP H . -42.68 32.29 12.53
C8 ADP H . -41.58 31.65 13.04
N7 ADP H . -40.85 32.49 13.85
C5 ADP H . -41.49 33.67 13.89
C6 ADP H . -41.28 34.98 14.56
N6 ADP H . -40.21 35.20 15.36
N1 ADP H . -42.19 35.95 14.33
C2 ADP H . -43.27 35.76 13.52
N3 ADP H . -43.52 34.59 12.89
C4 ADP H . -42.68 33.54 13.02
#